data_3BS5
# 
_entry.id   3BS5 
# 
_audit_conform.dict_name       mmcif_pdbx.dic 
_audit_conform.dict_version    5.398 
_audit_conform.dict_location   http://mmcif.pdb.org/dictionaries/ascii/mmcif_pdbx.dic 
# 
loop_
_database_2.database_id 
_database_2.database_code 
_database_2.pdbx_database_accession 
_database_2.pdbx_DOI 
PDB   3BS5         pdb_00003bs5 10.2210/pdb3bs5/pdb 
RCSB  RCSB045900   ?            ?                   
WWPDB D_1000045900 ?            ?                   
# 
loop_
_pdbx_audit_revision_history.ordinal 
_pdbx_audit_revision_history.data_content_type 
_pdbx_audit_revision_history.major_revision 
_pdbx_audit_revision_history.minor_revision 
_pdbx_audit_revision_history.revision_date 
1 'Structure model' 1 0 2008-02-26 
2 'Structure model' 1 1 2011-07-13 
3 'Structure model' 1 2 2024-11-06 
# 
_pdbx_audit_revision_details.ordinal             1 
_pdbx_audit_revision_details.revision_ordinal    1 
_pdbx_audit_revision_details.data_content_type   'Structure model' 
_pdbx_audit_revision_details.provider            repository 
_pdbx_audit_revision_details.type                'Initial release' 
_pdbx_audit_revision_details.description         ? 
_pdbx_audit_revision_details.details             ? 
# 
loop_
_pdbx_audit_revision_group.ordinal 
_pdbx_audit_revision_group.revision_ordinal 
_pdbx_audit_revision_group.data_content_type 
_pdbx_audit_revision_group.group 
1 2 'Structure model' 'Version format compliance' 
2 3 'Structure model' 'Data collection'           
3 3 'Structure model' 'Database references'       
4 3 'Structure model' 'Derived calculations'      
5 3 'Structure model' 'Structure summary'         
# 
loop_
_pdbx_audit_revision_category.ordinal 
_pdbx_audit_revision_category.revision_ordinal 
_pdbx_audit_revision_category.data_content_type 
_pdbx_audit_revision_category.category 
1 3 'Structure model' chem_comp_atom            
2 3 'Structure model' chem_comp_bond            
3 3 'Structure model' database_2                
4 3 'Structure model' pdbx_entry_details        
5 3 'Structure model' pdbx_modification_feature 
6 3 'Structure model' struct_conn               
# 
loop_
_pdbx_audit_revision_item.ordinal 
_pdbx_audit_revision_item.revision_ordinal 
_pdbx_audit_revision_item.data_content_type 
_pdbx_audit_revision_item.item 
1 3 'Structure model' '_database_2.pdbx_DOI'                
2 3 'Structure model' '_database_2.pdbx_database_accession' 
3 3 'Structure model' '_struct_conn.pdbx_leaving_atom_flag' 
# 
_pdbx_database_status.entry_id                        3BS5 
_pdbx_database_status.deposit_site                    RCSB 
_pdbx_database_status.process_site                    RCSB 
_pdbx_database_status.recvd_initial_deposition_date   2007-12-22 
_pdbx_database_status.status_code                     REL 
_pdbx_database_status.status_code_sf                  REL 
_pdbx_database_status.status_code_mr                  ? 
_pdbx_database_status.SG_entry                        ? 
_pdbx_database_status.pdb_format_compatible           Y 
_pdbx_database_status.status_code_cs                  ? 
_pdbx_database_status.status_code_nmr_data            ? 
_pdbx_database_status.methods_development_category    ? 
# 
_pdbx_database_related.db_name        PDB 
_pdbx_database_related.db_id          3BS7 
_pdbx_database_related.details        
;Crystal structure of the Sterile Alpha Motif (SAM) 
domain of Hyphen/Aveugle
;
_pdbx_database_related.content_type   unspecified 
# 
loop_
_audit_author.name 
_audit_author.pdbx_ordinal 
'Rajakulendran, T.' 1 
'Ceccarelli, D.F.'  2 
'Kurinov, I.'       3 
'Sicheri, F.'       4 
# 
_citation.id                        primary 
_citation.title                     'CNK and HYP form a discrete dimer by their SAM domains to mediate RAF kinase signaling.' 
_citation.journal_abbrev            Proc.Natl.Acad.Sci.USA 
_citation.journal_volume            105 
_citation.page_first                2836 
_citation.page_last                 2841 
_citation.year                      2008 
_citation.journal_id_ASTM           PNASA6 
_citation.country                   US 
_citation.journal_id_ISSN           0027-8424 
_citation.journal_id_CSD            0040 
_citation.book_publisher            ? 
_citation.pdbx_database_id_PubMed   18287031 
_citation.pdbx_database_id_DOI      10.1073/pnas.0709705105 
# 
loop_
_citation_author.citation_id 
_citation_author.name 
_citation_author.ordinal 
_citation_author.identifier_ORCID 
primary 'Rajakulendran, T.' 1 ? 
primary 'Sahmi, M.'         2 ? 
primary 'Kurinov, I.'       3 ? 
primary 'Tyers, M.'         4 ? 
primary 'Therrien, M.'      5 ? 
primary 'Sicheri, F.'       6 ? 
# 
loop_
_entity.id 
_entity.type 
_entity.src_method 
_entity.pdbx_description 
_entity.formula_weight 
_entity.pdbx_number_of_molecules 
_entity.pdbx_ec 
_entity.pdbx_mutation 
_entity.pdbx_fragment 
_entity.details 
1 polymer man 'Protein aveugle'                                  12991.161 1  ? ? ?                               ? 
2 polymer man 'Connector enhancer of kinase suppressor of ras 2' 9333.226  1  ? ? 'SAM domain, UNP residues 5-84' ? 
3 water   nat water                                              18.015    82 ? ? ?                               ? 
# 
_entity_name_com.entity_id   2 
_entity_name_com.name        'Connector enhancer of KSR2, CNK2' 
# 
loop_
_entity_poly.entity_id 
_entity_poly.type 
_entity_poly.nstd_linkage 
_entity_poly.nstd_monomer 
_entity_poly.pdbx_seq_one_letter_code 
_entity_poly.pdbx_seq_one_letter_code_can 
_entity_poly.pdbx_strand_id 
_entity_poly.pdbx_target_identifier 
1 'polypeptide(L)' no yes 
;(MSE)GEETINSTQNKTRTKTTRPKAVYLWTVSDVLKWYRRHCGEYTQYEQLFAQHDITGRALLRITDSSLQR(MSE)GV
TDNRDREAIWREIVKQRLKTDI(MSE)EIRD(MSE)ERLNIY
;
;MGEETINSTQNKTRTKTTRPKAVYLWTVSDVLKWYRRHCGEYTQYEQLFAQHDITGRALLRITDSSLQRMGVTDNRDREA
IWREIVKQRLKTDIMEIRDMERLNIY
;
A ? 
2 'polypeptide(L)' no yes 
;(MSE)EPVSKWSPSQVVDW(MSE)KGLDDCLQQYIKNFEREKISGDQLLRITHQELEDLGVSRIGHQELILEAVDLLCAL
NYGLETEN
;
MEPVSKWSPSQVVDWMKGLDDCLQQYIKNFEREKISGDQLLRITHQELEDLGVSRIGHQELILEAVDLLCALNYGLETEN                              B ? 
# 
_pdbx_entity_nonpoly.entity_id   3 
_pdbx_entity_nonpoly.name        water 
_pdbx_entity_nonpoly.comp_id     HOH 
# 
loop_
_entity_poly_seq.entity_id 
_entity_poly_seq.num 
_entity_poly_seq.mon_id 
_entity_poly_seq.hetero 
1 1   MSE n 
1 2   GLY n 
1 3   GLU n 
1 4   GLU n 
1 5   THR n 
1 6   ILE n 
1 7   ASN n 
1 8   SER n 
1 9   THR n 
1 10  GLN n 
1 11  ASN n 
1 12  LYS n 
1 13  THR n 
1 14  ARG n 
1 15  THR n 
1 16  LYS n 
1 17  THR n 
1 18  THR n 
1 19  ARG n 
1 20  PRO n 
1 21  LYS n 
1 22  ALA n 
1 23  VAL n 
1 24  TYR n 
1 25  LEU n 
1 26  TRP n 
1 27  THR n 
1 28  VAL n 
1 29  SER n 
1 30  ASP n 
1 31  VAL n 
1 32  LEU n 
1 33  LYS n 
1 34  TRP n 
1 35  TYR n 
1 36  ARG n 
1 37  ARG n 
1 38  HIS n 
1 39  CYS n 
1 40  GLY n 
1 41  GLU n 
1 42  TYR n 
1 43  THR n 
1 44  GLN n 
1 45  TYR n 
1 46  GLU n 
1 47  GLN n 
1 48  LEU n 
1 49  PHE n 
1 50  ALA n 
1 51  GLN n 
1 52  HIS n 
1 53  ASP n 
1 54  ILE n 
1 55  THR n 
1 56  GLY n 
1 57  ARG n 
1 58  ALA n 
1 59  LEU n 
1 60  LEU n 
1 61  ARG n 
1 62  ILE n 
1 63  THR n 
1 64  ASP n 
1 65  SER n 
1 66  SER n 
1 67  LEU n 
1 68  GLN n 
1 69  ARG n 
1 70  MSE n 
1 71  GLY n 
1 72  VAL n 
1 73  THR n 
1 74  ASP n 
1 75  ASN n 
1 76  ARG n 
1 77  ASP n 
1 78  ARG n 
1 79  GLU n 
1 80  ALA n 
1 81  ILE n 
1 82  TRP n 
1 83  ARG n 
1 84  GLU n 
1 85  ILE n 
1 86  VAL n 
1 87  LYS n 
1 88  GLN n 
1 89  ARG n 
1 90  LEU n 
1 91  LYS n 
1 92  THR n 
1 93  ASP n 
1 94  ILE n 
1 95  MSE n 
1 96  GLU n 
1 97  ILE n 
1 98  ARG n 
1 99  ASP n 
1 100 MSE n 
1 101 GLU n 
1 102 ARG n 
1 103 LEU n 
1 104 ASN n 
1 105 ILE n 
1 106 TYR n 
2 1   MSE n 
2 2   GLU n 
2 3   PRO n 
2 4   VAL n 
2 5   SER n 
2 6   LYS n 
2 7   TRP n 
2 8   SER n 
2 9   PRO n 
2 10  SER n 
2 11  GLN n 
2 12  VAL n 
2 13  VAL n 
2 14  ASP n 
2 15  TRP n 
2 16  MSE n 
2 17  LYS n 
2 18  GLY n 
2 19  LEU n 
2 20  ASP n 
2 21  ASP n 
2 22  CYS n 
2 23  LEU n 
2 24  GLN n 
2 25  GLN n 
2 26  TYR n 
2 27  ILE n 
2 28  LYS n 
2 29  ASN n 
2 30  PHE n 
2 31  GLU n 
2 32  ARG n 
2 33  GLU n 
2 34  LYS n 
2 35  ILE n 
2 36  SER n 
2 37  GLY n 
2 38  ASP n 
2 39  GLN n 
2 40  LEU n 
2 41  LEU n 
2 42  ARG n 
2 43  ILE n 
2 44  THR n 
2 45  HIS n 
2 46  GLN n 
2 47  GLU n 
2 48  LEU n 
2 49  GLU n 
2 50  ASP n 
2 51  LEU n 
2 52  GLY n 
2 53  VAL n 
2 54  SER n 
2 55  ARG n 
2 56  ILE n 
2 57  GLY n 
2 58  HIS n 
2 59  GLN n 
2 60  GLU n 
2 61  LEU n 
2 62  ILE n 
2 63  LEU n 
2 64  GLU n 
2 65  ALA n 
2 66  VAL n 
2 67  ASP n 
2 68  LEU n 
2 69  LEU n 
2 70  CYS n 
2 71  ALA n 
2 72  LEU n 
2 73  ASN n 
2 74  TYR n 
2 75  GLY n 
2 76  LEU n 
2 77  GLU n 
2 78  THR n 
2 79  GLU n 
2 80  ASN n 
# 
loop_
_entity_src_gen.entity_id 
_entity_src_gen.pdbx_src_id 
_entity_src_gen.pdbx_alt_source_flag 
_entity_src_gen.pdbx_seq_type 
_entity_src_gen.pdbx_beg_seq_num 
_entity_src_gen.pdbx_end_seq_num 
_entity_src_gen.gene_src_common_name 
_entity_src_gen.gene_src_genus 
_entity_src_gen.pdbx_gene_src_gene 
_entity_src_gen.gene_src_species 
_entity_src_gen.gene_src_strain 
_entity_src_gen.gene_src_tissue 
_entity_src_gen.gene_src_tissue_fraction 
_entity_src_gen.gene_src_details 
_entity_src_gen.pdbx_gene_src_fragment 
_entity_src_gen.pdbx_gene_src_scientific_name 
_entity_src_gen.pdbx_gene_src_ncbi_taxonomy_id 
_entity_src_gen.pdbx_gene_src_variant 
_entity_src_gen.pdbx_gene_src_cell_line 
_entity_src_gen.pdbx_gene_src_atcc 
_entity_src_gen.pdbx_gene_src_organ 
_entity_src_gen.pdbx_gene_src_organelle 
_entity_src_gen.pdbx_gene_src_cell 
_entity_src_gen.pdbx_gene_src_cellular_location 
_entity_src_gen.host_org_common_name 
_entity_src_gen.pdbx_host_org_scientific_name 
_entity_src_gen.pdbx_host_org_ncbi_taxonomy_id 
_entity_src_gen.host_org_genus 
_entity_src_gen.pdbx_host_org_gene 
_entity_src_gen.pdbx_host_org_organ 
_entity_src_gen.host_org_species 
_entity_src_gen.pdbx_host_org_tissue 
_entity_src_gen.pdbx_host_org_tissue_fraction 
_entity_src_gen.pdbx_host_org_strain 
_entity_src_gen.pdbx_host_org_variant 
_entity_src_gen.pdbx_host_org_cell_line 
_entity_src_gen.pdbx_host_org_atcc 
_entity_src_gen.pdbx_host_org_culture_collection 
_entity_src_gen.pdbx_host_org_cell 
_entity_src_gen.pdbx_host_org_organelle 
_entity_src_gen.pdbx_host_org_cellular_location 
_entity_src_gen.pdbx_host_org_vector_type 
_entity_src_gen.pdbx_host_org_vector 
_entity_src_gen.host_org_details 
_entity_src_gen.expression_system_id 
_entity_src_gen.plasmid_name 
_entity_src_gen.plasmid_details 
_entity_src_gen.pdbx_description 
1 1 sample ? ? ? 'fruit fly' Drosophila ave                            ? ? ? ? ? ? 'Drosophila melanogaster' 7227 ? ? ? ? ? ? ? ? 
'Escherichia coli' 562 Escherichia ? ? ? ? ? ? ? ? ? ? ? ? ? ? ? ? ? ? ? ? 
2 1 sample ? ? ? human       Homo       'CNKSR2, CNK2, KIAA0902, KSR2' ? ? ? ? ? ? 'Homo sapiens'            9606 ? ? ? ? ? ? ? ? 
'Escherichia coli' 562 Escherichia ? ? ? ? ? ? ? ? ? ? ? ? ? ? ? ? ? ? ? ? 
# 
loop_
_chem_comp.id 
_chem_comp.type 
_chem_comp.mon_nstd_flag 
_chem_comp.name 
_chem_comp.pdbx_synonyms 
_chem_comp.formula 
_chem_comp.formula_weight 
ALA 'L-peptide linking' y ALANINE          ? 'C3 H7 N O2'     89.093  
ARG 'L-peptide linking' y ARGININE         ? 'C6 H15 N4 O2 1' 175.209 
ASN 'L-peptide linking' y ASPARAGINE       ? 'C4 H8 N2 O3'    132.118 
ASP 'L-peptide linking' y 'ASPARTIC ACID'  ? 'C4 H7 N O4'     133.103 
CYS 'L-peptide linking' y CYSTEINE         ? 'C3 H7 N O2 S'   121.158 
GLN 'L-peptide linking' y GLUTAMINE        ? 'C5 H10 N2 O3'   146.144 
GLU 'L-peptide linking' y 'GLUTAMIC ACID'  ? 'C5 H9 N O4'     147.129 
GLY 'peptide linking'   y GLYCINE          ? 'C2 H5 N O2'     75.067  
HIS 'L-peptide linking' y HISTIDINE        ? 'C6 H10 N3 O2 1' 156.162 
HOH non-polymer         . WATER            ? 'H2 O'           18.015  
ILE 'L-peptide linking' y ISOLEUCINE       ? 'C6 H13 N O2'    131.173 
LEU 'L-peptide linking' y LEUCINE          ? 'C6 H13 N O2'    131.173 
LYS 'L-peptide linking' y LYSINE           ? 'C6 H15 N2 O2 1' 147.195 
MSE 'L-peptide linking' n SELENOMETHIONINE ? 'C5 H11 N O2 Se' 196.106 
PHE 'L-peptide linking' y PHENYLALANINE    ? 'C9 H11 N O2'    165.189 
PRO 'L-peptide linking' y PROLINE          ? 'C5 H9 N O2'     115.130 
SER 'L-peptide linking' y SERINE           ? 'C3 H7 N O3'     105.093 
THR 'L-peptide linking' y THREONINE        ? 'C4 H9 N O3'     119.119 
TRP 'L-peptide linking' y TRYPTOPHAN       ? 'C11 H12 N2 O2'  204.225 
TYR 'L-peptide linking' y TYROSINE         ? 'C9 H11 N O3'    181.189 
VAL 'L-peptide linking' y VALINE           ? 'C5 H11 N O2'    117.146 
# 
loop_
_pdbx_poly_seq_scheme.asym_id 
_pdbx_poly_seq_scheme.entity_id 
_pdbx_poly_seq_scheme.seq_id 
_pdbx_poly_seq_scheme.mon_id 
_pdbx_poly_seq_scheme.ndb_seq_num 
_pdbx_poly_seq_scheme.pdb_seq_num 
_pdbx_poly_seq_scheme.auth_seq_num 
_pdbx_poly_seq_scheme.pdb_mon_id 
_pdbx_poly_seq_scheme.auth_mon_id 
_pdbx_poly_seq_scheme.pdb_strand_id 
_pdbx_poly_seq_scheme.pdb_ins_code 
_pdbx_poly_seq_scheme.hetero 
A 1 1   MSE 1   1   ?   ?   ?   A . n 
A 1 2   GLY 2   2   ?   ?   ?   A . n 
A 1 3   GLU 3   3   ?   ?   ?   A . n 
A 1 4   GLU 4   4   ?   ?   ?   A . n 
A 1 5   THR 5   5   ?   ?   ?   A . n 
A 1 6   ILE 6   6   ?   ?   ?   A . n 
A 1 7   ASN 7   7   ?   ?   ?   A . n 
A 1 8   SER 8   8   ?   ?   ?   A . n 
A 1 9   THR 9   9   ?   ?   ?   A . n 
A 1 10  GLN 10  10  ?   ?   ?   A . n 
A 1 11  ASN 11  11  ?   ?   ?   A . n 
A 1 12  LYS 12  12  ?   ?   ?   A . n 
A 1 13  THR 13  13  ?   ?   ?   A . n 
A 1 14  ARG 14  14  ?   ?   ?   A . n 
A 1 15  THR 15  15  ?   ?   ?   A . n 
A 1 16  LYS 16  16  ?   ?   ?   A . n 
A 1 17  THR 17  17  ?   ?   ?   A . n 
A 1 18  THR 18  18  ?   ?   ?   A . n 
A 1 19  ARG 19  19  ?   ?   ?   A . n 
A 1 20  PRO 20  20  20  PRO ALA A . n 
A 1 21  LYS 21  21  21  LYS LYS A . n 
A 1 22  ALA 22  22  22  ALA ALA A . n 
A 1 23  VAL 23  23  23  VAL VAL A . n 
A 1 24  TYR 24  24  24  TYR ALA A . n 
A 1 25  LEU 25  25  25  LEU LEU A . n 
A 1 26  TRP 26  26  26  TRP TRP A . n 
A 1 27  THR 27  27  27  THR THR A . n 
A 1 28  VAL 28  28  28  VAL VAL A . n 
A 1 29  SER 29  29  29  SER SER A . n 
A 1 30  ASP 30  30  30  ASP ASP A . n 
A 1 31  VAL 31  31  31  VAL VAL A . n 
A 1 32  LEU 32  32  32  LEU LEU A . n 
A 1 33  LYS 33  33  33  LYS LYS A . n 
A 1 34  TRP 34  34  34  TRP TRP A . n 
A 1 35  TYR 35  35  35  TYR TYR A . n 
A 1 36  ARG 36  36  36  ARG ARG A . n 
A 1 37  ARG 37  37  37  ARG ARG A . n 
A 1 38  HIS 38  38  38  HIS HIS A . n 
A 1 39  CYS 39  39  39  CYS CYS A . n 
A 1 40  GLY 40  40  40  GLY GLY A . n 
A 1 41  GLU 41  41  41  GLU ALA A . n 
A 1 42  TYR 42  42  42  TYR TYR A . n 
A 1 43  THR 43  43  43  THR THR A . n 
A 1 44  GLN 44  44  44  GLN GLN A . n 
A 1 45  TYR 45  45  45  TYR TYR A . n 
A 1 46  GLU 46  46  46  GLU GLU A . n 
A 1 47  GLN 47  47  47  GLN GLN A . n 
A 1 48  LEU 48  48  48  LEU LEU A . n 
A 1 49  PHE 49  49  49  PHE PHE A . n 
A 1 50  ALA 50  50  50  ALA ALA A . n 
A 1 51  GLN 51  51  51  GLN GLN A . n 
A 1 52  HIS 52  52  52  HIS HIS A . n 
A 1 53  ASP 53  53  53  ASP ASP A . n 
A 1 54  ILE 54  54  54  ILE ILE A . n 
A 1 55  THR 55  55  55  THR THR A . n 
A 1 56  GLY 56  56  56  GLY GLY A . n 
A 1 57  ARG 57  57  57  ARG ARG A . n 
A 1 58  ALA 58  58  58  ALA ALA A . n 
A 1 59  LEU 59  59  59  LEU LEU A . n 
A 1 60  LEU 60  60  60  LEU LEU A . n 
A 1 61  ARG 61  61  61  ARG ARG A . n 
A 1 62  ILE 62  62  62  ILE ILE A . n 
A 1 63  THR 63  63  63  THR THR A . n 
A 1 64  ASP 64  64  64  ASP ASP A . n 
A 1 65  SER 65  65  65  SER SER A . n 
A 1 66  SER 66  66  66  SER SER A . n 
A 1 67  LEU 67  67  67  LEU LEU A . n 
A 1 68  GLN 68  68  68  GLN GLN A . n 
A 1 69  ARG 69  69  69  ARG ARG A . n 
A 1 70  MSE 70  70  70  MSE MSE A . n 
A 1 71  GLY 71  71  71  GLY GLY A . n 
A 1 72  VAL 72  72  72  VAL VAL A . n 
A 1 73  THR 73  73  73  THR THR A . n 
A 1 74  ASP 74  74  74  ASP ASP A . n 
A 1 75  ASN 75  75  75  ASN ASN A . n 
A 1 76  ARG 76  76  76  ARG ARG A . n 
A 1 77  ASP 77  77  77  ASP ASP A . n 
A 1 78  ARG 78  78  78  ARG ARG A . n 
A 1 79  GLU 79  79  79  GLU ALA A . n 
A 1 80  ALA 80  80  80  ALA ALA A . n 
A 1 81  ILE 81  81  81  ILE ILE A . n 
A 1 82  TRP 82  82  82  TRP TRP A . n 
A 1 83  ARG 83  83  83  ARG ARG A . n 
A 1 84  GLU 84  84  84  GLU GLU A . n 
A 1 85  ILE 85  85  85  ILE ILE A . n 
A 1 86  VAL 86  86  86  VAL VAL A . n 
A 1 87  LYS 87  87  87  LYS LYS A . n 
A 1 88  GLN 88  88  88  GLN GLN A . n 
A 1 89  ARG 89  89  89  ARG ARG A . n 
A 1 90  LEU 90  90  90  LEU LEU A . n 
A 1 91  LYS 91  91  91  LYS LYS A . n 
A 1 92  THR 92  92  92  THR THR A . n 
A 1 93  ASP 93  93  93  ASP ASP A . n 
A 1 94  ILE 94  94  94  ILE ILE A . n 
A 1 95  MSE 95  95  95  MSE MSE A . n 
A 1 96  GLU 96  96  96  GLU ALA A . n 
A 1 97  ILE 97  97  97  ILE ILE A . n 
A 1 98  ARG 98  98  98  ARG ARG A . n 
A 1 99  ASP 99  99  99  ASP ASP A . n 
A 1 100 MSE 100 100 100 MSE MSE A . n 
A 1 101 GLU 101 101 101 GLU GLU A . n 
A 1 102 ARG 102 102 102 ARG ARG A . n 
A 1 103 LEU 103 103 103 LEU LEU A . n 
A 1 104 ASN 104 104 104 ASN ASN A . n 
A 1 105 ILE 105 105 105 ILE ILE A . n 
A 1 106 TYR 106 106 ?   ?   ?   A . n 
B 2 1   MSE 1   110 ?   ?   ?   B . n 
B 2 2   GLU 2   111 111 GLU ALA B . n 
B 2 3   PRO 3   112 112 PRO PRO B . n 
B 2 4   VAL 4   113 113 VAL VAL B . n 
B 2 5   SER 5   114 114 SER SER B . n 
B 2 6   LYS 6   115 115 LYS ALA B . n 
B 2 7   TRP 7   116 116 TRP TRP B . n 
B 2 8   SER 8   117 117 SER SER B . n 
B 2 9   PRO 9   118 118 PRO PRO B . n 
B 2 10  SER 10  119 119 SER SER B . n 
B 2 11  GLN 11  120 120 GLN GLN B . n 
B 2 12  VAL 12  121 121 VAL VAL B . n 
B 2 13  VAL 13  122 122 VAL VAL B . n 
B 2 14  ASP 14  123 123 ASP ASP B . n 
B 2 15  TRP 15  124 124 TRP TRP B . n 
B 2 16  MSE 16  125 125 MSE MSE B . n 
B 2 17  LYS 17  126 126 LYS LYS B . n 
B 2 18  GLY 18  127 127 GLY GLY B . n 
B 2 19  LEU 19  128 128 LEU LEU B . n 
B 2 20  ASP 20  129 129 ASP ASP B . n 
B 2 21  ASP 21  130 130 ASP ASP B . n 
B 2 22  CYS 22  131 131 CYS CYS B . n 
B 2 23  LEU 23  132 132 LEU LEU B . n 
B 2 24  GLN 24  133 133 GLN GLN B . n 
B 2 25  GLN 25  134 134 GLN GLN B . n 
B 2 26  TYR 26  135 135 TYR TYR B . n 
B 2 27  ILE 27  136 136 ILE ILE B . n 
B 2 28  LYS 28  137 137 LYS LYS B . n 
B 2 29  ASN 29  138 138 ASN ASN B . n 
B 2 30  PHE 30  139 139 PHE PHE B . n 
B 2 31  GLU 31  140 140 GLU GLU B . n 
B 2 32  ARG 32  141 141 ARG ALA B . n 
B 2 33  GLU 33  142 142 GLU GLU B . n 
B 2 34  LYS 34  143 143 LYS ALA B . n 
B 2 35  ILE 35  144 144 ILE ILE B . n 
B 2 36  SER 36  145 145 SER SER B . n 
B 2 37  GLY 37  146 146 GLY GLY B . n 
B 2 38  ASP 38  147 147 ASP ASP B . n 
B 2 39  GLN 39  148 148 GLN GLN B . n 
B 2 40  LEU 40  149 149 LEU LEU B . n 
B 2 41  LEU 41  150 150 LEU LEU B . n 
B 2 42  ARG 42  151 151 ARG ARG B . n 
B 2 43  ILE 43  152 152 ILE ILE B . n 
B 2 44  THR 44  153 153 THR THR B . n 
B 2 45  HIS 45  154 154 HIS HIS B . n 
B 2 46  GLN 46  155 155 GLN GLN B . n 
B 2 47  GLU 47  156 156 GLU GLU B . n 
B 2 48  LEU 48  157 157 LEU LEU B . n 
B 2 49  GLU 49  158 158 GLU GLU B . n 
B 2 50  ASP 50  159 159 ASP ASP B . n 
B 2 51  LEU 51  160 160 LEU LEU B . n 
B 2 52  GLY 52  161 161 GLY GLY B . n 
B 2 53  VAL 53  162 162 VAL VAL B . n 
B 2 54  SER 54  163 163 SER SER B . n 
B 2 55  ARG 55  164 164 ARG ARG B . n 
B 2 56  ILE 56  165 165 ILE ILE B . n 
B 2 57  GLY 57  166 166 GLY GLY B . n 
B 2 58  HIS 58  167 167 HIS HIS B . n 
B 2 59  GLN 59  168 168 GLN GLN B . n 
B 2 60  GLU 60  169 169 GLU GLU B . n 
B 2 61  LEU 61  170 170 LEU LEU B . n 
B 2 62  ILE 62  171 171 ILE ILE B . n 
B 2 63  LEU 63  172 172 LEU LEU B . n 
B 2 64  GLU 64  173 173 GLU GLU B . n 
B 2 65  ALA 65  174 174 ALA ALA B . n 
B 2 66  VAL 66  175 175 VAL VAL B . n 
B 2 67  ASP 67  176 176 ASP ASP B . n 
B 2 68  LEU 68  177 177 LEU LEU B . n 
B 2 69  LEU 69  178 178 LEU LEU B . n 
B 2 70  CYS 70  179 179 CYS CYS B . n 
B 2 71  ALA 71  180 180 ALA ALA B . n 
B 2 72  LEU 72  181 181 LEU LEU B . n 
B 2 73  ASN 73  182 182 ASN ASN B . n 
B 2 74  TYR 74  183 183 TYR TYR B . n 
B 2 75  GLY 75  184 184 GLY GLY B . n 
B 2 76  LEU 76  185 185 LEU LEU B . n 
B 2 77  GLU 77  186 ?   ?   ?   B . n 
B 2 78  THR 78  187 ?   ?   ?   B . n 
B 2 79  GLU 79  188 ?   ?   ?   B . n 
B 2 80  ASN 80  189 ?   ?   ?   B . n 
# 
loop_
_pdbx_nonpoly_scheme.asym_id 
_pdbx_nonpoly_scheme.entity_id 
_pdbx_nonpoly_scheme.mon_id 
_pdbx_nonpoly_scheme.ndb_seq_num 
_pdbx_nonpoly_scheme.pdb_seq_num 
_pdbx_nonpoly_scheme.auth_seq_num 
_pdbx_nonpoly_scheme.pdb_mon_id 
_pdbx_nonpoly_scheme.auth_mon_id 
_pdbx_nonpoly_scheme.pdb_strand_id 
_pdbx_nonpoly_scheme.pdb_ins_code 
C 3 HOH 1  107 2  HOH HOH A . 
C 3 HOH 2  108 5  HOH HOH A . 
C 3 HOH 3  109 9  HOH HOH A . 
C 3 HOH 4  110 10 HOH HOH A . 
C 3 HOH 5  111 11 HOH HOH A . 
C 3 HOH 6  112 12 HOH HOH A . 
C 3 HOH 7  113 17 HOH HOH A . 
C 3 HOH 8  114 19 HOH HOH A . 
C 3 HOH 9  115 20 HOH HOH A . 
C 3 HOH 10 116 24 HOH HOH A . 
C 3 HOH 11 117 25 HOH HOH A . 
C 3 HOH 12 118 26 HOH HOH A . 
C 3 HOH 13 119 31 HOH HOH A . 
C 3 HOH 14 120 32 HOH HOH A . 
C 3 HOH 15 121 35 HOH HOH A . 
C 3 HOH 16 122 36 HOH HOH A . 
C 3 HOH 17 123 37 HOH HOH A . 
C 3 HOH 18 124 38 HOH HOH A . 
C 3 HOH 19 125 39 HOH HOH A . 
C 3 HOH 20 126 40 HOH HOH A . 
C 3 HOH 21 127 44 HOH HOH A . 
C 3 HOH 22 128 45 HOH HOH A . 
C 3 HOH 23 129 46 HOH HOH A . 
C 3 HOH 24 130 49 HOH HOH A . 
C 3 HOH 25 131 50 HOH HOH A . 
C 3 HOH 26 132 51 HOH HOH A . 
C 3 HOH 27 133 52 HOH HOH A . 
C 3 HOH 28 134 54 HOH HOH A . 
C 3 HOH 29 135 55 HOH HOH A . 
C 3 HOH 30 136 58 HOH HOH A . 
C 3 HOH 31 137 59 HOH HOH A . 
C 3 HOH 32 138 60 HOH HOH A . 
C 3 HOH 33 139 64 HOH HOH A . 
C 3 HOH 34 140 67 HOH HOH A . 
C 3 HOH 35 141 68 HOH HOH A . 
C 3 HOH 36 142 1  HOH HOH A . 
C 3 HOH 37 143 2  HOH HOH A . 
C 3 HOH 38 144 3  HOH HOH A . 
C 3 HOH 39 145 4  HOH HOH A . 
C 3 HOH 40 146 5  HOH HOH A . 
C 3 HOH 41 147 8  HOH HOH A . 
C 3 HOH 42 148 12 HOH HOH A . 
C 3 HOH 43 149 13 HOH HOH A . 
D 3 HOH 1  190 1  HOH HOH B . 
D 3 HOH 2  191 3  HOH HOH B . 
D 3 HOH 3  192 4  HOH HOH B . 
D 3 HOH 4  193 6  HOH HOH B . 
D 3 HOH 5  194 7  HOH HOH B . 
D 3 HOH 6  195 8  HOH HOH B . 
D 3 HOH 7  196 13 HOH HOH B . 
D 3 HOH 8  197 14 HOH HOH B . 
D 3 HOH 9  198 15 HOH HOH B . 
D 3 HOH 10 199 16 HOH HOH B . 
D 3 HOH 11 200 18 HOH HOH B . 
D 3 HOH 12 201 21 HOH HOH B . 
D 3 HOH 13 202 22 HOH HOH B . 
D 3 HOH 14 203 23 HOH HOH B . 
D 3 HOH 15 204 27 HOH HOH B . 
D 3 HOH 16 205 28 HOH HOH B . 
D 3 HOH 17 206 29 HOH HOH B . 
D 3 HOH 18 207 30 HOH HOH B . 
D 3 HOH 19 208 33 HOH HOH B . 
D 3 HOH 20 209 34 HOH HOH B . 
D 3 HOH 21 210 41 HOH HOH B . 
D 3 HOH 22 211 42 HOH HOH B . 
D 3 HOH 23 212 43 HOH HOH B . 
D 3 HOH 24 213 47 HOH HOH B . 
D 3 HOH 25 214 48 HOH HOH B . 
D 3 HOH 26 215 53 HOH HOH B . 
D 3 HOH 27 216 56 HOH HOH B . 
D 3 HOH 28 217 57 HOH HOH B . 
D 3 HOH 29 218 61 HOH HOH B . 
D 3 HOH 30 219 62 HOH HOH B . 
D 3 HOH 31 220 63 HOH HOH B . 
D 3 HOH 32 221 65 HOH HOH B . 
D 3 HOH 33 222 69 HOH HOH B . 
D 3 HOH 34 223 70 HOH HOH B . 
D 3 HOH 35 224 6  HOH HOH B . 
D 3 HOH 36 225 7  HOH HOH B . 
D 3 HOH 37 226 9  HOH HOH B . 
D 3 HOH 38 227 10 HOH HOH B . 
D 3 HOH 39 228 11 HOH HOH B . 
# 
loop_
_pdbx_unobs_or_zero_occ_atoms.id 
_pdbx_unobs_or_zero_occ_atoms.PDB_model_num 
_pdbx_unobs_or_zero_occ_atoms.polymer_flag 
_pdbx_unobs_or_zero_occ_atoms.occupancy_flag 
_pdbx_unobs_or_zero_occ_atoms.auth_asym_id 
_pdbx_unobs_or_zero_occ_atoms.auth_comp_id 
_pdbx_unobs_or_zero_occ_atoms.auth_seq_id 
_pdbx_unobs_or_zero_occ_atoms.PDB_ins_code 
_pdbx_unobs_or_zero_occ_atoms.auth_atom_id 
_pdbx_unobs_or_zero_occ_atoms.label_alt_id 
_pdbx_unobs_or_zero_occ_atoms.label_asym_id 
_pdbx_unobs_or_zero_occ_atoms.label_comp_id 
_pdbx_unobs_or_zero_occ_atoms.label_seq_id 
_pdbx_unobs_or_zero_occ_atoms.label_atom_id 
1  1 Y 1 A PRO 20  ? CG  ? A PRO 20 CG  
2  1 Y 1 A PRO 20  ? CD  ? A PRO 20 CD  
3  1 Y 1 A TYR 24  ? CG  ? A TYR 24 CG  
4  1 Y 1 A TYR 24  ? CD1 ? A TYR 24 CD1 
5  1 Y 1 A TYR 24  ? CD2 ? A TYR 24 CD2 
6  1 Y 1 A TYR 24  ? CE1 ? A TYR 24 CE1 
7  1 Y 1 A TYR 24  ? CE2 ? A TYR 24 CE2 
8  1 Y 1 A TYR 24  ? CZ  ? A TYR 24 CZ  
9  1 Y 1 A TYR 24  ? OH  ? A TYR 24 OH  
10 1 Y 1 A GLU 41  ? CG  ? A GLU 41 CG  
11 1 Y 1 A GLU 41  ? CD  ? A GLU 41 CD  
12 1 Y 1 A GLU 41  ? OE1 ? A GLU 41 OE1 
13 1 Y 1 A GLU 41  ? OE2 ? A GLU 41 OE2 
14 1 Y 1 A GLU 79  ? CG  ? A GLU 79 CG  
15 1 Y 1 A GLU 79  ? CD  ? A GLU 79 CD  
16 1 Y 1 A GLU 79  ? OE1 ? A GLU 79 OE1 
17 1 Y 1 A GLU 79  ? OE2 ? A GLU 79 OE2 
18 1 Y 1 A GLU 96  ? CG  ? A GLU 96 CG  
19 1 Y 1 A GLU 96  ? CD  ? A GLU 96 CD  
20 1 Y 1 A GLU 96  ? OE1 ? A GLU 96 OE1 
21 1 Y 1 A GLU 96  ? OE2 ? A GLU 96 OE2 
22 1 Y 1 B GLU 111 ? CG  ? B GLU 2  CG  
23 1 Y 1 B GLU 111 ? CD  ? B GLU 2  CD  
24 1 Y 1 B GLU 111 ? OE1 ? B GLU 2  OE1 
25 1 Y 1 B GLU 111 ? OE2 ? B GLU 2  OE2 
26 1 Y 1 B LYS 115 ? CG  ? B LYS 6  CG  
27 1 Y 1 B LYS 115 ? CD  ? B LYS 6  CD  
28 1 Y 1 B LYS 115 ? CE  ? B LYS 6  CE  
29 1 Y 1 B LYS 115 ? NZ  ? B LYS 6  NZ  
30 1 Y 1 B ARG 141 ? CG  ? B ARG 32 CG  
31 1 Y 1 B ARG 141 ? CD  ? B ARG 32 CD  
32 1 Y 1 B ARG 141 ? NE  ? B ARG 32 NE  
33 1 Y 1 B ARG 141 ? CZ  ? B ARG 32 CZ  
34 1 Y 1 B ARG 141 ? NH1 ? B ARG 32 NH1 
35 1 Y 1 B ARG 141 ? NH2 ? B ARG 32 NH2 
36 1 Y 1 B LYS 143 ? CG  ? B LYS 34 CG  
37 1 Y 1 B LYS 143 ? CD  ? B LYS 34 CD  
38 1 Y 1 B LYS 143 ? CE  ? B LYS 34 CE  
39 1 Y 1 B LYS 143 ? NZ  ? B LYS 34 NZ  
# 
loop_
_software.name 
_software.version 
_software.date 
_software.type 
_software.contact_author 
_software.contact_author_email 
_software.classification 
_software.location 
_software.language 
_software.citation_id 
_software.pdbx_ordinal 
SHELX       .        ?                    package 'George Sheldrick' gsheldr@shelx.uni-ac.gwdg.de phasing           
http://shelx.uni-ac.gwdg.de/SHELX/ Fortran_77 ? 1 
REFMAC      5.2.0019 ?                    program 'Murshudov, G.N.'  ccp4@dl.ac.uk                refinement        
http://www.ccp4.ac.uk/main.html    Fortran_77 ? 2 
PDB_EXTRACT 3.004    'September 10, 2007' package PDB                sw-help@rcsb.rutgers.edu     'data extraction' 
http://pdb.rutgers.edu/software/   C++        ? 3 
HKL-2000    .        ?                    ?       ?                  ?                            'data collection' ? ?          ? 
4 
HKL-2000    .        ?                    ?       ?                  ?                            'data reduction'  ? ?          ? 
5 
SCALEPACK   .        ?                    ?       ?                  ?                            'data scaling'    ? ?          ? 
6 
SHELXD      .        ?                    ?       ?                  ?                            phasing           ? ?          ? 
7 
# 
_cell.length_a           48.477 
_cell.length_b           56.356 
_cell.length_c           84.040 
_cell.angle_alpha        90.000 
_cell.angle_beta         90.000 
_cell.angle_gamma        90.000 
_cell.entry_id           3BS5 
_cell.pdbx_unique_axis   ? 
_cell.Z_PDB              4 
_cell.length_a_esd       ? 
_cell.length_b_esd       ? 
_cell.length_c_esd       ? 
_cell.angle_alpha_esd    ? 
_cell.angle_beta_esd     ? 
_cell.angle_gamma_esd    ? 
# 
_symmetry.space_group_name_H-M             'P 21 21 21' 
_symmetry.entry_id                         3BS5 
_symmetry.pdbx_full_space_group_name_H-M   ? 
_symmetry.Int_Tables_number                19 
_symmetry.cell_setting                     ? 
_symmetry.space_group_name_Hall            ? 
# 
_exptl.crystals_number   1 
_exptl.entry_id          3BS5 
_exptl.method            'X-RAY DIFFRACTION' 
# 
_exptl_crystal.id                    1 
_exptl_crystal.density_Matthews      2.57 
_exptl_crystal.density_meas          ? 
_exptl_crystal.density_percent_sol   52.16 
_exptl_crystal.description           ? 
_exptl_crystal.F_000                 ? 
_exptl_crystal.preparation           ? 
# 
_exptl_crystal_grow.crystal_id      1 
_exptl_crystal_grow.method          'VAPOR DIFFUSION, HANGING DROP' 
_exptl_crystal_grow.pH              7.5 
_exptl_crystal_grow.temp            277 
_exptl_crystal_grow.temp_details    ? 
_exptl_crystal_grow.pdbx_details    '18%  PEG 2000 MME, 0.1M Tris, pH 7.5, VAPOR DIFFUSION, HANGING DROP, temperature 277K' 
_exptl_crystal_grow.pdbx_pH_range   . 
# 
_diffrn.id                     1 
_diffrn.ambient_temp           100 
_diffrn.ambient_temp_details   ? 
_diffrn.crystal_id             1 
# 
_diffrn_detector.diffrn_id              1 
_diffrn_detector.detector               CCD 
_diffrn_detector.type                   'ADSC QUANTUM 315' 
_diffrn_detector.pdbx_collection_date   2006-10-25 
_diffrn_detector.details                ? 
# 
_diffrn_radiation.diffrn_id                        1 
_diffrn_radiation.wavelength_id                    1 
_diffrn_radiation.pdbx_diffrn_protocol             'SINGLE WAVELENGTH' 
_diffrn_radiation.monochromator                    'Two independent arrays of pairs of vertical and horizontal slit blade pairs' 
_diffrn_radiation.pdbx_monochromatic_or_laue_m_l   M 
_diffrn_radiation.pdbx_scattering_type             x-ray 
# 
_diffrn_radiation_wavelength.id           1 
_diffrn_radiation_wavelength.wavelength   0.9792 
_diffrn_radiation_wavelength.wt           1.0 
# 
_diffrn_source.diffrn_id                   1 
_diffrn_source.source                      SYNCHROTRON 
_diffrn_source.type                        'APS BEAMLINE 24-ID-C' 
_diffrn_source.pdbx_wavelength             ? 
_diffrn_source.pdbx_wavelength_list        0.9792 
_diffrn_source.pdbx_synchrotron_site       APS 
_diffrn_source.pdbx_synchrotron_beamline   24-ID-C 
# 
_reflns.entry_id                     3BS5 
_reflns.observed_criterion_sigma_F   2.8 
_reflns.observed_criterion_sigma_I   10.1 
_reflns.d_resolution_high            2.00 
_reflns.d_resolution_low             20.00 
_reflns.number_all                   15908 
_reflns.number_obs                   15619 
_reflns.percent_possible_obs         95 
_reflns.pdbx_Rmerge_I_obs            ? 
_reflns.pdbx_Rsym_value              ? 
_reflns.pdbx_netI_over_sigmaI        ? 
_reflns.B_iso_Wilson_estimate        ? 
_reflns.pdbx_redundancy              ? 
_reflns.R_free_details               ? 
_reflns.limit_h_max                  ? 
_reflns.limit_h_min                  ? 
_reflns.limit_k_max                  ? 
_reflns.limit_k_min                  ? 
_reflns.limit_l_max                  ? 
_reflns.limit_l_min                  ? 
_reflns.observed_criterion_F_max     ? 
_reflns.observed_criterion_F_min     ? 
_reflns.pdbx_chi_squared             ? 
_reflns.pdbx_scaling_rejects         ? 
_reflns.pdbx_diffrn_id               1 
_reflns.pdbx_ordinal                 1 
# 
_reflns_shell.d_res_high             2.00 
_reflns_shell.d_res_low              2.06 
_reflns_shell.percent_possible_obs   ? 
_reflns_shell.percent_possible_all   97.6 
_reflns_shell.Rmerge_I_obs           ? 
_reflns_shell.meanI_over_sigI_obs    ? 
_reflns_shell.pdbx_Rsym_value        ? 
_reflns_shell.pdbx_redundancy        ? 
_reflns_shell.number_unique_all      ? 
_reflns_shell.number_measured_all    ? 
_reflns_shell.number_measured_obs    ? 
_reflns_shell.number_unique_obs      ? 
_reflns_shell.pdbx_chi_squared       ? 
_reflns_shell.pdbx_diffrn_id         ? 
_reflns_shell.pdbx_ordinal           1 
# 
_refine.entry_id                                 3BS5 
_refine.ls_d_res_high                            2.000 
_refine.ls_d_res_low                             19.870 
_refine.pdbx_ls_sigma_F                          0.00 
_refine.ls_percent_reflns_obs                    99.670 
_refine.ls_number_reflns_obs                     15619 
_refine.pdbx_ls_cross_valid_method               THROUGHOUT 
_refine.pdbx_R_Free_selection_details            RANDOM 
_refine.details                                  'HYDROGENS HAVE BEEN ADDED IN THE RIDING POSITIONS' 
_refine.ls_R_factor_obs                          0.214 
_refine.ls_R_factor_R_work                       0.212 
_refine.ls_R_factor_R_free                       0.240 
_refine.ls_percent_reflns_R_free                 4.900 
_refine.ls_number_reflns_R_free                  786 
_refine.B_iso_mean                               32.470 
_refine.aniso_B[1][1]                            -0.050 
_refine.aniso_B[2][2]                            0.040 
_refine.aniso_B[3][3]                            0.010 
_refine.aniso_B[1][2]                            0.000 
_refine.aniso_B[1][3]                            0.000 
_refine.aniso_B[2][3]                            0.000 
_refine.correlation_coeff_Fo_to_Fc               0.941 
_refine.correlation_coeff_Fo_to_Fc_free          0.925 
_refine.pdbx_overall_ESU_R                       0.167 
_refine.pdbx_overall_ESU_R_Free                  0.149 
_refine.overall_SU_ML                            0.093 
_refine.overall_SU_B                             3.228 
_refine.solvent_model_details                    MASK 
_refine.pdbx_solvent_vdw_probe_radii             1.400 
_refine.pdbx_solvent_ion_probe_radii             0.800 
_refine.pdbx_solvent_shrinkage_radii             0.800 
_refine.pdbx_method_to_determine_struct          SAD 
_refine.pdbx_stereochemistry_target_values       'MAXIMUM LIKELIHOOD WITH PHASES' 
_refine.pdbx_ls_sigma_I                          ? 
_refine.ls_number_reflns_all                     ? 
_refine.ls_R_factor_all                          0.214 
_refine.ls_redundancy_reflns_obs                 ? 
_refine.pdbx_data_cutoff_high_absF               ? 
_refine.pdbx_data_cutoff_low_absF                ? 
_refine.ls_number_parameters                     ? 
_refine.ls_number_restraints                     ? 
_refine.ls_R_factor_R_free_error                 ? 
_refine.ls_R_factor_R_free_error_details         ? 
_refine.pdbx_starting_model                      ? 
_refine.pdbx_stereochem_target_val_spec_case     ? 
_refine.solvent_model_param_bsol                 ? 
_refine.solvent_model_param_ksol                 ? 
_refine.occupancy_max                            ? 
_refine.occupancy_min                            ? 
_refine.pdbx_isotropic_thermal_model             ? 
_refine.B_iso_min                                ? 
_refine.B_iso_max                                ? 
_refine.overall_SU_R_Cruickshank_DPI             ? 
_refine.overall_SU_R_free                        ? 
_refine.pdbx_data_cutoff_high_rms_absF           ? 
_refine.ls_wR_factor_R_free                      ? 
_refine.ls_wR_factor_R_work                      ? 
_refine.overall_FOM_free_R_set                   ? 
_refine.overall_FOM_work_R_set                   ? 
_refine.pdbx_overall_phase_error                 ? 
_refine.pdbx_refine_id                           'X-RAY DIFFRACTION' 
_refine.pdbx_diffrn_id                           1 
_refine.pdbx_TLS_residual_ADP_flag               ? 
_refine.pdbx_overall_SU_R_free_Cruickshank_DPI   ? 
_refine.pdbx_overall_SU_R_Blow_DPI               ? 
_refine.pdbx_overall_SU_R_free_Blow_DPI          ? 
# 
_refine_hist.pdbx_refine_id                   'X-RAY DIFFRACTION' 
_refine_hist.cycle_id                         LAST 
_refine_hist.pdbx_number_atoms_protein        1299 
_refine_hist.pdbx_number_atoms_nucleic_acid   0 
_refine_hist.pdbx_number_atoms_ligand         0 
_refine_hist.number_atoms_solvent             82 
_refine_hist.number_atoms_total               1381 
_refine_hist.d_res_high                       2.000 
_refine_hist.d_res_low                        19.870 
# 
loop_
_refine_ls_restr.type 
_refine_ls_restr.number 
_refine_ls_restr.dev_ideal 
_refine_ls_restr.dev_ideal_target 
_refine_ls_restr.weight 
_refine_ls_restr.pdbx_refine_id 
_refine_ls_restr.pdbx_restraint_function 
r_bond_refined_d         1304 0.021  0.021  ? 'X-RAY DIFFRACTION' ? 
r_angle_refined_deg      1756 1.555  1.946  ? 'X-RAY DIFFRACTION' ? 
r_dihedral_angle_1_deg   152  4.884  5.000  ? 'X-RAY DIFFRACTION' ? 
r_dihedral_angle_2_deg   70   36.488 23.571 ? 'X-RAY DIFFRACTION' ? 
r_dihedral_angle_3_deg   251  14.331 15.000 ? 'X-RAY DIFFRACTION' ? 
r_dihedral_angle_4_deg   14   14.880 15.000 ? 'X-RAY DIFFRACTION' ? 
r_chiral_restr           192  0.113  0.200  ? 'X-RAY DIFFRACTION' ? 
r_gen_planes_refined     974  0.008  0.020  ? 'X-RAY DIFFRACTION' ? 
r_nbd_refined            586  0.240  0.200  ? 'X-RAY DIFFRACTION' ? 
r_nbtor_refined          903  0.305  0.200  ? 'X-RAY DIFFRACTION' ? 
r_xyhbond_nbd_refined    101  0.249  0.200  ? 'X-RAY DIFFRACTION' ? 
r_symmetry_vdw_refined   21   0.203  0.200  ? 'X-RAY DIFFRACTION' ? 
r_symmetry_hbond_refined 12   0.149  0.200  ? 'X-RAY DIFFRACTION' ? 
r_mcbond_it              796  1.566  1.500  ? 'X-RAY DIFFRACTION' ? 
r_mcangle_it             1227 2.273  2.000  ? 'X-RAY DIFFRACTION' ? 
r_scbond_it              599  3.644  3.000  ? 'X-RAY DIFFRACTION' ? 
r_scangle_it             529  5.745  4.500  ? 'X-RAY DIFFRACTION' ? 
# 
_refine_ls_shell.d_res_high                       2.00 
_refine_ls_shell.d_res_low                        2.055 
_refine_ls_shell.pdbx_total_number_of_bins_used   20 
_refine_ls_shell.percent_reflns_obs               97.590 
_refine_ls_shell.number_reflns_R_work             1036 
_refine_ls_shell.R_factor_all                     ? 
_refine_ls_shell.R_factor_R_work                  0.227 
_refine_ls_shell.R_factor_R_free                  0.245 
_refine_ls_shell.percent_reflns_R_free            ? 
_refine_ls_shell.number_reflns_R_free             56 
_refine_ls_shell.R_factor_R_free_error            ? 
_refine_ls_shell.number_reflns_all                1092 
_refine_ls_shell.number_reflns_obs                ? 
_refine_ls_shell.redundancy_reflns_obs            ? 
_refine_ls_shell.pdbx_refine_id                   'X-RAY DIFFRACTION' 
# 
_struct.entry_id                  3BS5 
_struct.title                     'Crystal Structure of hCNK2-SAM/dHYP-SAM Complex' 
_struct.pdbx_model_details        ? 
_struct.pdbx_CASP_flag            ? 
_struct.pdbx_model_type_details   ? 
# 
_struct_keywords.entry_id        3BS5 
_struct_keywords.pdbx_keywords   'Signaling PROTEIN/membrane protein' 
_struct_keywords.text            
;Sterile alpha motif, SAM domain, SAM domain dimer, SAM domain complex, Cytoplasm, Membrane, Sensory transduction, Vision, Alternative splicing, Coiled coil, Phosphoprotein, Polymorphism, Signaling PROTEIN-membrane protein COMPLEX
;
# 
loop_
_struct_asym.id 
_struct_asym.pdbx_blank_PDB_chainid_flag 
_struct_asym.pdbx_modified 
_struct_asym.entity_id 
_struct_asym.details 
A N N 1 ? 
B N N 2 ? 
C N N 3 ? 
D N N 3 ? 
# 
loop_
_struct_ref.id 
_struct_ref.db_name 
_struct_ref.db_code 
_struct_ref.pdbx_db_accession 
_struct_ref.entity_id 
_struct_ref.pdbx_seq_one_letter_code 
_struct_ref.pdbx_align_begin 
_struct_ref.pdbx_db_isoform 
1 UNP AVE_DROME   Q8ML92 1 
;MGEETINSTQNKTRTKTTRPKAVYLWTVSDVLKWYRRHCGEYTQYEQLFAQHDITGRALLRITDSSLQRMGVTDNRDREA
IWREIVKQRLKTDIMEIRDMERLNIY
;
1 ? 
2 UNP CNKR2_HUMAN Q8WXI2 2 
;MEPVSKWSPSQVVDWMKGLDDCLQQYIKNFEREKISGDQLLRITHQELEDLGVSRIGHQELILEAVDLLCALNYGLETEN

;
5 ? 
# 
loop_
_struct_ref_seq.align_id 
_struct_ref_seq.ref_id 
_struct_ref_seq.pdbx_PDB_id_code 
_struct_ref_seq.pdbx_strand_id 
_struct_ref_seq.seq_align_beg 
_struct_ref_seq.pdbx_seq_align_beg_ins_code 
_struct_ref_seq.seq_align_end 
_struct_ref_seq.pdbx_seq_align_end_ins_code 
_struct_ref_seq.pdbx_db_accession 
_struct_ref_seq.db_align_beg 
_struct_ref_seq.pdbx_db_align_beg_ins_code 
_struct_ref_seq.db_align_end 
_struct_ref_seq.pdbx_db_align_end_ins_code 
_struct_ref_seq.pdbx_auth_seq_align_beg 
_struct_ref_seq.pdbx_auth_seq_align_end 
1 1 3BS5 A 1 ? 106 ? Q8ML92 1 ? 106 ? 1   106 
2 2 3BS5 B 1 ? 80  ? Q8WXI2 5 ? 84  ? 110 189 
# 
_pdbx_struct_assembly.id                   1 
_pdbx_struct_assembly.details              author_and_software_defined_assembly 
_pdbx_struct_assembly.method_details       PISA 
_pdbx_struct_assembly.oligomeric_details   dimeric 
_pdbx_struct_assembly.oligomeric_count     2 
# 
_pdbx_struct_assembly_gen.assembly_id       1 
_pdbx_struct_assembly_gen.oper_expression   1 
_pdbx_struct_assembly_gen.asym_id_list      A,B,C,D 
# 
_pdbx_struct_oper_list.id                   1 
_pdbx_struct_oper_list.type                 'identity operation' 
_pdbx_struct_oper_list.name                 1_555 
_pdbx_struct_oper_list.symmetry_operation   x,y,z 
_pdbx_struct_oper_list.matrix[1][1]         1.0000000000 
_pdbx_struct_oper_list.matrix[1][2]         0.0000000000 
_pdbx_struct_oper_list.matrix[1][3]         0.0000000000 
_pdbx_struct_oper_list.vector[1]            0.0000000000 
_pdbx_struct_oper_list.matrix[2][1]         0.0000000000 
_pdbx_struct_oper_list.matrix[2][2]         1.0000000000 
_pdbx_struct_oper_list.matrix[2][3]         0.0000000000 
_pdbx_struct_oper_list.vector[2]            0.0000000000 
_pdbx_struct_oper_list.matrix[3][1]         0.0000000000 
_pdbx_struct_oper_list.matrix[3][2]         0.0000000000 
_pdbx_struct_oper_list.matrix[3][3]         1.0000000000 
_pdbx_struct_oper_list.vector[3]            0.0000000000 
# 
_struct_biol.id        1 
_struct_biol.details   ? 
# 
loop_
_struct_conf.conf_type_id 
_struct_conf.id 
_struct_conf.pdbx_PDB_helix_id 
_struct_conf.beg_label_comp_id 
_struct_conf.beg_label_asym_id 
_struct_conf.beg_label_seq_id 
_struct_conf.pdbx_beg_PDB_ins_code 
_struct_conf.end_label_comp_id 
_struct_conf.end_label_asym_id 
_struct_conf.end_label_seq_id 
_struct_conf.pdbx_end_PDB_ins_code 
_struct_conf.beg_auth_comp_id 
_struct_conf.beg_auth_asym_id 
_struct_conf.beg_auth_seq_id 
_struct_conf.end_auth_comp_id 
_struct_conf.end_auth_asym_id 
_struct_conf.end_auth_seq_id 
_struct_conf.pdbx_PDB_helix_class 
_struct_conf.details 
_struct_conf.pdbx_PDB_helix_length 
HELX_P HELX_P1  1  ALA A 22 ? TRP A 26  ? ALA A 22  TRP A 26  5 ? 5  
HELX_P HELX_P2  2  THR A 27 ? CYS A 39  ? THR A 27  CYS A 39  1 ? 13 
HELX_P HELX_P3  3  GLY A 40 ? GLN A 44  ? GLY A 40  GLN A 44  5 ? 5  
HELX_P HELX_P4  4  TYR A 45 ? HIS A 52  ? TYR A 45  HIS A 52  1 ? 8  
HELX_P HELX_P5  5  THR A 55 ? LEU A 60  ? THR A 55  LEU A 60  1 ? 6  
HELX_P HELX_P6  6  THR A 63 ? GLY A 71  ? THR A 63  GLY A 71  1 ? 9  
HELX_P HELX_P7  7  ASP A 74 ? ASN A 104 ? ASP A 74  ASN A 104 1 ? 31 
HELX_P HELX_P8  8  PRO B 3  ? TRP B 7   ? PRO B 112 TRP B 116 5 ? 5  
HELX_P HELX_P9  9  SER B 8  ? GLY B 18  ? SER B 117 GLY B 127 1 ? 11 
HELX_P HELX_P10 10 LEU B 19 ? GLN B 25  ? LEU B 128 GLN B 134 5 ? 7  
HELX_P HELX_P11 11 TYR B 26 ? LYS B 34  ? TYR B 135 LYS B 143 1 ? 9  
HELX_P HELX_P12 12 SER B 36 ? ARG B 42  ? SER B 145 ARG B 151 1 ? 7  
HELX_P HELX_P13 13 THR B 44 ? LEU B 51  ? THR B 153 LEU B 160 1 ? 8  
HELX_P HELX_P14 14 ARG B 55 ? TYR B 74  ? ARG B 164 TYR B 183 1 ? 20 
# 
_struct_conf_type.id          HELX_P 
_struct_conf_type.criteria    ? 
_struct_conf_type.reference   ? 
# 
loop_
_struct_conn.id 
_struct_conn.conn_type_id 
_struct_conn.pdbx_leaving_atom_flag 
_struct_conn.pdbx_PDB_id 
_struct_conn.ptnr1_label_asym_id 
_struct_conn.ptnr1_label_comp_id 
_struct_conn.ptnr1_label_seq_id 
_struct_conn.ptnr1_label_atom_id 
_struct_conn.pdbx_ptnr1_label_alt_id 
_struct_conn.pdbx_ptnr1_PDB_ins_code 
_struct_conn.pdbx_ptnr1_standard_comp_id 
_struct_conn.ptnr1_symmetry 
_struct_conn.ptnr2_label_asym_id 
_struct_conn.ptnr2_label_comp_id 
_struct_conn.ptnr2_label_seq_id 
_struct_conn.ptnr2_label_atom_id 
_struct_conn.pdbx_ptnr2_label_alt_id 
_struct_conn.pdbx_ptnr2_PDB_ins_code 
_struct_conn.ptnr1_auth_asym_id 
_struct_conn.ptnr1_auth_comp_id 
_struct_conn.ptnr1_auth_seq_id 
_struct_conn.ptnr2_auth_asym_id 
_struct_conn.ptnr2_auth_comp_id 
_struct_conn.ptnr2_auth_seq_id 
_struct_conn.ptnr2_symmetry 
_struct_conn.pdbx_ptnr3_label_atom_id 
_struct_conn.pdbx_ptnr3_label_seq_id 
_struct_conn.pdbx_ptnr3_label_comp_id 
_struct_conn.pdbx_ptnr3_label_asym_id 
_struct_conn.pdbx_ptnr3_label_alt_id 
_struct_conn.pdbx_ptnr3_PDB_ins_code 
_struct_conn.details 
_struct_conn.pdbx_dist_value 
_struct_conn.pdbx_value_order 
_struct_conn.pdbx_role 
covale1 covale both ? A ARG 69  C ? ? ? 1_555 A MSE 70  N ? ? A ARG 69  A MSE 70  1_555 ? ? ? ? ? ? ? 1.333 ? ? 
covale2 covale both ? A MSE 70  C ? ? ? 1_555 A GLY 71  N ? ? A MSE 70  A GLY 71  1_555 ? ? ? ? ? ? ? 1.337 ? ? 
covale3 covale both ? A ILE 94  C ? ? ? 1_555 A MSE 95  N ? ? A ILE 94  A MSE 95  1_555 ? ? ? ? ? ? ? 1.314 ? ? 
covale4 covale both ? A MSE 95  C ? ? ? 1_555 A GLU 96  N ? ? A MSE 95  A GLU 96  1_555 ? ? ? ? ? ? ? 1.328 ? ? 
covale5 covale both ? A ASP 99  C ? ? ? 1_555 A MSE 100 N ? ? A ASP 99  A MSE 100 1_555 ? ? ? ? ? ? ? 1.330 ? ? 
covale6 covale both ? A MSE 100 C ? ? ? 1_555 A GLU 101 N ? ? A MSE 100 A GLU 101 1_555 ? ? ? ? ? ? ? 1.339 ? ? 
covale7 covale both ? B TRP 15  C ? ? ? 1_555 B MSE 16  N ? ? B TRP 124 B MSE 125 1_555 ? ? ? ? ? ? ? 1.352 ? ? 
covale8 covale both ? B MSE 16  C ? ? ? 1_555 B LYS 17  N ? ? B MSE 125 B LYS 126 1_555 ? ? ? ? ? ? ? 1.335 ? ? 
# 
_struct_conn_type.id          covale 
_struct_conn_type.criteria    ? 
_struct_conn_type.reference   ? 
# 
loop_
_pdbx_modification_feature.ordinal 
_pdbx_modification_feature.label_comp_id 
_pdbx_modification_feature.label_asym_id 
_pdbx_modification_feature.label_seq_id 
_pdbx_modification_feature.label_alt_id 
_pdbx_modification_feature.modified_residue_label_comp_id 
_pdbx_modification_feature.modified_residue_label_asym_id 
_pdbx_modification_feature.modified_residue_label_seq_id 
_pdbx_modification_feature.modified_residue_label_alt_id 
_pdbx_modification_feature.auth_comp_id 
_pdbx_modification_feature.auth_asym_id 
_pdbx_modification_feature.auth_seq_id 
_pdbx_modification_feature.PDB_ins_code 
_pdbx_modification_feature.symmetry 
_pdbx_modification_feature.modified_residue_auth_comp_id 
_pdbx_modification_feature.modified_residue_auth_asym_id 
_pdbx_modification_feature.modified_residue_auth_seq_id 
_pdbx_modification_feature.modified_residue_PDB_ins_code 
_pdbx_modification_feature.modified_residue_symmetry 
_pdbx_modification_feature.comp_id_linking_atom 
_pdbx_modification_feature.modified_residue_id_linking_atom 
_pdbx_modification_feature.modified_residue_id 
_pdbx_modification_feature.ref_pcm_id 
_pdbx_modification_feature.ref_comp_id 
_pdbx_modification_feature.type 
_pdbx_modification_feature.category 
1 MSE A 70  ? . . . . MSE A 70  ? 1_555 . . . . . . . MET 1 MSE Selenomethionine 'Named protein modification' 
2 MSE A 95  ? . . . . MSE A 95  ? 1_555 . . . . . . . MET 1 MSE Selenomethionine 'Named protein modification' 
3 MSE A 100 ? . . . . MSE A 100 ? 1_555 . . . . . . . MET 1 MSE Selenomethionine 'Named protein modification' 
4 MSE B 16  ? . . . . MSE B 125 ? 1_555 . . . . . . . MET 1 MSE Selenomethionine 'Named protein modification' 
# 
_struct_mon_prot_cis.pdbx_id                1 
_struct_mon_prot_cis.label_comp_id          ASN 
_struct_mon_prot_cis.label_seq_id           104 
_struct_mon_prot_cis.label_asym_id          A 
_struct_mon_prot_cis.label_alt_id           . 
_struct_mon_prot_cis.pdbx_PDB_ins_code      ? 
_struct_mon_prot_cis.auth_comp_id           ASN 
_struct_mon_prot_cis.auth_seq_id            104 
_struct_mon_prot_cis.auth_asym_id           A 
_struct_mon_prot_cis.pdbx_label_comp_id_2   ILE 
_struct_mon_prot_cis.pdbx_label_seq_id_2    105 
_struct_mon_prot_cis.pdbx_label_asym_id_2   A 
_struct_mon_prot_cis.pdbx_PDB_ins_code_2    ? 
_struct_mon_prot_cis.pdbx_auth_comp_id_2    ILE 
_struct_mon_prot_cis.pdbx_auth_seq_id_2     105 
_struct_mon_prot_cis.pdbx_auth_asym_id_2    A 
_struct_mon_prot_cis.pdbx_PDB_model_num     1 
_struct_mon_prot_cis.pdbx_omega_angle       20.71 
# 
_pdbx_entry_details.entry_id                   3BS5 
_pdbx_entry_details.compound_details           ? 
_pdbx_entry_details.source_details             ? 
_pdbx_entry_details.nonpolymer_details         ? 
_pdbx_entry_details.sequence_details           ? 
_pdbx_entry_details.has_ligand_of_interest     ? 
_pdbx_entry_details.has_protein_modification   Y 
# 
_pdbx_validate_symm_contact.id                1 
_pdbx_validate_symm_contact.PDB_model_num     1 
_pdbx_validate_symm_contact.auth_atom_id_1    O 
_pdbx_validate_symm_contact.auth_asym_id_1    A 
_pdbx_validate_symm_contact.auth_comp_id_1    HOH 
_pdbx_validate_symm_contact.auth_seq_id_1     142 
_pdbx_validate_symm_contact.PDB_ins_code_1    ? 
_pdbx_validate_symm_contact.label_alt_id_1    ? 
_pdbx_validate_symm_contact.site_symmetry_1   1_555 
_pdbx_validate_symm_contact.auth_atom_id_2    O 
_pdbx_validate_symm_contact.auth_asym_id_2    A 
_pdbx_validate_symm_contact.auth_comp_id_2    HOH 
_pdbx_validate_symm_contact.auth_seq_id_2     143 
_pdbx_validate_symm_contact.PDB_ins_code_2    ? 
_pdbx_validate_symm_contact.label_alt_id_2    ? 
_pdbx_validate_symm_contact.site_symmetry_2   4_555 
_pdbx_validate_symm_contact.dist              1.93 
# 
_pdbx_validate_rmsd_angle.id                         1 
_pdbx_validate_rmsd_angle.PDB_model_num              1 
_pdbx_validate_rmsd_angle.auth_atom_id_1             N 
_pdbx_validate_rmsd_angle.auth_asym_id_1             A 
_pdbx_validate_rmsd_angle.auth_comp_id_1             PRO 
_pdbx_validate_rmsd_angle.auth_seq_id_1              20 
_pdbx_validate_rmsd_angle.PDB_ins_code_1             ? 
_pdbx_validate_rmsd_angle.label_alt_id_1             ? 
_pdbx_validate_rmsd_angle.auth_atom_id_2             CA 
_pdbx_validate_rmsd_angle.auth_asym_id_2             A 
_pdbx_validate_rmsd_angle.auth_comp_id_2             PRO 
_pdbx_validate_rmsd_angle.auth_seq_id_2              20 
_pdbx_validate_rmsd_angle.PDB_ins_code_2             ? 
_pdbx_validate_rmsd_angle.label_alt_id_2             ? 
_pdbx_validate_rmsd_angle.auth_atom_id_3             CB 
_pdbx_validate_rmsd_angle.auth_asym_id_3             A 
_pdbx_validate_rmsd_angle.auth_comp_id_3             PRO 
_pdbx_validate_rmsd_angle.auth_seq_id_3              20 
_pdbx_validate_rmsd_angle.PDB_ins_code_3             ? 
_pdbx_validate_rmsd_angle.label_alt_id_3             ? 
_pdbx_validate_rmsd_angle.angle_value                110.75 
_pdbx_validate_rmsd_angle.angle_target_value         103.30 
_pdbx_validate_rmsd_angle.angle_deviation            7.45 
_pdbx_validate_rmsd_angle.angle_standard_deviation   1.20 
_pdbx_validate_rmsd_angle.linker_flag                N 
# 
_pdbx_validate_torsion.id              1 
_pdbx_validate_torsion.PDB_model_num   1 
_pdbx_validate_torsion.auth_comp_id    ASN 
_pdbx_validate_torsion.auth_asym_id    A 
_pdbx_validate_torsion.auth_seq_id     104 
_pdbx_validate_torsion.PDB_ins_code    ? 
_pdbx_validate_torsion.label_alt_id    ? 
_pdbx_validate_torsion.phi             27.98 
_pdbx_validate_torsion.psi             87.24 
# 
loop_
_pdbx_struct_mod_residue.id 
_pdbx_struct_mod_residue.label_asym_id 
_pdbx_struct_mod_residue.label_comp_id 
_pdbx_struct_mod_residue.label_seq_id 
_pdbx_struct_mod_residue.auth_asym_id 
_pdbx_struct_mod_residue.auth_comp_id 
_pdbx_struct_mod_residue.auth_seq_id 
_pdbx_struct_mod_residue.PDB_ins_code 
_pdbx_struct_mod_residue.parent_comp_id 
_pdbx_struct_mod_residue.details 
1 A MSE 70  A MSE 70  ? MET SELENOMETHIONINE 
2 A MSE 95  A MSE 95  ? MET SELENOMETHIONINE 
3 A MSE 100 A MSE 100 ? MET SELENOMETHIONINE 
4 B MSE 16  B MSE 125 ? MET SELENOMETHIONINE 
# 
_phasing.method   SAD 
# 
loop_
_pdbx_unobs_or_zero_occ_residues.id 
_pdbx_unobs_or_zero_occ_residues.PDB_model_num 
_pdbx_unobs_or_zero_occ_residues.polymer_flag 
_pdbx_unobs_or_zero_occ_residues.occupancy_flag 
_pdbx_unobs_or_zero_occ_residues.auth_asym_id 
_pdbx_unobs_or_zero_occ_residues.auth_comp_id 
_pdbx_unobs_or_zero_occ_residues.auth_seq_id 
_pdbx_unobs_or_zero_occ_residues.PDB_ins_code 
_pdbx_unobs_or_zero_occ_residues.label_asym_id 
_pdbx_unobs_or_zero_occ_residues.label_comp_id 
_pdbx_unobs_or_zero_occ_residues.label_seq_id 
1  1 Y 1 A MSE 1   ? A MSE 1   
2  1 Y 1 A GLY 2   ? A GLY 2   
3  1 Y 1 A GLU 3   ? A GLU 3   
4  1 Y 1 A GLU 4   ? A GLU 4   
5  1 Y 1 A THR 5   ? A THR 5   
6  1 Y 1 A ILE 6   ? A ILE 6   
7  1 Y 1 A ASN 7   ? A ASN 7   
8  1 Y 1 A SER 8   ? A SER 8   
9  1 Y 1 A THR 9   ? A THR 9   
10 1 Y 1 A GLN 10  ? A GLN 10  
11 1 Y 1 A ASN 11  ? A ASN 11  
12 1 Y 1 A LYS 12  ? A LYS 12  
13 1 Y 1 A THR 13  ? A THR 13  
14 1 Y 1 A ARG 14  ? A ARG 14  
15 1 Y 1 A THR 15  ? A THR 15  
16 1 Y 1 A LYS 16  ? A LYS 16  
17 1 Y 1 A THR 17  ? A THR 17  
18 1 Y 1 A THR 18  ? A THR 18  
19 1 Y 1 A ARG 19  ? A ARG 19  
20 1 Y 1 A TYR 106 ? A TYR 106 
21 1 Y 1 B MSE 110 ? B MSE 1   
22 1 Y 1 B GLU 186 ? B GLU 77  
23 1 Y 1 B THR 187 ? B THR 78  
24 1 Y 1 B GLU 188 ? B GLU 79  
25 1 Y 1 B ASN 189 ? B ASN 80  
# 
loop_
_chem_comp_atom.comp_id 
_chem_comp_atom.atom_id 
_chem_comp_atom.type_symbol 
_chem_comp_atom.pdbx_aromatic_flag 
_chem_comp_atom.pdbx_stereo_config 
_chem_comp_atom.pdbx_ordinal 
ALA N    N  N N 1   
ALA CA   C  N S 2   
ALA C    C  N N 3   
ALA O    O  N N 4   
ALA CB   C  N N 5   
ALA OXT  O  N N 6   
ALA H    H  N N 7   
ALA H2   H  N N 8   
ALA HA   H  N N 9   
ALA HB1  H  N N 10  
ALA HB2  H  N N 11  
ALA HB3  H  N N 12  
ALA HXT  H  N N 13  
ARG N    N  N N 14  
ARG CA   C  N S 15  
ARG C    C  N N 16  
ARG O    O  N N 17  
ARG CB   C  N N 18  
ARG CG   C  N N 19  
ARG CD   C  N N 20  
ARG NE   N  N N 21  
ARG CZ   C  N N 22  
ARG NH1  N  N N 23  
ARG NH2  N  N N 24  
ARG OXT  O  N N 25  
ARG H    H  N N 26  
ARG H2   H  N N 27  
ARG HA   H  N N 28  
ARG HB2  H  N N 29  
ARG HB3  H  N N 30  
ARG HG2  H  N N 31  
ARG HG3  H  N N 32  
ARG HD2  H  N N 33  
ARG HD3  H  N N 34  
ARG HE   H  N N 35  
ARG HH11 H  N N 36  
ARG HH12 H  N N 37  
ARG HH21 H  N N 38  
ARG HH22 H  N N 39  
ARG HXT  H  N N 40  
ASN N    N  N N 41  
ASN CA   C  N S 42  
ASN C    C  N N 43  
ASN O    O  N N 44  
ASN CB   C  N N 45  
ASN CG   C  N N 46  
ASN OD1  O  N N 47  
ASN ND2  N  N N 48  
ASN OXT  O  N N 49  
ASN H    H  N N 50  
ASN H2   H  N N 51  
ASN HA   H  N N 52  
ASN HB2  H  N N 53  
ASN HB3  H  N N 54  
ASN HD21 H  N N 55  
ASN HD22 H  N N 56  
ASN HXT  H  N N 57  
ASP N    N  N N 58  
ASP CA   C  N S 59  
ASP C    C  N N 60  
ASP O    O  N N 61  
ASP CB   C  N N 62  
ASP CG   C  N N 63  
ASP OD1  O  N N 64  
ASP OD2  O  N N 65  
ASP OXT  O  N N 66  
ASP H    H  N N 67  
ASP H2   H  N N 68  
ASP HA   H  N N 69  
ASP HB2  H  N N 70  
ASP HB3  H  N N 71  
ASP HD2  H  N N 72  
ASP HXT  H  N N 73  
CYS N    N  N N 74  
CYS CA   C  N R 75  
CYS C    C  N N 76  
CYS O    O  N N 77  
CYS CB   C  N N 78  
CYS SG   S  N N 79  
CYS OXT  O  N N 80  
CYS H    H  N N 81  
CYS H2   H  N N 82  
CYS HA   H  N N 83  
CYS HB2  H  N N 84  
CYS HB3  H  N N 85  
CYS HG   H  N N 86  
CYS HXT  H  N N 87  
GLN N    N  N N 88  
GLN CA   C  N S 89  
GLN C    C  N N 90  
GLN O    O  N N 91  
GLN CB   C  N N 92  
GLN CG   C  N N 93  
GLN CD   C  N N 94  
GLN OE1  O  N N 95  
GLN NE2  N  N N 96  
GLN OXT  O  N N 97  
GLN H    H  N N 98  
GLN H2   H  N N 99  
GLN HA   H  N N 100 
GLN HB2  H  N N 101 
GLN HB3  H  N N 102 
GLN HG2  H  N N 103 
GLN HG3  H  N N 104 
GLN HE21 H  N N 105 
GLN HE22 H  N N 106 
GLN HXT  H  N N 107 
GLU N    N  N N 108 
GLU CA   C  N S 109 
GLU C    C  N N 110 
GLU O    O  N N 111 
GLU CB   C  N N 112 
GLU CG   C  N N 113 
GLU CD   C  N N 114 
GLU OE1  O  N N 115 
GLU OE2  O  N N 116 
GLU OXT  O  N N 117 
GLU H    H  N N 118 
GLU H2   H  N N 119 
GLU HA   H  N N 120 
GLU HB2  H  N N 121 
GLU HB3  H  N N 122 
GLU HG2  H  N N 123 
GLU HG3  H  N N 124 
GLU HE2  H  N N 125 
GLU HXT  H  N N 126 
GLY N    N  N N 127 
GLY CA   C  N N 128 
GLY C    C  N N 129 
GLY O    O  N N 130 
GLY OXT  O  N N 131 
GLY H    H  N N 132 
GLY H2   H  N N 133 
GLY HA2  H  N N 134 
GLY HA3  H  N N 135 
GLY HXT  H  N N 136 
HIS N    N  N N 137 
HIS CA   C  N S 138 
HIS C    C  N N 139 
HIS O    O  N N 140 
HIS CB   C  N N 141 
HIS CG   C  Y N 142 
HIS ND1  N  Y N 143 
HIS CD2  C  Y N 144 
HIS CE1  C  Y N 145 
HIS NE2  N  Y N 146 
HIS OXT  O  N N 147 
HIS H    H  N N 148 
HIS H2   H  N N 149 
HIS HA   H  N N 150 
HIS HB2  H  N N 151 
HIS HB3  H  N N 152 
HIS HD1  H  N N 153 
HIS HD2  H  N N 154 
HIS HE1  H  N N 155 
HIS HE2  H  N N 156 
HIS HXT  H  N N 157 
HOH O    O  N N 158 
HOH H1   H  N N 159 
HOH H2   H  N N 160 
ILE N    N  N N 161 
ILE CA   C  N S 162 
ILE C    C  N N 163 
ILE O    O  N N 164 
ILE CB   C  N S 165 
ILE CG1  C  N N 166 
ILE CG2  C  N N 167 
ILE CD1  C  N N 168 
ILE OXT  O  N N 169 
ILE H    H  N N 170 
ILE H2   H  N N 171 
ILE HA   H  N N 172 
ILE HB   H  N N 173 
ILE HG12 H  N N 174 
ILE HG13 H  N N 175 
ILE HG21 H  N N 176 
ILE HG22 H  N N 177 
ILE HG23 H  N N 178 
ILE HD11 H  N N 179 
ILE HD12 H  N N 180 
ILE HD13 H  N N 181 
ILE HXT  H  N N 182 
LEU N    N  N N 183 
LEU CA   C  N S 184 
LEU C    C  N N 185 
LEU O    O  N N 186 
LEU CB   C  N N 187 
LEU CG   C  N N 188 
LEU CD1  C  N N 189 
LEU CD2  C  N N 190 
LEU OXT  O  N N 191 
LEU H    H  N N 192 
LEU H2   H  N N 193 
LEU HA   H  N N 194 
LEU HB2  H  N N 195 
LEU HB3  H  N N 196 
LEU HG   H  N N 197 
LEU HD11 H  N N 198 
LEU HD12 H  N N 199 
LEU HD13 H  N N 200 
LEU HD21 H  N N 201 
LEU HD22 H  N N 202 
LEU HD23 H  N N 203 
LEU HXT  H  N N 204 
LYS N    N  N N 205 
LYS CA   C  N S 206 
LYS C    C  N N 207 
LYS O    O  N N 208 
LYS CB   C  N N 209 
LYS CG   C  N N 210 
LYS CD   C  N N 211 
LYS CE   C  N N 212 
LYS NZ   N  N N 213 
LYS OXT  O  N N 214 
LYS H    H  N N 215 
LYS H2   H  N N 216 
LYS HA   H  N N 217 
LYS HB2  H  N N 218 
LYS HB3  H  N N 219 
LYS HG2  H  N N 220 
LYS HG3  H  N N 221 
LYS HD2  H  N N 222 
LYS HD3  H  N N 223 
LYS HE2  H  N N 224 
LYS HE3  H  N N 225 
LYS HZ1  H  N N 226 
LYS HZ2  H  N N 227 
LYS HZ3  H  N N 228 
LYS HXT  H  N N 229 
MSE N    N  N N 230 
MSE CA   C  N S 231 
MSE C    C  N N 232 
MSE O    O  N N 233 
MSE OXT  O  N N 234 
MSE CB   C  N N 235 
MSE CG   C  N N 236 
MSE SE   SE N N 237 
MSE CE   C  N N 238 
MSE H    H  N N 239 
MSE H2   H  N N 240 
MSE HA   H  N N 241 
MSE HXT  H  N N 242 
MSE HB2  H  N N 243 
MSE HB3  H  N N 244 
MSE HG2  H  N N 245 
MSE HG3  H  N N 246 
MSE HE1  H  N N 247 
MSE HE2  H  N N 248 
MSE HE3  H  N N 249 
PHE N    N  N N 250 
PHE CA   C  N S 251 
PHE C    C  N N 252 
PHE O    O  N N 253 
PHE CB   C  N N 254 
PHE CG   C  Y N 255 
PHE CD1  C  Y N 256 
PHE CD2  C  Y N 257 
PHE CE1  C  Y N 258 
PHE CE2  C  Y N 259 
PHE CZ   C  Y N 260 
PHE OXT  O  N N 261 
PHE H    H  N N 262 
PHE H2   H  N N 263 
PHE HA   H  N N 264 
PHE HB2  H  N N 265 
PHE HB3  H  N N 266 
PHE HD1  H  N N 267 
PHE HD2  H  N N 268 
PHE HE1  H  N N 269 
PHE HE2  H  N N 270 
PHE HZ   H  N N 271 
PHE HXT  H  N N 272 
PRO N    N  N N 273 
PRO CA   C  N S 274 
PRO C    C  N N 275 
PRO O    O  N N 276 
PRO CB   C  N N 277 
PRO CG   C  N N 278 
PRO CD   C  N N 279 
PRO OXT  O  N N 280 
PRO H    H  N N 281 
PRO HA   H  N N 282 
PRO HB2  H  N N 283 
PRO HB3  H  N N 284 
PRO HG2  H  N N 285 
PRO HG3  H  N N 286 
PRO HD2  H  N N 287 
PRO HD3  H  N N 288 
PRO HXT  H  N N 289 
SER N    N  N N 290 
SER CA   C  N S 291 
SER C    C  N N 292 
SER O    O  N N 293 
SER CB   C  N N 294 
SER OG   O  N N 295 
SER OXT  O  N N 296 
SER H    H  N N 297 
SER H2   H  N N 298 
SER HA   H  N N 299 
SER HB2  H  N N 300 
SER HB3  H  N N 301 
SER HG   H  N N 302 
SER HXT  H  N N 303 
THR N    N  N N 304 
THR CA   C  N S 305 
THR C    C  N N 306 
THR O    O  N N 307 
THR CB   C  N R 308 
THR OG1  O  N N 309 
THR CG2  C  N N 310 
THR OXT  O  N N 311 
THR H    H  N N 312 
THR H2   H  N N 313 
THR HA   H  N N 314 
THR HB   H  N N 315 
THR HG1  H  N N 316 
THR HG21 H  N N 317 
THR HG22 H  N N 318 
THR HG23 H  N N 319 
THR HXT  H  N N 320 
TRP N    N  N N 321 
TRP CA   C  N S 322 
TRP C    C  N N 323 
TRP O    O  N N 324 
TRP CB   C  N N 325 
TRP CG   C  Y N 326 
TRP CD1  C  Y N 327 
TRP CD2  C  Y N 328 
TRP NE1  N  Y N 329 
TRP CE2  C  Y N 330 
TRP CE3  C  Y N 331 
TRP CZ2  C  Y N 332 
TRP CZ3  C  Y N 333 
TRP CH2  C  Y N 334 
TRP OXT  O  N N 335 
TRP H    H  N N 336 
TRP H2   H  N N 337 
TRP HA   H  N N 338 
TRP HB2  H  N N 339 
TRP HB3  H  N N 340 
TRP HD1  H  N N 341 
TRP HE1  H  N N 342 
TRP HE3  H  N N 343 
TRP HZ2  H  N N 344 
TRP HZ3  H  N N 345 
TRP HH2  H  N N 346 
TRP HXT  H  N N 347 
TYR N    N  N N 348 
TYR CA   C  N S 349 
TYR C    C  N N 350 
TYR O    O  N N 351 
TYR CB   C  N N 352 
TYR CG   C  Y N 353 
TYR CD1  C  Y N 354 
TYR CD2  C  Y N 355 
TYR CE1  C  Y N 356 
TYR CE2  C  Y N 357 
TYR CZ   C  Y N 358 
TYR OH   O  N N 359 
TYR OXT  O  N N 360 
TYR H    H  N N 361 
TYR H2   H  N N 362 
TYR HA   H  N N 363 
TYR HB2  H  N N 364 
TYR HB3  H  N N 365 
TYR HD1  H  N N 366 
TYR HD2  H  N N 367 
TYR HE1  H  N N 368 
TYR HE2  H  N N 369 
TYR HH   H  N N 370 
TYR HXT  H  N N 371 
VAL N    N  N N 372 
VAL CA   C  N S 373 
VAL C    C  N N 374 
VAL O    O  N N 375 
VAL CB   C  N N 376 
VAL CG1  C  N N 377 
VAL CG2  C  N N 378 
VAL OXT  O  N N 379 
VAL H    H  N N 380 
VAL H2   H  N N 381 
VAL HA   H  N N 382 
VAL HB   H  N N 383 
VAL HG11 H  N N 384 
VAL HG12 H  N N 385 
VAL HG13 H  N N 386 
VAL HG21 H  N N 387 
VAL HG22 H  N N 388 
VAL HG23 H  N N 389 
VAL HXT  H  N N 390 
# 
loop_
_chem_comp_bond.comp_id 
_chem_comp_bond.atom_id_1 
_chem_comp_bond.atom_id_2 
_chem_comp_bond.value_order 
_chem_comp_bond.pdbx_aromatic_flag 
_chem_comp_bond.pdbx_stereo_config 
_chem_comp_bond.pdbx_ordinal 
ALA N   CA   sing N N 1   
ALA N   H    sing N N 2   
ALA N   H2   sing N N 3   
ALA CA  C    sing N N 4   
ALA CA  CB   sing N N 5   
ALA CA  HA   sing N N 6   
ALA C   O    doub N N 7   
ALA C   OXT  sing N N 8   
ALA CB  HB1  sing N N 9   
ALA CB  HB2  sing N N 10  
ALA CB  HB3  sing N N 11  
ALA OXT HXT  sing N N 12  
ARG N   CA   sing N N 13  
ARG N   H    sing N N 14  
ARG N   H2   sing N N 15  
ARG CA  C    sing N N 16  
ARG CA  CB   sing N N 17  
ARG CA  HA   sing N N 18  
ARG C   O    doub N N 19  
ARG C   OXT  sing N N 20  
ARG CB  CG   sing N N 21  
ARG CB  HB2  sing N N 22  
ARG CB  HB3  sing N N 23  
ARG CG  CD   sing N N 24  
ARG CG  HG2  sing N N 25  
ARG CG  HG3  sing N N 26  
ARG CD  NE   sing N N 27  
ARG CD  HD2  sing N N 28  
ARG CD  HD3  sing N N 29  
ARG NE  CZ   sing N N 30  
ARG NE  HE   sing N N 31  
ARG CZ  NH1  sing N N 32  
ARG CZ  NH2  doub N N 33  
ARG NH1 HH11 sing N N 34  
ARG NH1 HH12 sing N N 35  
ARG NH2 HH21 sing N N 36  
ARG NH2 HH22 sing N N 37  
ARG OXT HXT  sing N N 38  
ASN N   CA   sing N N 39  
ASN N   H    sing N N 40  
ASN N   H2   sing N N 41  
ASN CA  C    sing N N 42  
ASN CA  CB   sing N N 43  
ASN CA  HA   sing N N 44  
ASN C   O    doub N N 45  
ASN C   OXT  sing N N 46  
ASN CB  CG   sing N N 47  
ASN CB  HB2  sing N N 48  
ASN CB  HB3  sing N N 49  
ASN CG  OD1  doub N N 50  
ASN CG  ND2  sing N N 51  
ASN ND2 HD21 sing N N 52  
ASN ND2 HD22 sing N N 53  
ASN OXT HXT  sing N N 54  
ASP N   CA   sing N N 55  
ASP N   H    sing N N 56  
ASP N   H2   sing N N 57  
ASP CA  C    sing N N 58  
ASP CA  CB   sing N N 59  
ASP CA  HA   sing N N 60  
ASP C   O    doub N N 61  
ASP C   OXT  sing N N 62  
ASP CB  CG   sing N N 63  
ASP CB  HB2  sing N N 64  
ASP CB  HB3  sing N N 65  
ASP CG  OD1  doub N N 66  
ASP CG  OD2  sing N N 67  
ASP OD2 HD2  sing N N 68  
ASP OXT HXT  sing N N 69  
CYS N   CA   sing N N 70  
CYS N   H    sing N N 71  
CYS N   H2   sing N N 72  
CYS CA  C    sing N N 73  
CYS CA  CB   sing N N 74  
CYS CA  HA   sing N N 75  
CYS C   O    doub N N 76  
CYS C   OXT  sing N N 77  
CYS CB  SG   sing N N 78  
CYS CB  HB2  sing N N 79  
CYS CB  HB3  sing N N 80  
CYS SG  HG   sing N N 81  
CYS OXT HXT  sing N N 82  
GLN N   CA   sing N N 83  
GLN N   H    sing N N 84  
GLN N   H2   sing N N 85  
GLN CA  C    sing N N 86  
GLN CA  CB   sing N N 87  
GLN CA  HA   sing N N 88  
GLN C   O    doub N N 89  
GLN C   OXT  sing N N 90  
GLN CB  CG   sing N N 91  
GLN CB  HB2  sing N N 92  
GLN CB  HB3  sing N N 93  
GLN CG  CD   sing N N 94  
GLN CG  HG2  sing N N 95  
GLN CG  HG3  sing N N 96  
GLN CD  OE1  doub N N 97  
GLN CD  NE2  sing N N 98  
GLN NE2 HE21 sing N N 99  
GLN NE2 HE22 sing N N 100 
GLN OXT HXT  sing N N 101 
GLU N   CA   sing N N 102 
GLU N   H    sing N N 103 
GLU N   H2   sing N N 104 
GLU CA  C    sing N N 105 
GLU CA  CB   sing N N 106 
GLU CA  HA   sing N N 107 
GLU C   O    doub N N 108 
GLU C   OXT  sing N N 109 
GLU CB  CG   sing N N 110 
GLU CB  HB2  sing N N 111 
GLU CB  HB3  sing N N 112 
GLU CG  CD   sing N N 113 
GLU CG  HG2  sing N N 114 
GLU CG  HG3  sing N N 115 
GLU CD  OE1  doub N N 116 
GLU CD  OE2  sing N N 117 
GLU OE2 HE2  sing N N 118 
GLU OXT HXT  sing N N 119 
GLY N   CA   sing N N 120 
GLY N   H    sing N N 121 
GLY N   H2   sing N N 122 
GLY CA  C    sing N N 123 
GLY CA  HA2  sing N N 124 
GLY CA  HA3  sing N N 125 
GLY C   O    doub N N 126 
GLY C   OXT  sing N N 127 
GLY OXT HXT  sing N N 128 
HIS N   CA   sing N N 129 
HIS N   H    sing N N 130 
HIS N   H2   sing N N 131 
HIS CA  C    sing N N 132 
HIS CA  CB   sing N N 133 
HIS CA  HA   sing N N 134 
HIS C   O    doub N N 135 
HIS C   OXT  sing N N 136 
HIS CB  CG   sing N N 137 
HIS CB  HB2  sing N N 138 
HIS CB  HB3  sing N N 139 
HIS CG  ND1  sing Y N 140 
HIS CG  CD2  doub Y N 141 
HIS ND1 CE1  doub Y N 142 
HIS ND1 HD1  sing N N 143 
HIS CD2 NE2  sing Y N 144 
HIS CD2 HD2  sing N N 145 
HIS CE1 NE2  sing Y N 146 
HIS CE1 HE1  sing N N 147 
HIS NE2 HE2  sing N N 148 
HIS OXT HXT  sing N N 149 
HOH O   H1   sing N N 150 
HOH O   H2   sing N N 151 
ILE N   CA   sing N N 152 
ILE N   H    sing N N 153 
ILE N   H2   sing N N 154 
ILE CA  C    sing N N 155 
ILE CA  CB   sing N N 156 
ILE CA  HA   sing N N 157 
ILE C   O    doub N N 158 
ILE C   OXT  sing N N 159 
ILE CB  CG1  sing N N 160 
ILE CB  CG2  sing N N 161 
ILE CB  HB   sing N N 162 
ILE CG1 CD1  sing N N 163 
ILE CG1 HG12 sing N N 164 
ILE CG1 HG13 sing N N 165 
ILE CG2 HG21 sing N N 166 
ILE CG2 HG22 sing N N 167 
ILE CG2 HG23 sing N N 168 
ILE CD1 HD11 sing N N 169 
ILE CD1 HD12 sing N N 170 
ILE CD1 HD13 sing N N 171 
ILE OXT HXT  sing N N 172 
LEU N   CA   sing N N 173 
LEU N   H    sing N N 174 
LEU N   H2   sing N N 175 
LEU CA  C    sing N N 176 
LEU CA  CB   sing N N 177 
LEU CA  HA   sing N N 178 
LEU C   O    doub N N 179 
LEU C   OXT  sing N N 180 
LEU CB  CG   sing N N 181 
LEU CB  HB2  sing N N 182 
LEU CB  HB3  sing N N 183 
LEU CG  CD1  sing N N 184 
LEU CG  CD2  sing N N 185 
LEU CG  HG   sing N N 186 
LEU CD1 HD11 sing N N 187 
LEU CD1 HD12 sing N N 188 
LEU CD1 HD13 sing N N 189 
LEU CD2 HD21 sing N N 190 
LEU CD2 HD22 sing N N 191 
LEU CD2 HD23 sing N N 192 
LEU OXT HXT  sing N N 193 
LYS N   CA   sing N N 194 
LYS N   H    sing N N 195 
LYS N   H2   sing N N 196 
LYS CA  C    sing N N 197 
LYS CA  CB   sing N N 198 
LYS CA  HA   sing N N 199 
LYS C   O    doub N N 200 
LYS C   OXT  sing N N 201 
LYS CB  CG   sing N N 202 
LYS CB  HB2  sing N N 203 
LYS CB  HB3  sing N N 204 
LYS CG  CD   sing N N 205 
LYS CG  HG2  sing N N 206 
LYS CG  HG3  sing N N 207 
LYS CD  CE   sing N N 208 
LYS CD  HD2  sing N N 209 
LYS CD  HD3  sing N N 210 
LYS CE  NZ   sing N N 211 
LYS CE  HE2  sing N N 212 
LYS CE  HE3  sing N N 213 
LYS NZ  HZ1  sing N N 214 
LYS NZ  HZ2  sing N N 215 
LYS NZ  HZ3  sing N N 216 
LYS OXT HXT  sing N N 217 
MSE N   CA   sing N N 218 
MSE N   H    sing N N 219 
MSE N   H2   sing N N 220 
MSE CA  C    sing N N 221 
MSE CA  CB   sing N N 222 
MSE CA  HA   sing N N 223 
MSE C   O    doub N N 224 
MSE C   OXT  sing N N 225 
MSE OXT HXT  sing N N 226 
MSE CB  CG   sing N N 227 
MSE CB  HB2  sing N N 228 
MSE CB  HB3  sing N N 229 
MSE CG  SE   sing N N 230 
MSE CG  HG2  sing N N 231 
MSE CG  HG3  sing N N 232 
MSE SE  CE   sing N N 233 
MSE CE  HE1  sing N N 234 
MSE CE  HE2  sing N N 235 
MSE CE  HE3  sing N N 236 
PHE N   CA   sing N N 237 
PHE N   H    sing N N 238 
PHE N   H2   sing N N 239 
PHE CA  C    sing N N 240 
PHE CA  CB   sing N N 241 
PHE CA  HA   sing N N 242 
PHE C   O    doub N N 243 
PHE C   OXT  sing N N 244 
PHE CB  CG   sing N N 245 
PHE CB  HB2  sing N N 246 
PHE CB  HB3  sing N N 247 
PHE CG  CD1  doub Y N 248 
PHE CG  CD2  sing Y N 249 
PHE CD1 CE1  sing Y N 250 
PHE CD1 HD1  sing N N 251 
PHE CD2 CE2  doub Y N 252 
PHE CD2 HD2  sing N N 253 
PHE CE1 CZ   doub Y N 254 
PHE CE1 HE1  sing N N 255 
PHE CE2 CZ   sing Y N 256 
PHE CE2 HE2  sing N N 257 
PHE CZ  HZ   sing N N 258 
PHE OXT HXT  sing N N 259 
PRO N   CA   sing N N 260 
PRO N   CD   sing N N 261 
PRO N   H    sing N N 262 
PRO CA  C    sing N N 263 
PRO CA  CB   sing N N 264 
PRO CA  HA   sing N N 265 
PRO C   O    doub N N 266 
PRO C   OXT  sing N N 267 
PRO CB  CG   sing N N 268 
PRO CB  HB2  sing N N 269 
PRO CB  HB3  sing N N 270 
PRO CG  CD   sing N N 271 
PRO CG  HG2  sing N N 272 
PRO CG  HG3  sing N N 273 
PRO CD  HD2  sing N N 274 
PRO CD  HD3  sing N N 275 
PRO OXT HXT  sing N N 276 
SER N   CA   sing N N 277 
SER N   H    sing N N 278 
SER N   H2   sing N N 279 
SER CA  C    sing N N 280 
SER CA  CB   sing N N 281 
SER CA  HA   sing N N 282 
SER C   O    doub N N 283 
SER C   OXT  sing N N 284 
SER CB  OG   sing N N 285 
SER CB  HB2  sing N N 286 
SER CB  HB3  sing N N 287 
SER OG  HG   sing N N 288 
SER OXT HXT  sing N N 289 
THR N   CA   sing N N 290 
THR N   H    sing N N 291 
THR N   H2   sing N N 292 
THR CA  C    sing N N 293 
THR CA  CB   sing N N 294 
THR CA  HA   sing N N 295 
THR C   O    doub N N 296 
THR C   OXT  sing N N 297 
THR CB  OG1  sing N N 298 
THR CB  CG2  sing N N 299 
THR CB  HB   sing N N 300 
THR OG1 HG1  sing N N 301 
THR CG2 HG21 sing N N 302 
THR CG2 HG22 sing N N 303 
THR CG2 HG23 sing N N 304 
THR OXT HXT  sing N N 305 
TRP N   CA   sing N N 306 
TRP N   H    sing N N 307 
TRP N   H2   sing N N 308 
TRP CA  C    sing N N 309 
TRP CA  CB   sing N N 310 
TRP CA  HA   sing N N 311 
TRP C   O    doub N N 312 
TRP C   OXT  sing N N 313 
TRP CB  CG   sing N N 314 
TRP CB  HB2  sing N N 315 
TRP CB  HB3  sing N N 316 
TRP CG  CD1  doub Y N 317 
TRP CG  CD2  sing Y N 318 
TRP CD1 NE1  sing Y N 319 
TRP CD1 HD1  sing N N 320 
TRP CD2 CE2  doub Y N 321 
TRP CD2 CE3  sing Y N 322 
TRP NE1 CE2  sing Y N 323 
TRP NE1 HE1  sing N N 324 
TRP CE2 CZ2  sing Y N 325 
TRP CE3 CZ3  doub Y N 326 
TRP CE3 HE3  sing N N 327 
TRP CZ2 CH2  doub Y N 328 
TRP CZ2 HZ2  sing N N 329 
TRP CZ3 CH2  sing Y N 330 
TRP CZ3 HZ3  sing N N 331 
TRP CH2 HH2  sing N N 332 
TRP OXT HXT  sing N N 333 
TYR N   CA   sing N N 334 
TYR N   H    sing N N 335 
TYR N   H2   sing N N 336 
TYR CA  C    sing N N 337 
TYR CA  CB   sing N N 338 
TYR CA  HA   sing N N 339 
TYR C   O    doub N N 340 
TYR C   OXT  sing N N 341 
TYR CB  CG   sing N N 342 
TYR CB  HB2  sing N N 343 
TYR CB  HB3  sing N N 344 
TYR CG  CD1  doub Y N 345 
TYR CG  CD2  sing Y N 346 
TYR CD1 CE1  sing Y N 347 
TYR CD1 HD1  sing N N 348 
TYR CD2 CE2  doub Y N 349 
TYR CD2 HD2  sing N N 350 
TYR CE1 CZ   doub Y N 351 
TYR CE1 HE1  sing N N 352 
TYR CE2 CZ   sing Y N 353 
TYR CE2 HE2  sing N N 354 
TYR CZ  OH   sing N N 355 
TYR OH  HH   sing N N 356 
TYR OXT HXT  sing N N 357 
VAL N   CA   sing N N 358 
VAL N   H    sing N N 359 
VAL N   H2   sing N N 360 
VAL CA  C    sing N N 361 
VAL CA  CB   sing N N 362 
VAL CA  HA   sing N N 363 
VAL C   O    doub N N 364 
VAL C   OXT  sing N N 365 
VAL CB  CG1  sing N N 366 
VAL CB  CG2  sing N N 367 
VAL CB  HB   sing N N 368 
VAL CG1 HG11 sing N N 369 
VAL CG1 HG12 sing N N 370 
VAL CG1 HG13 sing N N 371 
VAL CG2 HG21 sing N N 372 
VAL CG2 HG22 sing N N 373 
VAL CG2 HG23 sing N N 374 
VAL OXT HXT  sing N N 375 
# 
_atom_sites.entry_id                    3BS5 
_atom_sites.fract_transf_matrix[1][1]   -0.00075396 
_atom_sites.fract_transf_matrix[1][2]   -0.01936416 
_atom_sites.fract_transf_matrix[1][3]   0.00706933 
_atom_sites.fract_transf_matrix[2][1]   0.01180121 
_atom_sites.fract_transf_matrix[2][2]   -0.00494716 
_atom_sites.fract_transf_matrix[2][3]   -0.01229254 
_atom_sites.fract_transf_matrix[3][1]   0.00887518 
_atom_sites.fract_transf_matrix[3][2]   0.00241081 
_atom_sites.fract_transf_matrix[3][3]   0.00755020 
_atom_sites.fract_transf_vector[1]      -0.019877 
_atom_sites.fract_transf_vector[2]      0.035547 
_atom_sites.fract_transf_vector[3]      0.100677 
# 
loop_
_atom_type.symbol 
C  
N  
O  
S  
SE 
# 
loop_
_atom_site.group_PDB 
_atom_site.id 
_atom_site.type_symbol 
_atom_site.label_atom_id 
_atom_site.label_alt_id 
_atom_site.label_comp_id 
_atom_site.label_asym_id 
_atom_site.label_entity_id 
_atom_site.label_seq_id 
_atom_site.pdbx_PDB_ins_code 
_atom_site.Cartn_x 
_atom_site.Cartn_y 
_atom_site.Cartn_z 
_atom_site.occupancy 
_atom_site.B_iso_or_equiv 
_atom_site.pdbx_formal_charge 
_atom_site.auth_seq_id 
_atom_site.auth_comp_id 
_atom_site.auth_asym_id 
_atom_site.auth_atom_id 
_atom_site.pdbx_PDB_model_num 
ATOM   1    N  N   . PRO A 1 20  ? 17.615  -8.558  -11.007 1.00 49.17 ? 20  PRO A N   1 
ATOM   2    C  CA  . PRO A 1 20  ? 16.459  -8.831  -10.064 1.00 48.01 ? 20  PRO A CA  1 
ATOM   3    C  C   . PRO A 1 20  ? 15.804  -7.521  -9.598  1.00 46.62 ? 20  PRO A C   1 
ATOM   4    O  O   . PRO A 1 20  ? 16.273  -6.872  -8.678  1.00 46.35 ? 20  PRO A O   1 
ATOM   5    C  CB  . PRO A 1 20  ? 16.927  -9.694  -8.849  1.00 48.59 ? 20  PRO A CB  1 
ATOM   6    N  N   . LYS A 1 21  ? 14.719  -7.141  -10.265 1.00 45.32 ? 21  LYS A N   1 
ATOM   7    C  CA  . LYS A 1 21  ? 14.010  -5.880  -10.011 1.00 43.75 ? 21  LYS A CA  1 
ATOM   8    C  C   . LYS A 1 21  ? 13.571  -5.766  -8.553  1.00 41.84 ? 21  LYS A C   1 
ATOM   9    O  O   . LYS A 1 21  ? 13.053  -6.743  -7.987  1.00 41.07 ? 21  LYS A O   1 
ATOM   10   C  CB  . LYS A 1 21  ? 12.795  -5.834  -10.943 1.00 45.23 ? 21  LYS A CB  1 
ATOM   11   C  CG  . LYS A 1 21  ? 12.087  -4.505  -11.117 1.00 44.90 ? 21  LYS A CG  1 
ATOM   12   C  CD  . LYS A 1 21  ? 10.720  -4.852  -11.687 1.00 46.08 ? 21  LYS A CD  1 
ATOM   13   C  CE  . LYS A 1 21  ? 10.190  -3.827  -12.654 1.00 48.49 ? 21  LYS A CE  1 
ATOM   14   N  NZ  . LYS A 1 21  ? 8.967   -4.344  -13.395 1.00 47.01 ? 21  LYS A NZ  1 
ATOM   15   N  N   . ALA A 1 22  ? 13.806  -4.595  -7.952  1.00 38.91 ? 22  ALA A N   1 
ATOM   16   C  CA  . ALA A 1 22  ? 13.468  -4.327  -6.555  1.00 37.44 ? 22  ALA A CA  1 
ATOM   17   C  C   . ALA A 1 22  ? 11.954  -4.263  -6.322  1.00 36.34 ? 22  ALA A C   1 
ATOM   18   O  O   . ALA A 1 22  ? 11.231  -3.739  -7.156  1.00 35.74 ? 22  ALA A O   1 
ATOM   19   C  CB  . ALA A 1 22  ? 14.091  -3.038  -6.096  1.00 38.19 ? 22  ALA A CB  1 
ATOM   20   N  N   . VAL A 1 23  ? 11.501  -4.746  -5.164  1.00 34.98 ? 23  VAL A N   1 
ATOM   21   C  CA  . VAL A 1 23  ? 10.062  -4.963  -4.956  1.00 33.15 ? 23  VAL A CA  1 
ATOM   22   C  C   . VAL A 1 23  ? 9.273   -3.674  -5.087  1.00 32.87 ? 23  VAL A C   1 
ATOM   23   O  O   . VAL A 1 23  ? 8.217   -3.677  -5.689  1.00 31.13 ? 23  VAL A O   1 
ATOM   24   C  CB  . VAL A 1 23  ? 9.762   -5.675  -3.627  1.00 33.52 ? 23  VAL A CB  1 
ATOM   25   C  CG1 . VAL A 1 23  ? 8.237   -5.716  -3.360  1.00 30.62 ? 23  VAL A CG1 1 
ATOM   26   C  CG2 . VAL A 1 23  ? 10.296  -7.099  -3.715  1.00 31.47 ? 23  VAL A CG2 1 
ATOM   27   N  N   . TYR A 1 24  ? 9.804   -2.568  -4.561  1.00 33.22 ? 24  TYR A N   1 
ATOM   28   C  CA  . TYR A 1 24  ? 9.146   -1.248  -4.710  1.00 34.13 ? 24  TYR A CA  1 
ATOM   29   C  C   . TYR A 1 24  ? 8.769   -0.870  -6.126  1.00 34.78 ? 24  TYR A C   1 
ATOM   30   O  O   . TYR A 1 24  ? 7.886   -0.044  -6.315  1.00 35.87 ? 24  TYR A O   1 
ATOM   31   C  CB  . TYR A 1 24  ? 9.969   -0.123  -4.040  1.00 35.44 ? 24  TYR A CB  1 
ATOM   32   N  N   . LEU A 1 25  ? 9.378   -1.514  -7.122  1.00 35.44 ? 25  LEU A N   1 
ATOM   33   C  CA  . LEU A 1 25  ? 9.156   -1.213  -8.534  1.00 35.50 ? 25  LEU A CA  1 
ATOM   34   C  C   . LEU A 1 25  ? 8.220   -2.204  -9.194  1.00 34.86 ? 25  LEU A C   1 
ATOM   35   O  O   . LEU A 1 25  ? 7.846   -2.045  -10.372 1.00 35.42 ? 25  LEU A O   1 
ATOM   36   C  CB  . LEU A 1 25  ? 10.505  -1.245  -9.289  1.00 36.57 ? 25  LEU A CB  1 
ATOM   37   C  CG  . LEU A 1 25  ? 11.613  -0.307  -8.796  1.00 40.43 ? 25  LEU A CG  1 
ATOM   38   C  CD1 . LEU A 1 25  ? 12.879  -0.462  -9.656  1.00 43.10 ? 25  LEU A CD1 1 
ATOM   39   C  CD2 . LEU A 1 25  ? 11.116  1.159   -8.814  1.00 43.61 ? 25  LEU A CD2 1 
ATOM   40   N  N   . TRP A 1 26  ? 7.858   -3.255  -8.460  1.00 32.58 ? 26  TRP A N   1 
ATOM   41   C  CA  . TRP A 1 26  ? 6.981   -4.281  -8.989  1.00 30.77 ? 26  TRP A CA  1 
ATOM   42   C  C   . TRP A 1 26  ? 5.612   -3.726  -9.319  1.00 29.59 ? 26  TRP A C   1 
ATOM   43   O  O   . TRP A 1 26  ? 4.986   -3.023  -8.523  1.00 29.00 ? 26  TRP A O   1 
ATOM   44   C  CB  . TRP A 1 26  ? 6.801   -5.447  -7.982  1.00 30.17 ? 26  TRP A CB  1 
ATOM   45   C  CG  . TRP A 1 26  ? 8.008   -6.340  -7.852  1.00 30.41 ? 26  TRP A CG  1 
ATOM   46   C  CD1 . TRP A 1 26  ? 9.279   -6.106  -8.342  1.00 32.00 ? 26  TRP A CD1 1 
ATOM   47   C  CD2 . TRP A 1 26  ? 8.075   -7.574  -7.136  1.00 31.02 ? 26  TRP A CD2 1 
ATOM   48   N  NE1 . TRP A 1 26  ? 10.119  -7.157  -8.008  1.00 32.17 ? 26  TRP A NE1 1 
ATOM   49   C  CE2 . TRP A 1 26  ? 9.412   -8.062  -7.252  1.00 31.49 ? 26  TRP A CE2 1 
ATOM   50   C  CE3 . TRP A 1 26  ? 7.140   -8.321  -6.400  1.00 27.68 ? 26  TRP A CE3 1 
ATOM   51   C  CZ2 . TRP A 1 26  ? 9.831   -9.263  -6.657  1.00 29.10 ? 26  TRP A CZ2 1 
ATOM   52   C  CZ3 . TRP A 1 26  ? 7.567   -9.520  -5.800  1.00 28.54 ? 26  TRP A CZ3 1 
ATOM   53   C  CH2 . TRP A 1 26  ? 8.907   -9.973  -5.949  1.00 28.91 ? 26  TRP A CH2 1 
ATOM   54   N  N   . THR A 1 27  ? 5.160   -4.108  -10.496 1.00 30.89 ? 27  THR A N   1 
ATOM   55   C  CA  . THR A 1 27  ? 3.797   -3.876  -10.956 1.00 31.05 ? 27  THR A CA  1 
ATOM   56   C  C   . THR A 1 27  ? 2.965   -5.014  -10.381 1.00 30.62 ? 27  THR A C   1 
ATOM   57   O  O   . THR A 1 27  ? 3.527   -5.978  -9.843  1.00 31.14 ? 27  THR A O   1 
ATOM   58   C  CB  . THR A 1 27  ? 3.742   -3.971  -12.495 1.00 29.89 ? 27  THR A CB  1 
ATOM   59   O  OG1 . THR A 1 27  ? 4.108   -5.293  -12.930 1.00 28.28 ? 27  THR A OG1 1 
ATOM   60   C  CG2 . THR A 1 27  ? 4.668   -2.887  -13.146 1.00 31.86 ? 27  THR A CG2 1 
ATOM   61   N  N   . VAL A 1 28  ? 1.646   -4.923  -10.500 1.00 30.86 ? 28  VAL A N   1 
ATOM   62   C  CA  . VAL A 1 28  ? 0.763   -6.024  -10.124 1.00 31.52 ? 28  VAL A CA  1 
ATOM   63   C  C   . VAL A 1 28  ? 1.138   -7.305  -10.899 1.00 31.88 ? 28  VAL A C   1 
ATOM   64   O  O   . VAL A 1 28  ? 1.086   -8.428  -10.362 1.00 29.13 ? 28  VAL A O   1 
ATOM   65   C  CB  . VAL A 1 28  ? -0.763  -5.685  -10.323 1.00 32.41 ? 28  VAL A CB  1 
ATOM   66   C  CG1 . VAL A 1 28  ? -1.068  -5.366  -11.771 1.00 34.68 ? 28  VAL A CG1 1 
ATOM   67   C  CG2 . VAL A 1 28  ? -1.606  -6.881  -9.944  1.00 33.20 ? 28  VAL A CG2 1 
ATOM   68   N  N   . SER A 1 29  ? 1.566   -7.137  -12.154 1.00 31.38 ? 29  SER A N   1 
ATOM   69   C  CA  . SER A 1 29  ? 2.034   -8.307  -12.919 1.00 32.57 ? 29  SER A CA  1 
ATOM   70   C  C   . SER A 1 29  ? 3.218   -9.005  -12.292 1.00 29.41 ? 29  SER A C   1 
ATOM   71   O  O   . SER A 1 29  ? 3.239   -10.225 -12.214 1.00 29.96 ? 29  SER A O   1 
ATOM   72   C  CB  . SER A 1 29  ? 2.321   -7.975  -14.395 1.00 32.21 ? 29  SER A CB  1 
ATOM   73   O  OG  . SER A 1 29  ? 1.058   -7.909  -15.025 1.00 38.76 ? 29  SER A OG  1 
ATOM   74   N  N   . ASP A 1 30  ? 4.189   -8.225  -11.848 1.00 30.19 ? 30  ASP A N   1 
ATOM   75   C  CA  . ASP A 1 30  ? 5.375   -8.775  -11.153 1.00 29.38 ? 30  ASP A CA  1 
ATOM   76   C  C   . ASP A 1 30  ? 4.947   -9.451  -9.838  1.00 28.26 ? 30  ASP A C   1 
ATOM   77   O  O   . ASP A 1 30  ? 5.526   -10.482 -9.437  1.00 28.10 ? 30  ASP A O   1 
ATOM   78   C  CB  . ASP A 1 30  ? 6.350   -7.663  -10.808 1.00 29.53 ? 30  ASP A CB  1 
ATOM   79   C  CG  . ASP A 1 30  ? 6.998   -7.018  -12.041 1.00 34.67 ? 30  ASP A CG  1 
ATOM   80   O  OD1 . ASP A 1 30  ? 7.244   -7.728  -13.044 1.00 40.85 ? 30  ASP A OD1 1 
ATOM   81   O  OD2 . ASP A 1 30  ? 7.261   -5.794  -11.984 1.00 34.81 ? 30  ASP A OD2 1 
ATOM   82   N  N   . VAL A 1 31  ? 3.976   -8.847  -9.142  1.00 27.04 ? 31  VAL A N   1 
ATOM   83   C  CA  . VAL A 1 31  ? 3.416   -9.479  -7.928  1.00 26.00 ? 31  VAL A CA  1 
ATOM   84   C  C   . VAL A 1 31  ? 2.777   -10.842 -8.200  1.00 26.33 ? 31  VAL A C   1 
ATOM   85   O  O   . VAL A 1 31  ? 3.019   -11.794 -7.465  1.00 26.80 ? 31  VAL A O   1 
ATOM   86   C  CB  . VAL A 1 31  ? 2.469   -8.533  -7.150  1.00 26.54 ? 31  VAL A CB  1 
ATOM   87   C  CG1 . VAL A 1 31  ? 1.756   -9.309  -5.972  1.00 23.30 ? 31  VAL A CG1 1 
ATOM   88   C  CG2 . VAL A 1 31  ? 3.284   -7.319  -6.624  1.00 23.18 ? 31  VAL A CG2 1 
ATOM   89   N  N   . LEU A 1 32  ? 2.010   -10.973 -9.284  1.00 26.64 ? 32  LEU A N   1 
ATOM   90   C  CA  . LEU A 1 32  ? 1.356   -12.269 -9.586  1.00 27.65 ? 32  LEU A CA  1 
ATOM   91   C  C   . LEU A 1 32  ? 2.358   -13.323 -10.021 1.00 26.78 ? 32  LEU A C   1 
ATOM   92   O  O   . LEU A 1 32  ? 2.161   -14.482 -9.758  1.00 27.40 ? 32  LEU A O   1 
ATOM   93   C  CB  . LEU A 1 32  ? 0.230   -12.153 -10.652 1.00 27.29 ? 32  LEU A CB  1 
ATOM   94   C  CG  . LEU A 1 32  ? -0.915  -11.127 -10.506 1.00 29.36 ? 32  LEU A CG  1 
ATOM   95   C  CD1 . LEU A 1 32  ? -1.844  -11.256 -11.738 1.00 31.01 ? 32  LEU A CD1 1 
ATOM   96   C  CD2 . LEU A 1 32  ? -1.690  -11.421 -9.253  1.00 27.89 ? 32  LEU A CD2 1 
ATOM   97   N  N   . LYS A 1 33  ? 3.411   -12.914 -10.699 1.00 28.33 ? 33  LYS A N   1 
ATOM   98   C  CA  . LYS A 1 33  ? 4.524   -13.833 -11.037 1.00 30.09 ? 33  LYS A CA  1 
ATOM   99   C  C   . LYS A 1 33  ? 5.194   -14.339 -9.749  1.00 28.30 ? 33  LYS A C   1 
ATOM   100  O  O   . LYS A 1 33  ? 5.350   -15.563 -9.539  1.00 27.48 ? 33  LYS A O   1 
ATOM   101  C  CB  . LYS A 1 33  ? 5.540   -13.086 -11.919 1.00 31.37 ? 33  LYS A CB  1 
ATOM   102  C  CG  . LYS A 1 33  ? 6.717   -13.917 -12.420 1.00 32.85 ? 33  LYS A CG  1 
ATOM   103  C  CD  . LYS A 1 33  ? 7.897   -12.982 -12.828 1.00 35.47 ? 33  LYS A CD  1 
ATOM   104  C  CE  . LYS A 1 33  ? 7.729   -12.424 -14.251 1.00 43.99 ? 33  LYS A CE  1 
ATOM   105  N  NZ  . LYS A 1 33  ? 9.060   -12.153 -14.913 1.00 48.74 ? 33  LYS A NZ  1 
ATOM   106  N  N   . TRP A 1 34  ? 5.550   -13.387 -8.875  1.00 27.14 ? 34  TRP A N   1 
ATOM   107  C  CA  . TRP A 1 34  ? 5.994   -13.711 -7.498  1.00 25.21 ? 34  TRP A CA  1 
ATOM   108  C  C   . TRP A 1 34  ? 5.057   -14.712 -6.843  1.00 23.41 ? 34  TRP A C   1 
ATOM   109  O  O   . TRP A 1 34  ? 5.486   -15.774 -6.396  1.00 23.68 ? 34  TRP A O   1 
ATOM   110  C  CB  . TRP A 1 34  ? 6.182   -12.433 -6.606  1.00 23.96 ? 34  TRP A CB  1 
ATOM   111  C  CG  . TRP A 1 34  ? 6.410   -12.825 -5.178  1.00 25.94 ? 34  TRP A CG  1 
ATOM   112  C  CD1 . TRP A 1 34  ? 7.590   -13.229 -4.615  1.00 25.55 ? 34  TRP A CD1 1 
ATOM   113  C  CD2 . TRP A 1 34  ? 5.414   -12.904 -4.134  1.00 26.86 ? 34  TRP A CD2 1 
ATOM   114  N  NE1 . TRP A 1 34  ? 7.380   -13.582 -3.284  1.00 26.33 ? 34  TRP A NE1 1 
ATOM   115  C  CE2 . TRP A 1 34  ? 6.060   -13.380 -2.969  1.00 28.00 ? 34  TRP A CE2 1 
ATOM   116  C  CE3 . TRP A 1 34  ? 4.041   -12.626 -4.079  1.00 27.91 ? 34  TRP A CE3 1 
ATOM   117  C  CZ2 . TRP A 1 34  ? 5.380   -13.573 -1.771  1.00 25.65 ? 34  TRP A CZ2 1 
ATOM   118  C  CZ3 . TRP A 1 34  ? 3.370   -12.808 -2.871  1.00 26.03 ? 34  TRP A CZ3 1 
ATOM   119  C  CH2 . TRP A 1 34  ? 4.042   -13.298 -1.748  1.00 25.33 ? 34  TRP A CH2 1 
ATOM   120  N  N   . TYR A 1 35  ? 3.765   -14.411 -6.795  1.00 23.80 ? 35  TYR A N   1 
ATOM   121  C  CA  . TYR A 1 35  ? 2.794   -15.284 -6.133  1.00 24.81 ? 35  TYR A CA  1 
ATOM   122  C  C   . TYR A 1 35  ? 2.797   -16.711 -6.698  1.00 27.08 ? 35  TYR A C   1 
ATOM   123  O  O   . TYR A 1 35  ? 2.684   -17.701 -5.959  1.00 27.50 ? 35  TYR A O   1 
ATOM   124  C  CB  . TYR A 1 35  ? 1.362   -14.714 -6.270  1.00 24.65 ? 35  TYR A CB  1 
ATOM   125  C  CG  . TYR A 1 35  ? 0.381   -15.435 -5.409  1.00 24.91 ? 35  TYR A CG  1 
ATOM   126  C  CD1 . TYR A 1 35  ? 0.198   -15.062 -4.067  1.00 23.68 ? 35  TYR A CD1 1 
ATOM   127  C  CD2 . TYR A 1 35  ? -0.367  -16.523 -5.911  1.00 23.14 ? 35  TYR A CD2 1 
ATOM   128  C  CE1 . TYR A 1 35  ? -0.645  -15.778 -3.272  1.00 24.70 ? 35  TYR A CE1 1 
ATOM   129  C  CE2 . TYR A 1 35  ? -1.214  -17.231 -5.127  1.00 20.29 ? 35  TYR A CE2 1 
ATOM   130  C  CZ  . TYR A 1 35  ? -1.379  -16.837 -3.799  1.00 24.68 ? 35  TYR A CZ  1 
ATOM   131  O  OH  . TYR A 1 35  ? -2.241  -17.488 -2.948  1.00 24.00 ? 35  TYR A OH  1 
ATOM   132  N  N   . ARG A 1 36  ? 2.831   -16.809 -8.020  1.00 29.21 ? 36  ARG A N   1 
ATOM   133  C  CA  . ARG A 1 36  ? 2.798   -18.131 -8.653  1.00 31.32 ? 36  ARG A CA  1 
ATOM   134  C  C   . ARG A 1 36  ? 4.045   -18.939 -8.300  1.00 31.31 ? 36  ARG A C   1 
ATOM   135  O  O   . ARG A 1 36  ? 3.953   -20.126 -8.042  1.00 32.10 ? 36  ARG A O   1 
ATOM   136  C  CB  . ARG A 1 36  ? 2.631   -17.974 -10.158 1.00 31.66 ? 36  ARG A CB  1 
ATOM   137  C  CG  . ARG A 1 36  ? 1.203   -17.653 -10.519 1.00 35.14 ? 36  ARG A CG  1 
ATOM   138  C  CD  . ARG A 1 36  ? 0.967   -17.727 -12.046 1.00 38.86 ? 36  ARG A CD  1 
ATOM   139  N  NE  . ARG A 1 36  ? 1.863   -16.834 -12.767 1.00 40.01 ? 36  ARG A NE  1 
ATOM   140  C  CZ  . ARG A 1 36  ? 1.547   -15.588 -13.080 1.00 40.16 ? 36  ARG A CZ  1 
ATOM   141  N  NH1 . ARG A 1 36  ? 0.375   -15.118 -12.725 1.00 40.73 ? 36  ARG A NH1 1 
ATOM   142  N  NH2 . ARG A 1 36  ? 2.391   -14.824 -13.752 1.00 41.27 ? 36  ARG A NH2 1 
ATOM   143  N  N   . ARG A 1 37  ? 5.190   -18.275 -8.258  1.00 32.74 ? 37  ARG A N   1 
ATOM   144  C  CA  . ARG A 1 37  ? 6.456   -18.933 -7.931  1.00 34.20 ? 37  ARG A CA  1 
ATOM   145  C  C   . ARG A 1 37  ? 6.521   -19.463 -6.483  1.00 34.18 ? 37  ARG A C   1 
ATOM   146  O  O   . ARG A 1 37  ? 6.917   -20.608 -6.237  1.00 33.70 ? 37  ARG A O   1 
ATOM   147  C  CB  . ARG A 1 37  ? 7.606   -17.959 -8.203  1.00 35.14 ? 37  ARG A CB  1 
ATOM   148  C  CG  . ARG A 1 37  ? 8.958   -18.638 -8.224  1.00 39.59 ? 37  ARG A CG  1 
ATOM   149  C  CD  . ARG A 1 37  ? 10.102  -17.641 -8.316  1.00 46.86 ? 37  ARG A CD  1 
ATOM   150  N  NE  . ARG A 1 37  ? 11.361  -18.372 -8.454  1.00 53.91 ? 37  ARG A NE  1 
ATOM   151  C  CZ  . ARG A 1 37  ? 12.557  -17.942 -8.063  1.00 57.38 ? 37  ARG A CZ  1 
ATOM   152  N  NH1 . ARG A 1 37  ? 12.705  -16.748 -7.481  1.00 56.29 ? 37  ARG A NH1 1 
ATOM   153  N  NH2 . ARG A 1 37  ? 13.620  -18.728 -8.261  1.00 59.06 ? 37  ARG A NH2 1 
ATOM   154  N  N   . HIS A 1 38  ? 6.093   -18.637 -5.524  1.00 32.47 ? 38  HIS A N   1 
ATOM   155  C  CA  . HIS A 1 38  ? 6.249   -18.940 -4.115  1.00 31.91 ? 38  HIS A CA  1 
ATOM   156  C  C   . HIS A 1 38  ? 5.004   -19.433 -3.407  1.00 31.63 ? 38  HIS A C   1 
ATOM   157  O  O   . HIS A 1 38  ? 5.098   -20.174 -2.418  1.00 31.62 ? 38  HIS A O   1 
ATOM   158  C  CB  . HIS A 1 38  ? 6.807   -17.686 -3.413  1.00 31.49 ? 38  HIS A CB  1 
ATOM   159  C  CG  . HIS A 1 38  ? 8.152   -17.294 -3.924  1.00 33.27 ? 38  HIS A CG  1 
ATOM   160  N  ND1 . HIS A 1 38  ? 9.319   -17.859 -3.455  1.00 34.93 ? 38  HIS A ND1 1 
ATOM   161  C  CD2 . HIS A 1 38  ? 8.515   -16.459 -4.926  1.00 35.32 ? 38  HIS A CD2 1 
ATOM   162  C  CE1 . HIS A 1 38  ? 10.344  -17.358 -4.119  1.00 36.23 ? 38  HIS A CE1 1 
ATOM   163  N  NE2 . HIS A 1 38  ? 9.883   -16.508 -5.015  1.00 35.15 ? 38  HIS A NE2 1 
ATOM   164  N  N   . CYS A 1 39  ? 3.837   -18.992 -3.878  1.00 31.48 ? 39  CYS A N   1 
ATOM   165  C  CA  . CYS A 1 39  ? 2.565   -19.356 -3.261  1.00 31.13 ? 39  CYS A CA  1 
ATOM   166  C  C   . CYS A 1 39  ? 1.750   -20.207 -4.216  1.00 32.73 ? 39  CYS A C   1 
ATOM   167  O  O   . CYS A 1 39  ? 0.535   -20.317 -4.074  1.00 31.01 ? 39  CYS A O   1 
ATOM   168  C  CB  . CYS A 1 39  ? 1.792   -18.107 -2.897  1.00 31.01 ? 39  CYS A CB  1 
ATOM   169  S  SG  . CYS A 1 39  ? 2.698   -17.066 -1.683  1.00 28.90 ? 39  CYS A SG  1 
ATOM   170  N  N   . GLY A 1 40  ? 2.458   -20.817 -5.170  1.00 33.28 ? 40  GLY A N   1 
ATOM   171  C  CA  . GLY A 1 40  ? 1.867   -21.672 -6.205  1.00 36.19 ? 40  GLY A CA  1 
ATOM   172  C  C   . GLY A 1 40  ? 0.870   -22.733 -5.791  1.00 36.01 ? 40  GLY A C   1 
ATOM   173  O  O   . GLY A 1 40  ? -0.081  -23.023 -6.524  1.00 38.21 ? 40  GLY A O   1 
ATOM   174  N  N   . GLU A 1 41  ? 1.089   -23.329 -4.642  1.00 36.20 ? 41  GLU A N   1 
ATOM   175  C  CA  . GLU A 1 41  ? 0.149   -24.283 -4.087  1.00 35.94 ? 41  GLU A CA  1 
ATOM   176  C  C   . GLU A 1 41  ? -1.187  -23.656 -3.665  1.00 36.63 ? 41  GLU A C   1 
ATOM   177  O  O   . GLU A 1 41  ? -2.167  -24.370 -3.474  1.00 36.25 ? 41  GLU A O   1 
ATOM   178  C  CB  . GLU A 1 41  ? 0.797   -25.036 -2.928  1.00 36.64 ? 41  GLU A CB  1 
ATOM   179  N  N   . TYR A 1 42  ? -1.239  -22.320 -3.548  1.00 36.30 ? 42  TYR A N   1 
ATOM   180  C  CA  . TYR A 1 42  ? -2.436  -21.567 -3.054  1.00 35.56 ? 42  TYR A CA  1 
ATOM   181  C  C   . TYR A 1 42  ? -2.979  -20.712 -4.218  1.00 35.78 ? 42  TYR A C   1 
ATOM   182  O  O   . TYR A 1 42  ? -3.377  -19.566 -4.089  1.00 33.33 ? 42  TYR A O   1 
ATOM   183  C  CB  . TYR A 1 42  ? -2.066  -20.698 -1.813  1.00 34.77 ? 42  TYR A CB  1 
ATOM   184  C  CG  . TYR A 1 42  ? -1.441  -21.531 -0.712  1.00 33.59 ? 42  TYR A CG  1 
ATOM   185  C  CD1 . TYR A 1 42  ? -2.245  -22.175 0.237   1.00 33.71 ? 42  TYR A CD1 1 
ATOM   186  C  CD2 . TYR A 1 42  ? -0.061  -21.747 -0.663  1.00 32.73 ? 42  TYR A CD2 1 
ATOM   187  C  CE1 . TYR A 1 42  ? -1.677  -22.996 1.248   1.00 35.22 ? 42  TYR A CE1 1 
ATOM   188  C  CE2 . TYR A 1 42  ? 0.531   -22.545 0.359   1.00 33.43 ? 42  TYR A CE2 1 
ATOM   189  C  CZ  . TYR A 1 42  ? -0.299  -23.170 1.302   1.00 34.79 ? 42  TYR A CZ  1 
ATOM   190  O  OH  . TYR A 1 42  ? 0.223   -23.990 2.291   1.00 34.44 ? 42  TYR A OH  1 
ATOM   191  N  N   . THR A 1 43  ? -3.014  -21.323 -5.388  1.00 37.01 ? 43  THR A N   1 
ATOM   192  C  CA  . THR A 1 43  ? -3.371  -20.627 -6.611  1.00 38.04 ? 43  THR A CA  1 
ATOM   193  C  C   . THR A 1 43  ? -4.794  -20.039 -6.617  1.00 37.46 ? 43  THR A C   1 
ATOM   194  O  O   . THR A 1 43  ? -5.095  -19.159 -7.419  1.00 38.56 ? 43  THR A O   1 
ATOM   195  C  CB  . THR A 1 43  ? -3.184  -21.566 -7.803  1.00 38.63 ? 43  THR A CB  1 
ATOM   196  O  OG1 . THR A 1 43  ? -3.217  -20.802 -9.007  1.00 41.87 ? 43  THR A OG1 1 
ATOM   197  C  CG2 . THR A 1 43  ? -4.298  -22.627 -7.813  1.00 41.18 ? 43  THR A CG2 1 
ATOM   198  N  N   . GLN A 1 44  ? -5.659  -20.499 -5.731  1.00 37.02 ? 44  GLN A N   1 
ATOM   199  C  CA  . GLN A 1 44  ? -7.010  -19.944 -5.656  1.00 37.48 ? 44  GLN A CA  1 
ATOM   200  C  C   . GLN A 1 44  ? -7.100  -18.503 -5.100  1.00 36.39 ? 44  GLN A C   1 
ATOM   201  O  O   . GLN A 1 44  ? -8.164  -17.879 -5.174  1.00 36.83 ? 44  GLN A O   1 
ATOM   202  C  CB  . GLN A 1 44  ? -7.949  -20.872 -4.872  1.00 38.26 ? 44  GLN A CB  1 
ATOM   203  C  CG  . GLN A 1 44  ? -7.738  -20.924 -3.368  1.00 41.92 ? 44  GLN A CG  1 
ATOM   204  C  CD  . GLN A 1 44  ? -6.686  -21.940 -2.919  1.00 43.47 ? 44  GLN A CD  1 
ATOM   205  O  OE1 . GLN A 1 44  ? -6.687  -22.362 -1.772  1.00 49.13 ? 44  GLN A OE1 1 
ATOM   206  N  NE2 . GLN A 1 44  ? -5.785  -22.311 -3.801  1.00 45.54 ? 44  GLN A NE2 1 
ATOM   207  N  N   . TYR A 1 45  ? -6.017  -17.987 -4.527  1.00 33.20 ? 45  TYR A N   1 
ATOM   208  C  CA  . TYR A 1 45  ? -6.061  -16.637 -3.993  1.00 31.54 ? 45  TYR A CA  1 
ATOM   209  C  C   . TYR A 1 45  ? -5.342  -15.678 -4.897  1.00 31.12 ? 45  TYR A C   1 
ATOM   210  O  O   . TYR A 1 45  ? -5.348  -14.478 -4.634  1.00 29.86 ? 45  TYR A O   1 
ATOM   211  C  CB  . TYR A 1 45  ? -5.440  -16.585 -2.607  1.00 32.31 ? 45  TYR A CB  1 
ATOM   212  C  CG  . TYR A 1 45  ? -6.064  -17.537 -1.601  1.00 30.95 ? 45  TYR A CG  1 
ATOM   213  C  CD1 . TYR A 1 45  ? -7.367  -17.338 -1.127  1.00 32.71 ? 45  TYR A CD1 1 
ATOM   214  C  CD2 . TYR A 1 45  ? -5.356  -18.634 -1.140  1.00 31.18 ? 45  TYR A CD2 1 
ATOM   215  C  CE1 . TYR A 1 45  ? -7.932  -18.218 -0.190  1.00 32.95 ? 45  TYR A CE1 1 
ATOM   216  C  CE2 . TYR A 1 45  ? -5.902  -19.518 -0.197  1.00 31.67 ? 45  TYR A CE2 1 
ATOM   217  C  CZ  . TYR A 1 45  ? -7.181  -19.304 0.260   1.00 32.48 ? 45  TYR A CZ  1 
ATOM   218  O  OH  . TYR A 1 45  ? -7.712  -20.158 1.192   1.00 35.37 ? 45  TYR A OH  1 
ATOM   219  N  N   . GLU A 1 46  ? -4.708  -16.212 -5.951  1.00 29.68 ? 46  GLU A N   1 
ATOM   220  C  CA  . GLU A 1 46  ? -3.919  -15.403 -6.884  1.00 30.26 ? 46  GLU A CA  1 
ATOM   221  C  C   . GLU A 1 46  ? -4.694  -14.198 -7.423  1.00 30.39 ? 46  GLU A C   1 
ATOM   222  O  O   . GLU A 1 46  ? -4.176  -13.043 -7.511  1.00 28.54 ? 46  GLU A O   1 
ATOM   223  C  CB  . GLU A 1 46  ? -3.396  -16.291 -8.020  1.00 29.67 ? 46  GLU A CB  1 
ATOM   224  C  CG  . GLU A 1 46  ? -2.604  -15.528 -9.048  1.00 34.97 ? 46  GLU A CG  1 
ATOM   225  C  CD  . GLU A 1 46  ? -2.163  -16.418 -10.199 1.00 40.27 ? 46  GLU A CD  1 
ATOM   226  O  OE1 . GLU A 1 46  ? -2.173  -17.659 -10.016 1.00 46.69 ? 46  GLU A OE1 1 
ATOM   227  O  OE2 . GLU A 1 46  ? -1.795  -15.872 -11.253 1.00 41.87 ? 46  GLU A OE2 1 
ATOM   228  N  N   . GLN A 1 47  ? -5.961  -14.439 -7.770  1.00 30.80 ? 47  GLN A N   1 
ATOM   229  C  CA  . GLN A 1 47  ? -6.757  -13.364 -8.349  1.00 31.37 ? 47  GLN A CA  1 
ATOM   230  C  C   . GLN A 1 47  ? -7.201  -12.294 -7.365  1.00 28.98 ? 47  GLN A C   1 
ATOM   231  O  O   . GLN A 1 47  ? -7.520  -11.221 -7.799  1.00 29.13 ? 47  GLN A O   1 
ATOM   232  C  CB  . GLN A 1 47  ? -7.961  -13.899 -9.119  1.00 33.09 ? 47  GLN A CB  1 
ATOM   233  C  CG  . GLN A 1 47  ? -7.561  -14.521 -10.522 1.00 40.00 ? 47  GLN A CG  1 
ATOM   234  C  CD  . GLN A 1 47  ? -6.572  -13.680 -11.355 1.00 45.50 ? 47  GLN A CD  1 
ATOM   235  O  OE1 . GLN A 1 47  ? -5.388  -14.058 -11.537 1.00 46.61 ? 47  GLN A OE1 1 
ATOM   236  N  NE2 . GLN A 1 47  ? -7.059  -12.558 -11.887 1.00 46.96 ? 47  GLN A NE2 1 
ATOM   237  N  N   . LEU A 1 48  ? -7.217  -12.571 -6.068  1.00 28.24 ? 48  LEU A N   1 
ATOM   238  C  CA  . LEU A 1 48  ? -7.354  -11.485 -5.043  1.00 28.57 ? 48  LEU A CA  1 
ATOM   239  C  C   . LEU A 1 48  ? -6.277  -10.394 -5.148  1.00 27.81 ? 48  LEU A C   1 
ATOM   240  O  O   . LEU A 1 48  ? -6.552  -9.206  -4.930  1.00 25.83 ? 48  LEU A O   1 
ATOM   241  C  CB  . LEU A 1 48  ? -7.329  -12.039 -3.628  1.00 28.58 ? 48  LEU A CB  1 
ATOM   242  C  CG  . LEU A 1 48  ? -8.337  -13.156 -3.328  1.00 31.45 ? 48  LEU A CG  1 
ATOM   243  C  CD1 . LEU A 1 48  ? -8.191  -13.600 -1.880  1.00 30.02 ? 48  LEU A CD1 1 
ATOM   244  C  CD2 . LEU A 1 48  ? -9.773  -12.671 -3.643  1.00 32.80 ? 48  LEU A CD2 1 
ATOM   245  N  N   . PHE A 1 49  ? -5.047  -10.811 -5.456  1.00 26.80 ? 49  PHE A N   1 
ATOM   246  C  CA  . PHE A 1 49  ? -3.935  -9.854  -5.591  1.00 26.38 ? 49  PHE A CA  1 
ATOM   247  C  C   . PHE A 1 49  ? -4.177  -8.978  -6.820  1.00 26.81 ? 49  PHE A C   1 
ATOM   248  O  O   . PHE A 1 49  ? -3.888  -7.776  -6.803  1.00 26.00 ? 49  PHE A O   1 
ATOM   249  C  CB  . PHE A 1 49  ? -2.593  -10.609 -5.643  1.00 25.74 ? 49  PHE A CB  1 
ATOM   250  C  CG  . PHE A 1 49  ? -2.136  -11.119 -4.270  1.00 24.99 ? 49  PHE A CG  1 
ATOM   251  C  CD1 . PHE A 1 49  ? -1.166  -10.425 -3.532  1.00 24.96 ? 49  PHE A CD1 1 
ATOM   252  C  CD2 . PHE A 1 49  ? -2.697  -12.260 -3.710  1.00 26.56 ? 49  PHE A CD2 1 
ATOM   253  C  CE1 . PHE A 1 49  ? -0.748  -10.873 -2.248  1.00 22.09 ? 49  PHE A CE1 1 
ATOM   254  C  CE2 . PHE A 1 49  ? -2.297  -12.696 -2.446  1.00 26.66 ? 49  PHE A CE2 1 
ATOM   255  C  CZ  . PHE A 1 49  ? -1.313  -11.984 -1.712  1.00 25.93 ? 49  PHE A CZ  1 
ATOM   256  N  N   . ALA A 1 50  ? -4.703  -9.580  -7.907  1.00 27.20 ? 50  ALA A N   1 
ATOM   257  C  CA  . ALA A 1 50  ? -5.102  -8.783  -9.098  1.00 27.72 ? 50  ALA A CA  1 
ATOM   258  C  C   . ALA A 1 50  ? -6.288  -7.838  -8.791  1.00 28.82 ? 50  ALA A C   1 
ATOM   259  O  O   . ALA A 1 50  ? -6.274  -6.666  -9.132  1.00 29.05 ? 50  ALA A O   1 
ATOM   260  C  CB  . ALA A 1 50  ? -5.476  -9.742  -10.286 1.00 28.69 ? 50  ALA A CB  1 
ATOM   261  N  N   . GLN A 1 51  ? -7.296  -8.356  -8.107  1.00 29.63 ? 51  GLN A N   1 
ATOM   262  C  CA  . GLN A 1 51  ? -8.516  -7.605  -7.834  1.00 30.63 ? 51  GLN A CA  1 
ATOM   263  C  C   . GLN A 1 51  ? -8.253  -6.426  -6.905  1.00 29.29 ? 51  GLN A C   1 
ATOM   264  O  O   . GLN A 1 51  ? -8.869  -5.375  -7.066  1.00 27.73 ? 51  GLN A O   1 
ATOM   265  C  CB  . GLN A 1 51  ? -9.561  -8.523  -7.229  1.00 30.74 ? 51  GLN A CB  1 
ATOM   266  C  CG  . GLN A 1 51  ? -10.110 -9.518  -8.270  1.00 34.70 ? 51  GLN A CG  1 
ATOM   267  C  CD  . GLN A 1 51  ? -10.806 -10.764 -7.700  1.00 35.76 ? 51  GLN A CD  1 
ATOM   268  O  OE1 . GLN A 1 51  ? -11.194 -10.842 -6.525  1.00 40.62 ? 51  GLN A OE1 1 
ATOM   269  N  NE2 . GLN A 1 51  ? -10.975 -11.751 -8.568  1.00 41.96 ? 51  GLN A NE2 1 
ATOM   270  N  N   . HIS A 1 52  ? -7.339  -6.608  -5.946  1.00 28.07 ? 52  HIS A N   1 
ATOM   271  C  CA  . HIS A 1 52  ? -6.969  -5.540  -4.997  1.00 27.08 ? 52  HIS A CA  1 
ATOM   272  C  C   . HIS A 1 52  ? -5.829  -4.655  -5.462  1.00 26.92 ? 52  HIS A C   1 
ATOM   273  O  O   . HIS A 1 52  ? -5.380  -3.786  -4.718  1.00 26.67 ? 52  HIS A O   1 
ATOM   274  C  CB  . HIS A 1 52  ? -6.718  -6.128  -3.600  1.00 27.33 ? 52  HIS A CB  1 
ATOM   275  C  CG  . HIS A 1 52  ? -7.992  -6.454  -2.891  1.00 26.40 ? 52  HIS A CG  1 
ATOM   276  N  ND1 . HIS A 1 52  ? -8.729  -5.499  -2.235  1.00 24.96 ? 52  HIS A ND1 1 
ATOM   277  C  CD2 . HIS A 1 52  ? -8.714  -7.602  -2.818  1.00 29.08 ? 52  HIS A CD2 1 
ATOM   278  C  CE1 . HIS A 1 52  ? -9.822  -6.046  -1.726  1.00 25.72 ? 52  HIS A CE1 1 
ATOM   279  N  NE2 . HIS A 1 52  ? -9.846  -7.323  -2.081  1.00 27.24 ? 52  HIS A NE2 1 
ATOM   280  N  N   . ASP A 1 53  ? -5.351  -4.895  -6.680  1.00 25.63 ? 53  ASP A N   1 
ATOM   281  C  CA  . ASP A 1 53  ? -4.302  -4.112  -7.289  1.00 27.12 ? 53  ASP A CA  1 
ATOM   282  C  C   . ASP A 1 53  ? -3.037  -4.054  -6.406  1.00 25.88 ? 53  ASP A C   1 
ATOM   283  O  O   . ASP A 1 53  ? -2.476  -2.971  -6.126  1.00 26.06 ? 53  ASP A O   1 
ATOM   284  C  CB  . ASP A 1 53  ? -4.827  -2.717  -7.640  1.00 28.03 ? 53  ASP A CB  1 
ATOM   285  C  CG  . ASP A 1 53  ? -4.143  -2.140  -8.891  1.00 34.16 ? 53  ASP A CG  1 
ATOM   286  O  OD1 . ASP A 1 53  ? -3.567  -2.925  -9.650  1.00 38.66 ? 53  ASP A OD1 1 
ATOM   287  O  OD2 . ASP A 1 53  ? -4.168  -0.909  -9.113  1.00 41.86 ? 53  ASP A OD2 1 
ATOM   288  N  N   . ILE A 1 54  ? -2.617  -5.231  -5.924  1.00 24.87 ? 54  ILE A N   1 
ATOM   289  C  CA  . ILE A 1 54  ? -1.428  -5.298  -5.081  1.00 24.22 ? 54  ILE A CA  1 
ATOM   290  C  C   . ILE A 1 54  ? -0.176  -5.160  -5.942  1.00 25.03 ? 54  ILE A C   1 
ATOM   291  O  O   . ILE A 1 54  ? 0.241   -6.115  -6.611  1.00 24.71 ? 54  ILE A O   1 
ATOM   292  C  CB  . ILE A 1 54  ? -1.386  -6.597  -4.247  1.00 24.00 ? 54  ILE A CB  1 
ATOM   293  C  CG1 . ILE A 1 54  ? -2.710  -6.795  -3.462  1.00 22.16 ? 54  ILE A CG1 1 
ATOM   294  C  CG2 . ILE A 1 54  ? -0.096  -6.646  -3.355  1.00 23.09 ? 54  ILE A CG2 1 
ATOM   295  C  CD1 . ILE A 1 54  ? -3.026  -5.653  -2.430  1.00 23.11 ? 54  ILE A CD1 1 
ATOM   296  N  N   . THR A 1 55  ? 0.412   -3.969  -5.917  1.00 25.09 ? 55  THR A N   1 
ATOM   297  C  CA  . THR A 1 55  ? 1.734   -3.739  -6.529  1.00 26.18 ? 55  THR A CA  1 
ATOM   298  C  C   . THR A 1 55  ? 2.835   -4.071  -5.514  1.00 25.35 ? 55  THR A C   1 
ATOM   299  O  O   . THR A 1 55  ? 2.562   -4.414  -4.359  1.00 24.16 ? 55  THR A O   1 
ATOM   300  C  CB  . THR A 1 55  ? 1.879   -2.274  -6.875  1.00 26.35 ? 55  THR A CB  1 
ATOM   301  O  OG1 . THR A 1 55  ? 1.716   -1.506  -5.670  1.00 25.94 ? 55  THR A OG1 1 
ATOM   302  C  CG2 . THR A 1 55  ? 0.829   -1.853  -7.932  1.00 26.98 ? 55  THR A CG2 1 
ATOM   303  N  N   . GLY A 1 56  ? 4.096   -3.946  -5.925  1.00 27.30 ? 56  GLY A N   1 
ATOM   304  C  CA  . GLY A 1 56  ? 5.191   -4.140  -4.973  1.00 26.25 ? 56  GLY A CA  1 
ATOM   305  C  C   . GLY A 1 56  ? 5.093   -3.241  -3.781  1.00 26.86 ? 56  GLY A C   1 
ATOM   306  O  O   . GLY A 1 56  ? 5.231   -3.664  -2.634  1.00 27.37 ? 56  GLY A O   1 
ATOM   307  N  N   . ARG A 1 57  ? 4.850   -1.969  -4.035  1.00 27.59 ? 57  ARG A N   1 
ATOM   308  C  CA  . ARG A 1 57  ? 4.650   -1.042  -2.966  1.00 27.49 ? 57  ARG A CA  1 
ATOM   309  C  C   . ARG A 1 57  ? 3.576   -1.468  -1.954  1.00 26.50 ? 57  ARG A C   1 
ATOM   310  O  O   . ARG A 1 57  ? 3.751   -1.269  -0.751  1.00 26.39 ? 57  ARG A O   1 
ATOM   311  C  CB  . ARG A 1 57  ? 4.323   0.349   -3.532  1.00 28.64 ? 57  ARG A CB  1 
ATOM   312  C  CG  . ARG A 1 57  ? 5.563   1.080   -4.053  1.00 31.97 ? 57  ARG A CG  1 
ATOM   313  C  CD  . ARG A 1 57  ? 5.155   2.188   -4.966  1.00 34.22 ? 57  ARG A CD  1 
ATOM   314  N  NE  . ARG A 1 57  ? 4.570   3.318   -4.247  1.00 39.08 ? 57  ARG A NE  1 
ATOM   315  C  CZ  . ARG A 1 57  ? 3.969   4.350   -4.852  1.00 42.74 ? 57  ARG A CZ  1 
ATOM   316  N  NH1 . ARG A 1 57  ? 3.824   4.379   -6.177  1.00 43.39 ? 57  ARG A NH1 1 
ATOM   317  N  NH2 . ARG A 1 57  ? 3.491   5.350   -4.138  1.00 44.99 ? 57  ARG A NH2 1 
ATOM   318  N  N   . ALA A 1 58  ? 2.472   -2.042  -2.417  1.00 24.64 ? 58  ALA A N   1 
ATOM   319  C  CA  . ALA A 1 58  ? 1.438   -2.523  -1.475  1.00 23.73 ? 58  ALA A CA  1 
ATOM   320  C  C   . ALA A 1 58  ? 1.910   -3.792  -0.777  1.00 22.75 ? 58  ALA A C   1 
ATOM   321  O  O   . ALA A 1 58  ? 1.668   -3.989  0.396   1.00 23.30 ? 58  ALA A O   1 
ATOM   322  C  CB  . ALA A 1 58  ? 0.093   -2.793  -2.218  1.00 22.76 ? 58  ALA A CB  1 
ATOM   323  N  N   . LEU A 1 59  ? 2.590   -4.653  -1.520  1.00 23.83 ? 59  LEU A N   1 
ATOM   324  C  CA  . LEU A 1 59  ? 3.104   -5.909  -0.986  1.00 23.31 ? 59  LEU A CA  1 
ATOM   325  C  C   . LEU A 1 59  ? 4.051   -5.712  0.221   1.00 23.95 ? 59  LEU A C   1 
ATOM   326  O  O   . LEU A 1 59  ? 4.119   -6.542  1.127   1.00 24.45 ? 59  LEU A O   1 
ATOM   327  C  CB  . LEU A 1 59  ? 3.825   -6.704  -2.084  1.00 22.56 ? 59  LEU A CB  1 
ATOM   328  C  CG  . LEU A 1 59  ? 4.166   -8.172  -1.760  1.00 22.48 ? 59  LEU A CG  1 
ATOM   329  C  CD1 . LEU A 1 59  ? 2.948   -9.038  -1.645  1.00 23.64 ? 59  LEU A CD1 1 
ATOM   330  C  CD2 . LEU A 1 59  ? 5.132   -8.831  -2.789  1.00 23.32 ? 59  LEU A CD2 1 
ATOM   331  N  N   . LEU A 1 60  ? 4.785   -4.615  0.202   1.00 24.88 ? 60  LEU A N   1 
ATOM   332  C  CA  . LEU A 1 60  ? 5.663   -4.211  1.299   1.00 25.78 ? 60  LEU A CA  1 
ATOM   333  C  C   . LEU A 1 60  ? 4.917   -3.695  2.515   1.00 26.23 ? 60  LEU A C   1 
ATOM   334  O  O   . LEU A 1 60  ? 5.523   -3.572  3.570   1.00 27.20 ? 60  LEU A O   1 
ATOM   335  C  CB  . LEU A 1 60  ? 6.628   -3.119  0.781   1.00 26.30 ? 60  LEU A CB  1 
ATOM   336  C  CG  . LEU A 1 60  ? 7.587   -3.624  -0.274  1.00 28.48 ? 60  LEU A CG  1 
ATOM   337  C  CD1 . LEU A 1 60  ? 8.288   -2.482  -1.042  1.00 31.64 ? 60  LEU A CD1 1 
ATOM   338  C  CD2 . LEU A 1 60  ? 8.642   -4.583  0.318   1.00 29.62 ? 60  LEU A CD2 1 
ATOM   339  N  N   . ARG A 1 61  ? 3.615   -3.389  2.400   1.00 25.36 ? 61  ARG A N   1 
ATOM   340  C  CA  . ARG A 1 61  ? 2.838   -2.795  3.515   1.00 26.54 ? 61  ARG A CA  1 
ATOM   341  C  C   . ARG A 1 61  ? 1.745   -3.699  4.103   1.00 26.42 ? 61  ARG A C   1 
ATOM   342  O  O   . ARG A 1 61  ? 1.330   -3.547  5.250   1.00 26.23 ? 61  ARG A O   1 
ATOM   343  C  CB  . ARG A 1 61  ? 2.144   -1.486  3.058   1.00 25.57 ? 61  ARG A CB  1 
ATOM   344  C  CG  . ARG A 1 61  ? 3.156   -0.306  2.888   1.00 28.79 ? 61  ARG A CG  1 
ATOM   345  C  CD  . ARG A 1 61  ? 2.449   1.024   2.627   1.00 28.80 ? 61  ARG A CD  1 
ATOM   346  N  NE  . ARG A 1 61  ? 1.607   1.451   3.761   1.00 30.71 ? 61  ARG A NE  1 
ATOM   347  C  CZ  . ARG A 1 61  ? 2.030   2.312   4.691   1.00 30.70 ? 61  ARG A CZ  1 
ATOM   348  N  NH1 . ARG A 1 61  ? 3.267   2.807   4.614   1.00 31.19 ? 61  ARG A NH1 1 
ATOM   349  N  NH2 . ARG A 1 61  ? 1.241   2.628   5.699   1.00 33.38 ? 61  ARG A NH2 1 
ATOM   350  N  N   . ILE A 1 62  ? 1.232   -4.619  3.314   1.00 26.55 ? 62  ILE A N   1 
ATOM   351  C  CA  . ILE A 1 62  ? 0.077   -5.347  3.779   1.00 27.71 ? 62  ILE A CA  1 
ATOM   352  C  C   . ILE A 1 62  ? 0.405   -6.176  5.013   1.00 28.55 ? 62  ILE A C   1 
ATOM   353  O  O   . ILE A 1 62  ? 1.555   -6.466  5.271   1.00 28.53 ? 62  ILE A O   1 
ATOM   354  C  CB  . ILE A 1 62  ? -0.524  -6.247  2.696   1.00 27.71 ? 62  ILE A CB  1 
ATOM   355  C  CG1 . ILE A 1 62  ? 0.530   -7.222  2.169   1.00 25.98 ? 62  ILE A CG1 1 
ATOM   356  C  CG2 . ILE A 1 62  ? -1.262  -5.371  1.599   1.00 26.46 ? 62  ILE A CG2 1 
ATOM   357  C  CD1 . ILE A 1 62  ? -0.039  -8.134  1.063   1.00 29.77 ? 62  ILE A CD1 1 
ATOM   358  N  N   . THR A 1 63  ? -0.627  -6.542  5.764   1.00 29.26 ? 63  THR A N   1 
ATOM   359  C  CA  . THR A 1 63  ? -0.465  -7.333  6.961   1.00 32.03 ? 63  THR A CA  1 
ATOM   360  C  C   . THR A 1 63  ? -1.289  -8.588  6.840   1.00 32.26 ? 63  THR A C   1 
ATOM   361  O  O   . THR A 1 63  ? -2.006  -8.760  5.870   1.00 31.23 ? 63  THR A O   1 
ATOM   362  C  CB  . THR A 1 63  ? -0.929  -6.574  8.225   1.00 32.52 ? 63  THR A CB  1 
ATOM   363  O  OG1 . THR A 1 63  ? -2.298  -6.204  8.069   1.00 33.18 ? 63  THR A OG1 1 
ATOM   364  C  CG2 . THR A 1 63  ? -0.116  -5.308  8.406   1.00 35.23 ? 63  THR A CG2 1 
ATOM   365  N  N   . ASP A 1 64  ? -1.165  -9.473  7.833   1.00 33.94 ? 64  ASP A N   1 
ATOM   366  C  CA  . ASP A 1 64  ? -2.038  -10.626 7.952   1.00 34.86 ? 64  ASP A CA  1 
ATOM   367  C  C   . ASP A 1 64  ? -3.512  -10.223 7.886   1.00 34.73 ? 64  ASP A C   1 
ATOM   368  O  O   . ASP A 1 64  ? -4.338  -10.903 7.263   1.00 34.45 ? 64  ASP A O   1 
ATOM   369  C  CB  . ASP A 1 64  ? -1.699  -11.444 9.222   1.00 36.78 ? 64  ASP A CB  1 
ATOM   370  C  CG  . ASP A 1 64  ? -2.823  -12.415 9.608   1.00 40.68 ? 64  ASP A CG  1 
ATOM   371  O  OD1 . ASP A 1 64  ? -2.737  -13.582 9.193   1.00 42.61 ? 64  ASP A OD1 1 
ATOM   372  O  OD2 . ASP A 1 64  ? -3.807  -11.986 10.288  1.00 45.64 ? 64  ASP A OD2 1 
ATOM   373  N  N   . SER A 1 65  ? -3.845  -9.092  8.498   1.00 34.84 ? 65  SER A N   1 
ATOM   374  C  CA  . SER A 1 65  ? -5.215  -8.592  8.489   1.00 34.76 ? 65  SER A CA  1 
ATOM   375  C  C   . SER A 1 65  ? -5.696  -8.231  7.114   1.00 34.18 ? 65  SER A C   1 
ATOM   376  O  O   . SER A 1 65  ? -6.857  -8.522  6.787   1.00 34.36 ? 65  SER A O   1 
ATOM   377  C  CB  . SER A 1 65  ? -5.319  -7.363  9.377   1.00 35.62 ? 65  SER A CB  1 
ATOM   378  O  OG  . SER A 1 65  ? -4.381  -7.517  10.429  1.00 41.82 ? 65  SER A OG  1 
ATOM   379  N  N   . SER A 1 66  ? -4.821  -7.612  6.297   1.00 32.57 ? 66  SER A N   1 
ATOM   380  C  CA  . SER A 1 66  ? -5.157  -7.293  4.896   1.00 30.02 ? 66  SER A CA  1 
ATOM   381  C  C   . SER A 1 66  ? -5.496  -8.525  4.124   1.00 28.88 ? 66  SER A C   1 
ATOM   382  O  O   . SER A 1 66  ? -6.415  -8.499  3.306   1.00 28.92 ? 66  SER A O   1 
ATOM   383  C  CB  . SER A 1 66  ? -4.017  -6.589  4.129   1.00 30.05 ? 66  SER A CB  1 
ATOM   384  O  OG  . SER A 1 66  ? -3.281  -5.717  4.927   1.00 32.26 ? 66  SER A OG  1 
ATOM   385  N  N   . LEU A 1 67  ? -4.702  -9.583  4.306   1.00 28.54 ? 67  LEU A N   1 
ATOM   386  C  CA  . LEU A 1 67  ? -4.941  -10.858 3.612   1.00 28.84 ? 67  LEU A CA  1 
ATOM   387  C  C   . LEU A 1 67  ? -6.325  -11.423 3.960   1.00 29.55 ? 67  LEU A C   1 
ATOM   388  O  O   . LEU A 1 67  ? -7.096  -11.872 3.089   1.00 26.94 ? 67  LEU A O   1 
ATOM   389  C  CB  . LEU A 1 67  ? -3.847  -11.879 3.970   1.00 29.13 ? 67  LEU A CB  1 
ATOM   390  C  CG  . LEU A 1 67  ? -2.438  -11.679 3.383   1.00 27.77 ? 67  LEU A CG  1 
ATOM   391  C  CD1 . LEU A 1 67  ? -1.508  -12.771 3.935   1.00 26.76 ? 67  LEU A CD1 1 
ATOM   392  C  CD2 . LEU A 1 67  ? -2.460  -11.668 1.852   1.00 28.90 ? 67  LEU A CD2 1 
ATOM   393  N  N   . GLN A 1 68  ? -6.626  -11.365 5.257   1.00 31.22 ? 68  GLN A N   1 
ATOM   394  C  CA  . GLN A 1 68  ? -7.940  -11.765 5.744   1.00 34.59 ? 68  GLN A CA  1 
ATOM   395  C  C   . GLN A 1 68  ? -9.030  -10.943 5.041   1.00 33.73 ? 68  GLN A C   1 
ATOM   396  O  O   . GLN A 1 68  ? -9.880  -11.515 4.347   1.00 33.66 ? 68  GLN A O   1 
ATOM   397  C  CB  . GLN A 1 68  ? -7.966  -11.695 7.287   1.00 34.30 ? 68  GLN A CB  1 
ATOM   398  C  CG  . GLN A 1 68  ? -8.668  -12.875 7.912   1.00 39.65 ? 68  GLN A CG  1 
ATOM   399  C  CD  . GLN A 1 68  ? -8.858  -12.736 9.410   1.00 38.55 ? 68  GLN A CD  1 
ATOM   400  O  OE1 . GLN A 1 68  ? -7.945  -12.317 10.135  1.00 45.65 ? 68  GLN A OE1 1 
ATOM   401  N  NE2 . GLN A 1 68  ? -10.044 -13.108 9.886   1.00 46.36 ? 68  GLN A NE2 1 
ATOM   402  N  N   . ARG A 1 69  ? -8.988  -9.611  5.167   1.00 35.10 ? 69  ARG A N   1 
ATOM   403  C  CA  . ARG A 1 69  ? -9.946  -8.704  4.455   1.00 36.13 ? 69  ARG A CA  1 
ATOM   404  C  C   . ARG A 1 69  ? -10.031 -8.925  2.929   1.00 35.79 ? 69  ARG A C   1 
ATOM   405  O  O   . ARG A 1 69  ? -11.075 -8.723  2.306   1.00 35.14 ? 69  ARG A O   1 
ATOM   406  C  CB  . ARG A 1 69  ? -9.626  -7.222  4.722   1.00 36.51 ? 69  ARG A CB  1 
ATOM   407  C  CG  . ARG A 1 69  ? -9.769  -6.786  6.181   1.00 39.38 ? 69  ARG A CG  1 
ATOM   408  C  CD  . ARG A 1 69  ? -9.601  -5.233  6.317   1.00 41.01 ? 69  ARG A CD  1 
ATOM   409  N  NE  . ARG A 1 69  ? -8.202  -4.808  6.137   1.00 45.77 ? 69  ARG A NE  1 
ATOM   410  C  CZ  . ARG A 1 69  ? -7.776  -3.777  5.403   1.00 46.07 ? 69  ARG A CZ  1 
ATOM   411  N  NH1 . ARG A 1 69  ? -8.620  -2.926  4.778   1.00 42.55 ? 69  ARG A NH1 1 
ATOM   412  N  NH2 . ARG A 1 69  ? -6.475  -3.580  5.333   1.00 45.08 ? 69  ARG A NH2 1 
HETATM 413  N  N   . MSE A 1 70  ? -8.928  -9.360  2.319   1.00 34.28 ? 70  MSE A N   1 
HETATM 414  C  CA  . MSE A 1 70  ? -8.904  -9.529  0.885   1.00 34.38 ? 70  MSE A CA  1 
HETATM 415  C  C   . MSE A 1 70  ? -9.682  -10.795 0.519   1.00 34.57 ? 70  MSE A C   1 
HETATM 416  O  O   . MSE A 1 70  ? -10.098 -10.953 -0.632  1.00 34.08 ? 70  MSE A O   1 
HETATM 417  C  CB  . MSE A 1 70  ? -7.454  -9.666  0.405   1.00 33.03 ? 70  MSE A CB  1 
HETATM 418  C  CG  . MSE A 1 70  ? -6.649  -8.324  0.194   1.00 30.73 ? 70  MSE A CG  1 
HETATM 419  SE SE  . MSE A 1 70  ? -4.752  -8.698  -0.049  1.00 38.02 ? 70  MSE A SE  1 
HETATM 420  C  CE  . MSE A 1 70  ? -4.809  -9.896  -1.612  1.00 18.35 ? 70  MSE A CE  1 
ATOM   421  N  N   . GLY A 1 71  ? -9.823  -11.709 1.485   1.00 34.58 ? 71  GLY A N   1 
ATOM   422  C  CA  . GLY A 1 71  ? -10.531 -12.983 1.245   1.00 35.27 ? 71  GLY A CA  1 
ATOM   423  C  C   . GLY A 1 71  ? -9.799  -14.291 1.526   1.00 35.54 ? 71  GLY A C   1 
ATOM   424  O  O   . GLY A 1 71  ? -10.334 -15.366 1.204   1.00 37.40 ? 71  GLY A O   1 
ATOM   425  N  N   . VAL A 1 72  ? -8.590  -14.233 2.104   1.00 34.78 ? 72  VAL A N   1 
ATOM   426  C  CA  . VAL A 1 72  ? -7.846  -15.450 2.534   1.00 34.38 ? 72  VAL A CA  1 
ATOM   427  C  C   . VAL A 1 72  ? -8.275  -15.770 3.970   1.00 35.98 ? 72  VAL A C   1 
ATOM   428  O  O   . VAL A 1 72  ? -7.590  -15.446 4.951   1.00 36.05 ? 72  VAL A O   1 
ATOM   429  C  CB  . VAL A 1 72  ? -6.274  -15.318 2.452   1.00 33.82 ? 72  VAL A CB  1 
ATOM   430  C  CG1 . VAL A 1 72  ? -5.591  -16.724 2.540   1.00 31.13 ? 72  VAL A CG1 1 
ATOM   431  C  CG2 . VAL A 1 72  ? -5.847  -14.605 1.168   1.00 30.94 ? 72  VAL A CG2 1 
ATOM   432  N  N   . THR A 1 73  ? -9.451  -16.377 4.078   1.00 37.53 ? 73  THR A N   1 
ATOM   433  C  CA  . THR A 1 73  ? -10.098 -16.617 5.379   1.00 38.78 ? 73  THR A CA  1 
ATOM   434  C  C   . THR A 1 73  ? -9.473  -17.814 6.136   1.00 39.05 ? 73  THR A C   1 
ATOM   435  O  O   . THR A 1 73  ? -9.241  -17.763 7.350   1.00 39.79 ? 73  THR A O   1 
ATOM   436  C  CB  . THR A 1 73  ? -11.622 -16.779 5.178   1.00 39.18 ? 73  THR A CB  1 
ATOM   437  O  OG1 . THR A 1 73  ? -11.870 -17.797 4.196   1.00 41.05 ? 73  THR A OG1 1 
ATOM   438  C  CG2 . THR A 1 73  ? -12.214 -15.478 4.671   1.00 40.16 ? 73  THR A CG2 1 
ATOM   439  N  N   . ASP A 1 74  ? -9.143  -18.867 5.406   1.00 38.99 ? 74  ASP A N   1 
ATOM   440  C  CA  . ASP A 1 74  ? -8.448  -20.022 5.999   1.00 39.11 ? 74  ASP A CA  1 
ATOM   441  C  C   . ASP A 1 74  ? -7.119  -19.675 6.683   1.00 38.54 ? 74  ASP A C   1 
ATOM   442  O  O   . ASP A 1 74  ? -6.214  -19.140 6.031   1.00 38.14 ? 74  ASP A O   1 
ATOM   443  C  CB  . ASP A 1 74  ? -8.176  -21.055 4.929   1.00 38.38 ? 74  ASP A CB  1 
ATOM   444  C  CG  . ASP A 1 74  ? -7.628  -22.336 5.514   1.00 42.68 ? 74  ASP A CG  1 
ATOM   445  O  OD1 . ASP A 1 74  ? -8.384  -23.047 6.222   1.00 47.63 ? 74  ASP A OD1 1 
ATOM   446  O  OD2 . ASP A 1 74  ? -6.444  -22.627 5.288   1.00 41.75 ? 74  ASP A OD2 1 
ATOM   447  N  N   . ASN A 1 75  ? -7.001  -19.989 7.976   1.00 37.33 ? 75  ASN A N   1 
ATOM   448  C  CA  . ASN A 1 75  ? -5.864  -19.568 8.788   1.00 37.65 ? 75  ASN A CA  1 
ATOM   449  C  C   . ASN A 1 75  ? -4.517  -20.157 8.318   1.00 37.21 ? 75  ASN A C   1 
ATOM   450  O  O   . ASN A 1 75  ? -3.489  -19.464 8.261   1.00 37.25 ? 75  ASN A O   1 
ATOM   451  C  CB  . ASN A 1 75  ? -6.082  -19.936 10.264  1.00 38.08 ? 75  ASN A CB  1 
ATOM   452  C  CG  . ASN A 1 75  ? -7.276  -19.232 10.868  1.00 41.87 ? 75  ASN A CG  1 
ATOM   453  O  OD1 . ASN A 1 75  ? -7.484  -18.014 10.657  1.00 39.93 ? 75  ASN A OD1 1 
ATOM   454  N  ND2 . ASN A 1 75  ? -8.077  -19.989 11.648  1.00 43.61 ? 75  ASN A ND2 1 
ATOM   455  N  N   . ARG A 1 76  ? -4.531  -21.442 7.993   1.00 34.81 ? 76  ARG A N   1 
ATOM   456  C  CA  . ARG A 1 76  ? -3.305  -22.097 7.579   1.00 33.32 ? 76  ARG A CA  1 
ATOM   457  C  C   . ARG A 1 76  ? -2.855  -21.580 6.225   1.00 32.41 ? 76  ARG A C   1 
ATOM   458  O  O   . ARG A 1 76  ? -1.667  -21.317 6.049   1.00 30.94 ? 76  ARG A O   1 
ATOM   459  C  CB  . ARG A 1 76  ? -3.492  -23.614 7.533   1.00 33.91 ? 76  ARG A CB  1 
ATOM   460  C  CG  . ARG A 1 76  ? -3.697  -24.228 8.914   1.00 35.20 ? 76  ARG A CG  1 
ATOM   461  C  CD  . ARG A 1 76  ? -3.913  -25.717 8.770   1.00 35.85 ? 76  ARG A CD  1 
ATOM   462  N  NE  . ARG A 1 76  ? -2.721  -26.348 8.217   1.00 35.61 ? 76  ARG A NE  1 
ATOM   463  C  CZ  . ARG A 1 76  ? -1.724  -26.838 8.953   1.00 38.09 ? 76  ARG A CZ  1 
ATOM   464  N  NH1 . ARG A 1 76  ? -1.765  -26.783 10.297  1.00 42.32 ? 76  ARG A NH1 1 
ATOM   465  N  NH2 . ARG A 1 76  ? -0.682  -27.374 8.349   1.00 39.21 ? 76  ARG A NH2 1 
ATOM   466  N  N   . ASP A 1 77  ? -3.790  -21.447 5.267   1.00 30.94 ? 77  ASP A N   1 
ATOM   467  C  CA  . ASP A 1 77  ? -3.453  -20.874 3.954   1.00 31.06 ? 77  ASP A CA  1 
ATOM   468  C  C   . ASP A 1 77  ? -2.884  -19.464 4.135   1.00 28.65 ? 77  ASP A C   1 
ATOM   469  O  O   . ASP A 1 77  ? -1.888  -19.136 3.540   1.00 28.22 ? 77  ASP A O   1 
ATOM   470  C  CB  . ASP A 1 77  ? -4.682  -20.775 3.058   1.00 31.39 ? 77  ASP A CB  1 
ATOM   471  C  CG  . ASP A 1 77  ? -5.131  -22.134 2.523   1.00 34.29 ? 77  ASP A CG  1 
ATOM   472  O  OD1 . ASP A 1 77  ? -4.452  -23.164 2.788   1.00 34.67 ? 77  ASP A OD1 1 
ATOM   473  O  OD2 . ASP A 1 77  ? -6.158  -22.135 1.833   1.00 33.64 ? 77  ASP A OD2 1 
ATOM   474  N  N   . ARG A 1 78  ? -3.541  -18.660 4.959   1.00 27.60 ? 78  ARG A N   1 
ATOM   475  C  CA  . ARG A 1 78  ? -3.099  -17.284 5.239   1.00 28.47 ? 78  ARG A CA  1 
ATOM   476  C  C   . ARG A 1 78  ? -1.706  -17.181 5.868   1.00 27.81 ? 78  ARG A C   1 
ATOM   477  O  O   . ARG A 1 78  ? -0.892  -16.328 5.465   1.00 27.54 ? 78  ARG A O   1 
ATOM   478  C  CB  . ARG A 1 78  ? -4.116  -16.532 6.108   1.00 28.76 ? 78  ARG A CB  1 
ATOM   479  C  CG  . ARG A 1 78  ? -3.860  -15.008 6.118   1.00 29.47 ? 78  ARG A CG  1 
ATOM   480  C  CD  . ARG A 1 78  ? -5.013  -14.240 6.778   1.00 29.17 ? 78  ARG A CD  1 
ATOM   481  N  NE  . ARG A 1 78  ? -5.154  -14.624 8.192   1.00 33.18 ? 78  ARG A NE  1 
ATOM   482  C  CZ  . ARG A 1 78  ? -6.041  -15.519 8.648   1.00 34.45 ? 78  ARG A CZ  1 
ATOM   483  N  NH1 . ARG A 1 78  ? -6.879  -16.120 7.825   1.00 36.72 ? 78  ARG A NH1 1 
ATOM   484  N  NH2 . ARG A 1 78  ? -6.088  -15.821 9.940   1.00 34.08 ? 78  ARG A NH2 1 
ATOM   485  N  N   . GLU A 1 79  ? -1.438  -18.025 6.863   1.00 26.92 ? 79  GLU A N   1 
ATOM   486  C  CA  . GLU A 1 79  ? -0.104  -18.110 7.452   1.00 26.29 ? 79  GLU A CA  1 
ATOM   487  C  C   . GLU A 1 79  ? 0.946   -18.516 6.458   1.00 25.21 ? 79  GLU A C   1 
ATOM   488  O  O   . GLU A 1 79  ? 2.062   -17.998 6.504   1.00 24.56 ? 79  GLU A O   1 
ATOM   489  C  CB  . GLU A 1 79  ? -0.083  -19.055 8.658   1.00 27.55 ? 79  GLU A CB  1 
ATOM   490  N  N   . ALA A 1 80  ? 0.620   -19.438 5.560   1.00 24.98 ? 80  ALA A N   1 
ATOM   491  C  CA  . ALA A 1 80  ? 1.594   -19.858 4.550   1.00 25.78 ? 80  ALA A CA  1 
ATOM   492  C  C   . ALA A 1 80  ? 1.936   -18.684 3.608   1.00 24.85 ? 80  ALA A C   1 
ATOM   493  O  O   . ALA A 1 80  ? 3.086   -18.497 3.213   1.00 25.00 ? 80  ALA A O   1 
ATOM   494  C  CB  . ALA A 1 80  ? 1.034   -21.027 3.737   1.00 26.84 ? 80  ALA A CB  1 
ATOM   495  N  N   . ILE A 1 81  ? 0.918   -17.945 3.196   1.00 24.13 ? 81  ILE A N   1 
ATOM   496  C  CA  . ILE A 1 81  ? 1.116   -16.810 2.275   1.00 23.42 ? 81  ILE A CA  1 
ATOM   497  C  C   . ILE A 1 81  ? 1.894   -15.737 3.022   1.00 22.93 ? 81  ILE A C   1 
ATOM   498  O  O   . ILE A 1 81  ? 2.840   -15.155 2.485   1.00 20.60 ? 81  ILE A O   1 
ATOM   499  C  CB  . ILE A 1 81  ? -0.231  -16.306 1.696   1.00 23.97 ? 81  ILE A CB  1 
ATOM   500  C  CG1 . ILE A 1 81  ? -0.824  -17.419 0.765   1.00 23.62 ? 81  ILE A CG1 1 
ATOM   501  C  CG2 . ILE A 1 81  ? -0.070  -14.911 0.943   1.00 23.60 ? 81  ILE A CG2 1 
ATOM   502  C  CD1 . ILE A 1 81  ? -2.291  -17.172 0.371   1.00 24.59 ? 81  ILE A CD1 1 
ATOM   503  N  N   . TRP A 1 82  ? 1.488   -15.489 4.267   1.00 21.33 ? 82  TRP A N   1 
ATOM   504  C  CA  . TRP A 1 82  ? 2.141   -14.467 5.072   1.00 23.32 ? 82  TRP A CA  1 
ATOM   505  C  C   . TRP A 1 82  ? 3.633   -14.795 5.225   1.00 23.79 ? 82  TRP A C   1 
ATOM   506  O  O   . TRP A 1 82  ? 4.468   -13.913 5.101   1.00 22.41 ? 82  TRP A O   1 
ATOM   507  C  CB  . TRP A 1 82  ? 1.480   -14.349 6.463   1.00 24.46 ? 82  TRP A CB  1 
ATOM   508  C  CG  . TRP A 1 82  ? 2.168   -13.318 7.293   1.00 25.07 ? 82  TRP A CG  1 
ATOM   509  C  CD1 . TRP A 1 82  ? 2.911   -13.512 8.429   1.00 27.62 ? 82  TRP A CD1 1 
ATOM   510  C  CD2 . TRP A 1 82  ? 2.227   -11.929 6.994   1.00 25.78 ? 82  TRP A CD2 1 
ATOM   511  N  NE1 . TRP A 1 82  ? 3.425   -12.309 8.859   1.00 27.51 ? 82  TRP A NE1 1 
ATOM   512  C  CE2 . TRP A 1 82  ? 2.999   -11.318 8.009   1.00 27.92 ? 82  TRP A CE2 1 
ATOM   513  C  CE3 . TRP A 1 82  ? 1.685   -11.129 5.957   1.00 24.39 ? 82  TRP A CE3 1 
ATOM   514  C  CZ2 . TRP A 1 82  ? 3.262   -9.943  8.019   1.00 27.42 ? 82  TRP A CZ2 1 
ATOM   515  C  CZ3 . TRP A 1 82  ? 1.965   -9.763  5.962   1.00 28.34 ? 82  TRP A CZ3 1 
ATOM   516  C  CH2 . TRP A 1 82  ? 2.737   -9.190  6.993   1.00 27.22 ? 82  TRP A CH2 1 
ATOM   517  N  N   . ARG A 1 83  ? 3.957   -16.063 5.506   1.00 24.10 ? 83  ARG A N   1 
ATOM   518  C  CA  . ARG A 1 83  ? 5.360   -16.474 5.599   1.00 26.82 ? 83  ARG A CA  1 
ATOM   519  C  C   . ARG A 1 83  ? 6.092   -16.172 4.306   1.00 23.56 ? 83  ARG A C   1 
ATOM   520  O  O   . ARG A 1 83  ? 7.228   -15.749 4.353   1.00 23.70 ? 83  ARG A O   1 
ATOM   521  C  CB  . ARG A 1 83  ? 5.514   -17.974 5.905   1.00 27.17 ? 83  ARG A CB  1 
ATOM   522  C  CG  . ARG A 1 83  ? 5.197   -18.350 7.376   1.00 33.74 ? 83  ARG A CG  1 
ATOM   523  C  CD  . ARG A 1 83  ? 5.471   -19.860 7.642   1.00 33.26 ? 83  ARG A CD  1 
ATOM   524  N  NE  . ARG A 1 83  ? 4.209   -20.603 7.734   1.00 46.58 ? 83  ARG A NE  1 
ATOM   525  C  CZ  . ARG A 1 83  ? 3.819   -21.572 6.906   1.00 48.16 ? 83  ARG A CZ  1 
ATOM   526  N  NH1 . ARG A 1 83  ? 4.592   -21.965 5.894   1.00 52.35 ? 83  ARG A NH1 1 
ATOM   527  N  NH2 . ARG A 1 83  ? 2.639   -22.141 7.090   1.00 49.07 ? 83  ARG A NH2 1 
ATOM   528  N  N   . GLU A 1 84  ? 5.465   -16.370 3.148   1.00 22.52 ? 84  GLU A N   1 
ATOM   529  C  CA  . GLU A 1 84  ? 6.160   -16.010 1.882   1.00 21.53 ? 84  GLU A CA  1 
ATOM   530  C  C   . GLU A 1 84  ? 6.420   -14.501 1.758   1.00 21.67 ? 84  GLU A C   1 
ATOM   531  O  O   . GLU A 1 84  ? 7.455   -14.061 1.200   1.00 22.64 ? 84  GLU A O   1 
ATOM   532  C  CB  . GLU A 1 84  ? 5.406   -16.517 0.634   1.00 23.46 ? 84  GLU A CB  1 
ATOM   533  C  CG  . GLU A 1 84  ? 5.386   -18.049 0.500   1.00 24.89 ? 84  GLU A CG  1 
ATOM   534  C  CD  . GLU A 1 84  ? 6.797   -18.659 0.568   1.00 32.38 ? 84  GLU A CD  1 
ATOM   535  O  OE1 . GLU A 1 84  ? 7.736   -18.177 -0.123  1.00 33.37 ? 84  GLU A OE1 1 
ATOM   536  O  OE2 . GLU A 1 84  ? 6.950   -19.634 1.316   1.00 36.39 ? 84  GLU A OE2 1 
ATOM   537  N  N   . ILE A 1 85  ? 5.458   -13.712 2.228   1.00 20.59 ? 85  ILE A N   1 
ATOM   538  C  CA  . ILE A 1 85  ? 5.549   -12.244 2.130   1.00 20.48 ? 85  ILE A CA  1 
ATOM   539  C  C   . ILE A 1 85  ? 6.729   -11.766 2.981   1.00 21.97 ? 85  ILE A C   1 
ATOM   540  O  O   . ILE A 1 85  ? 7.562   -11.001 2.513   1.00 20.48 ? 85  ILE A O   1 
ATOM   541  C  CB  . ILE A 1 85  ? 4.216   -11.579 2.541   1.00 19.89 ? 85  ILE A CB  1 
ATOM   542  C  CG1 . ILE A 1 85  ? 3.168   -11.856 1.431   1.00 21.08 ? 85  ILE A CG1 1 
ATOM   543  C  CG2 . ILE A 1 85  ? 4.395   -10.019 2.665   1.00 20.47 ? 85  ILE A CG2 1 
ATOM   544  C  CD1 . ILE A 1 85  ? 1.757   -11.368 1.770   1.00 18.25 ? 85  ILE A CD1 1 
ATOM   545  N  N   . VAL A 1 86  ? 6.804   -12.280 4.207   1.00 22.65 ? 86  VAL A N   1 
ATOM   546  C  CA  . VAL A 1 86  ? 7.885   -11.922 5.143   1.00 25.23 ? 86  VAL A CA  1 
ATOM   547  C  C   . VAL A 1 86  ? 9.238   -12.344 4.544   1.00 25.76 ? 86  VAL A C   1 
ATOM   548  O  O   . VAL A 1 86  ? 10.197  -11.587 4.570   1.00 26.30 ? 86  VAL A O   1 
ATOM   549  C  CB  . VAL A 1 86  ? 7.656   -12.627 6.479   1.00 24.52 ? 86  VAL A CB  1 
ATOM   550  C  CG1 . VAL A 1 86  ? 8.926   -12.630 7.389   1.00 29.54 ? 86  VAL A CG1 1 
ATOM   551  C  CG2 . VAL A 1 86  ? 6.430   -12.054 7.193   1.00 26.16 ? 86  VAL A CG2 1 
ATOM   552  N  N   . LYS A 1 87  ? 9.300   -13.540 3.977   1.00 25.51 ? 87  LYS A N   1 
ATOM   553  C  CA  . LYS A 1 87  ? 10.512  -14.022 3.333   1.00 27.25 ? 87  LYS A CA  1 
ATOM   554  C  C   . LYS A 1 87  ? 10.987  -13.098 2.167   1.00 25.59 ? 87  LYS A C   1 
ATOM   555  O  O   . LYS A 1 87  ? 12.172  -12.744 2.068   1.00 24.64 ? 87  LYS A O   1 
ATOM   556  C  CB  . LYS A 1 87  ? 10.243  -15.470 2.914   1.00 27.57 ? 87  LYS A CB  1 
ATOM   557  C  CG  . LYS A 1 87  ? 11.250  -16.125 2.014   1.00 33.58 ? 87  LYS A CG  1 
ATOM   558  C  CD  . LYS A 1 87  ? 10.838  -17.595 1.779   1.00 33.04 ? 87  LYS A CD  1 
ATOM   559  C  CE  . LYS A 1 87  ? 10.197  -18.136 3.044   1.00 37.55 ? 87  LYS A CE  1 
ATOM   560  N  NZ  . LYS A 1 87  ? 9.202   -19.224 2.737   1.00 42.93 ? 87  LYS A NZ  1 
ATOM   561  N  N   . GLN A 1 88  ? 10.052  -12.655 1.329   1.00 22.93 ? 88  GLN A N   1 
ATOM   562  C  CA  . GLN A 1 88  ? 10.352  -11.720 0.254   1.00 23.18 ? 88  GLN A CA  1 
ATOM   563  C  C   . GLN A 1 88  ? 10.779  -10.362 0.794   1.00 21.96 ? 88  GLN A C   1 
ATOM   564  O  O   . GLN A 1 88  ? 11.701  -9.758  0.240   1.00 22.43 ? 88  GLN A O   1 
ATOM   565  C  CB  . GLN A 1 88  ? 9.168   -11.546 -0.742  1.00 23.33 ? 88  GLN A CB  1 
ATOM   566  C  CG  . GLN A 1 88  ? 9.505   -10.577 -1.875  1.00 23.23 ? 88  GLN A CG  1 
ATOM   567  C  CD  . GLN A 1 88  ? 10.609  -11.156 -2.776  1.00 25.84 ? 88  GLN A CD  1 
ATOM   568  O  OE1 . GLN A 1 88  ? 10.621  -12.345 -3.051  1.00 22.93 ? 88  GLN A OE1 1 
ATOM   569  N  NE2 . GLN A 1 88  ? 11.520  -10.332 -3.202  1.00 27.57 ? 88  GLN A NE2 1 
ATOM   570  N  N   . ARG A 1 89  ? 10.199  -9.931  1.904   1.00 21.59 ? 89  ARG A N   1 
ATOM   571  C  CA  . ARG A 1 89  ? 10.582  -8.631  2.463   1.00 23.80 ? 89  ARG A CA  1 
ATOM   572  C  C   . ARG A 1 89  ? 12.029  -8.671  2.991   1.00 24.22 ? 89  ARG A C   1 
ATOM   573  O  O   . ARG A 1 89  ? 12.777  -7.701  2.818   1.00 22.84 ? 89  ARG A O   1 
ATOM   574  C  CB  . ARG A 1 89  ? 9.668   -8.211  3.582   1.00 24.43 ? 89  ARG A CB  1 
ATOM   575  C  CG  . ARG A 1 89  ? 8.310   -7.775  3.080   1.00 25.67 ? 89  ARG A CG  1 
ATOM   576  C  CD  . ARG A 1 89  ? 7.393   -7.434  4.220   1.00 26.42 ? 89  ARG A CD  1 
ATOM   577  N  NE  . ARG A 1 89  ? 6.065   -7.141  3.693   1.00 27.62 ? 89  ARG A NE  1 
ATOM   578  C  CZ  . ARG A 1 89  ? 5.017   -6.875  4.456   1.00 30.69 ? 89  ARG A CZ  1 
ATOM   579  N  NH1 . ARG A 1 89  ? 5.161   -6.811  5.786   1.00 26.58 ? 89  ARG A NH1 1 
ATOM   580  N  NH2 . ARG A 1 89  ? 3.851   -6.655  3.888   1.00 24.96 ? 89  ARG A NH2 1 
ATOM   581  N  N   . LEU A 1 90  ? 12.393  -9.787  3.624   1.00 24.22 ? 90  LEU A N   1 
ATOM   582  C  CA  . LEU A 1 90  ? 13.759  -9.966  4.133   1.00 24.77 ? 90  LEU A CA  1 
ATOM   583  C  C   . LEU A 1 90  ? 14.776  -9.988  3.000   1.00 25.55 ? 90  LEU A C   1 
ATOM   584  O  O   . LEU A 1 90  ? 15.785  -9.305  3.080   1.00 26.08 ? 90  LEU A O   1 
ATOM   585  C  CB  . LEU A 1 90  ? 13.876  -11.179 5.049   1.00 24.04 ? 90  LEU A CB  1 
ATOM   586  C  CG  . LEU A 1 90  ? 13.085  -11.099 6.372   1.00 27.25 ? 90  LEU A CG  1 
ATOM   587  C  CD1 . LEU A 1 90  ? 13.169  -12.420 7.192   1.00 31.31 ? 90  LEU A CD1 1 
ATOM   588  C  CD2 . LEU A 1 90  ? 13.547  -9.936  7.233   1.00 31.16 ? 90  LEU A CD2 1 
ATOM   589  N  N   . LYS A 1 91  ? 14.476  -10.753 1.958   1.00 25.21 ? 91  LYS A N   1 
ATOM   590  C  CA  . LYS A 1 91  ? 15.263  -10.843 0.753   1.00 26.52 ? 91  LYS A CA  1 
ATOM   591  C  C   . LYS A 1 91  ? 15.481  -9.490  0.102   1.00 26.99 ? 91  LYS A C   1 
ATOM   592  O  O   . LYS A 1 91  ? 16.615  -9.151  -0.275  1.00 24.14 ? 91  LYS A O   1 
ATOM   593  C  CB  . LYS A 1 91  ? 14.632  -11.810 -0.243  1.00 26.25 ? 91  LYS A CB  1 
ATOM   594  C  CG  . LYS A 1 91  ? 15.320  -11.832 -1.638  1.00 29.19 ? 91  LYS A CG  1 
ATOM   595  C  CD  . LYS A 1 91  ? 14.728  -12.951 -2.478  1.00 29.48 ? 91  LYS A CD  1 
ATOM   596  C  CE  . LYS A 1 91  ? 15.215  -12.908 -3.913  1.00 30.59 ? 91  LYS A CE  1 
ATOM   597  N  NZ  . LYS A 1 91  ? 14.811  -14.181 -4.636  1.00 31.81 ? 91  LYS A NZ  1 
ATOM   598  N  N   . THR A 1 92  ? 14.387  -8.741  -0.033  1.00 26.25 ? 92  THR A N   1 
ATOM   599  C  CA  . THR A 1 92  ? 14.371  -7.378  -0.532  1.00 27.95 ? 92  THR A CA  1 
ATOM   600  C  C   . THR A 1 92  ? 15.276  -6.453  0.266   1.00 27.23 ? 92  THR A C   1 
ATOM   601  O  O   . THR A 1 92  ? 16.070  -5.706  -0.316  1.00 27.84 ? 92  THR A O   1 
ATOM   602  C  CB  . THR A 1 92  ? 12.869  -6.834  -0.440  1.00 28.53 ? 92  THR A CB  1 
ATOM   603  O  OG1 . THR A 1 92  ? 12.159  -7.314  -1.576  1.00 33.97 ? 92  THR A OG1 1 
ATOM   604  C  CG2 . THR A 1 92  ? 12.799  -5.348  -0.435  1.00 31.36 ? 92  THR A CG2 1 
ATOM   605  N  N   . ASP A 1 93  ? 15.145  -6.495  1.583   1.00 27.17 ? 93  ASP A N   1 
ATOM   606  C  CA  . ASP A 1 93  ? 15.898  -5.623  2.478   1.00 28.97 ? 93  ASP A CA  1 
ATOM   607  C  C   . ASP A 1 93  ? 17.408  -5.942  2.313   1.00 28.00 ? 93  ASP A C   1 
ATOM   608  O  O   . ASP A 1 93  ? 18.223  -5.041  2.153   1.00 27.13 ? 93  ASP A O   1 
ATOM   609  C  CB  . ASP A 1 93  ? 15.497  -5.817  3.948   1.00 29.92 ? 93  ASP A CB  1 
ATOM   610  C  CG  . ASP A 1 93  ? 14.150  -5.154  4.322   1.00 39.16 ? 93  ASP A CG  1 
ATOM   611  O  OD1 . ASP A 1 93  ? 13.638  -4.280  3.565   1.00 45.43 ? 93  ASP A OD1 1 
ATOM   612  O  OD2 . ASP A 1 93  ? 13.584  -5.533  5.386   1.00 45.25 ? 93  ASP A OD2 1 
ATOM   613  N  N   . ILE A 1 94  ? 17.749  -7.224  2.351   1.00 26.89 ? 94  ILE A N   1 
ATOM   614  C  CA  . ILE A 1 94  ? 19.154  -7.651  2.244   1.00 27.64 ? 94  ILE A CA  1 
ATOM   615  C  C   . ILE A 1 94  ? 19.772  -7.230  0.918   1.00 28.27 ? 94  ILE A C   1 
ATOM   616  O  O   . ILE A 1 94  ? 20.834  -6.585  0.885   1.00 27.73 ? 94  ILE A O   1 
ATOM   617  C  CB  . ILE A 1 94  ? 19.313  -9.157  2.544   1.00 26.12 ? 94  ILE A CB  1 
ATOM   618  C  CG1 . ILE A 1 94  ? 19.082  -9.333  4.063   1.00 27.30 ? 94  ILE A CG1 1 
ATOM   619  C  CG2 . ILE A 1 94  ? 20.688  -9.680  2.004   1.00 25.46 ? 94  ILE A CG2 1 
ATOM   620  C  CD1 . ILE A 1 94  ? 18.969  -10.741 4.583   1.00 26.89 ? 94  ILE A CD1 1 
HETATM 621  N  N   . MSE A 1 95  ? 19.080  -7.510  -0.163  1.00 29.56 ? 95  MSE A N   1 
HETATM 622  C  CA  . MSE A 1 95  ? 19.604  -7.165  -1.477  1.00 35.15 ? 95  MSE A CA  1 
HETATM 623  C  C   . MSE A 1 95  ? 19.763  -5.669  -1.713  1.00 32.37 ? 95  MSE A C   1 
HETATM 624  O  O   . MSE A 1 95  ? 20.730  -5.247  -2.362  1.00 31.80 ? 95  MSE A O   1 
HETATM 625  C  CB  . MSE A 1 95  ? 18.761  -7.802  -2.569  1.00 34.88 ? 95  MSE A CB  1 
HETATM 626  C  CG  . MSE A 1 95  ? 19.038  -9.341  -2.664  1.00 40.45 ? 95  MSE A CG  1 
HETATM 627  SE SE  . MSE A 1 95  ? 18.041  -10.103 -4.158  1.00 50.52 ? 95  MSE A SE  1 
HETATM 628  C  CE  . MSE A 1 95  ? 18.822  -11.838 -4.317  1.00 47.25 ? 95  MSE A CE  1 
ATOM   629  N  N   . GLU A 1 96  ? 18.808  -4.884  -1.228  1.00 30.74 ? 96  GLU A N   1 
ATOM   630  C  CA  . GLU A 1 96  ? 18.924  -3.418  -1.222  1.00 30.66 ? 96  GLU A CA  1 
ATOM   631  C  C   . GLU A 1 96  ? 20.120  -2.888  -0.402  1.00 29.98 ? 96  GLU A C   1 
ATOM   632  O  O   . GLU A 1 96  ? 20.789  -1.926  -0.838  1.00 30.16 ? 96  GLU A O   1 
ATOM   633  C  CB  . GLU A 1 96  ? 17.611  -2.735  -0.728  1.00 30.74 ? 96  GLU A CB  1 
ATOM   634  N  N   . ILE A 1 97  ? 20.341  -3.443  0.789   1.00 28.47 ? 97  ILE A N   1 
ATOM   635  C  CA  . ILE A 1 97  ? 21.547  -3.120  1.579   1.00 28.69 ? 97  ILE A CA  1 
ATOM   636  C  C   . ILE A 1 97  ? 22.820  -3.413  0.772   1.00 28.49 ? 97  ILE A C   1 
ATOM   637  O  O   . ILE A 1 97  ? 23.718  -2.559  0.693   1.00 29.44 ? 97  ILE A O   1 
ATOM   638  C  CB  . ILE A 1 97  ? 21.599  -3.862  2.926   1.00 28.62 ? 97  ILE A CB  1 
ATOM   639  C  CG1 . ILE A 1 97  ? 20.557  -3.266  3.893   1.00 29.76 ? 97  ILE A CG1 1 
ATOM   640  C  CG2 . ILE A 1 97  ? 23.018  -3.720  3.570   1.00 30.40 ? 97  ILE A CG2 1 
ATOM   641  C  CD1 . ILE A 1 97  ? 20.225  -4.154  5.059   1.00 29.90 ? 97  ILE A CD1 1 
ATOM   642  N  N   . ARG A 1 98  ? 22.882  -4.595  0.161   1.00 28.08 ? 98  ARG A N   1 
ATOM   643  C  CA  . ARG A 1 98  ? 24.017  -5.006  -0.633  1.00 29.65 ? 98  ARG A CA  1 
ATOM   644  C  C   . ARG A 1 98  ? 24.227  -4.041  -1.834  1.00 31.88 ? 98  ARG A C   1 
ATOM   645  O  O   . ARG A 1 98  ? 25.374  -3.635  -2.130  1.00 29.74 ? 98  ARG A O   1 
ATOM   646  C  CB  . ARG A 1 98  ? 23.874  -6.457  -1.112  1.00 28.75 ? 98  ARG A CB  1 
ATOM   647  C  CG  . ARG A 1 98  ? 23.875  -7.540  0.047   1.00 26.96 ? 98  ARG A CG  1 
ATOM   648  C  CD  . ARG A 1 98  ? 25.244  -8.177  0.305   1.00 24.24 ? 98  ARG A CD  1 
ATOM   649  N  NE  . ARG A 1 98  ? 26.312  -7.196  0.398   1.00 20.88 ? 98  ARG A NE  1 
ATOM   650  C  CZ  . ARG A 1 98  ? 26.660  -6.502  1.472   1.00 23.03 ? 98  ARG A CZ  1 
ATOM   651  N  NH1 . ARG A 1 98  ? 26.047  -6.653  2.632   1.00 20.48 ? 98  ARG A NH1 1 
ATOM   652  N  NH2 . ARG A 1 98  ? 27.647  -5.597  1.371   1.00 23.58 ? 98  ARG A NH2 1 
ATOM   653  N  N   . ASP A 1 99  ? 23.127  -3.697  -2.509  1.00 32.92 ? 99  ASP A N   1 
ATOM   654  C  CA  . ASP A 1 99  ? 23.135  -2.709  -3.606  1.00 37.52 ? 99  ASP A CA  1 
ATOM   655  C  C   . ASP A 1 99  ? 23.644  -1.329  -3.171  1.00 38.51 ? 99  ASP A C   1 
ATOM   656  O  O   . ASP A 1 99  ? 24.497  -0.761  -3.838  1.00 38.12 ? 99  ASP A O   1 
ATOM   657  C  CB  . ASP A 1 99  ? 21.725  -2.526  -4.188  1.00 38.68 ? 99  ASP A CB  1 
ATOM   658  C  CG  . ASP A 1 99  ? 21.230  -3.741  -4.955  1.00 42.65 ? 99  ASP A CG  1 
ATOM   659  O  OD1 . ASP A 1 99  ? 22.048  -4.436  -5.616  1.00 47.19 ? 99  ASP A OD1 1 
ATOM   660  O  OD2 . ASP A 1 99  ? 19.997  -3.995  -4.896  1.00 50.51 ? 99  ASP A OD2 1 
HETATM 661  N  N   . MSE A 1 100 ? 23.093  -0.801  -2.082  1.00 41.91 ? 100 MSE A N   1 
HETATM 662  C  CA  . MSE A 1 100 ? 23.443  0.501   -1.527  1.00 49.18 ? 100 MSE A CA  1 
HETATM 663  C  C   . MSE A 1 100 ? 24.933  0.578   -1.148  1.00 45.95 ? 100 MSE A C   1 
HETATM 664  O  O   . MSE A 1 100 ? 25.567  1.631   -1.300  1.00 44.51 ? 100 MSE A O   1 
HETATM 665  C  CB  . MSE A 1 100 ? 22.587  0.753   -0.292  1.00 47.83 ? 100 MSE A CB  1 
HETATM 666  C  CG  . MSE A 1 100 ? 22.838  2.045   0.507   1.00 55.49 ? 100 MSE A CG  1 
HETATM 667  SE SE  . MSE A 1 100 ? 21.423  2.316   1.935   1.00 69.72 ? 100 MSE A SE  1 
HETATM 668  C  CE  . MSE A 1 100 ? 19.822  2.015   0.812   1.00 64.00 ? 100 MSE A CE  1 
ATOM   669  N  N   . GLU A 1 101 ? 25.463  -0.532  -0.618  1.00 44.99 ? 101 GLU A N   1 
ATOM   670  C  CA  . GLU A 1 101 ? 26.868  -0.631  -0.246  1.00 44.46 ? 101 GLU A CA  1 
ATOM   671  C  C   . GLU A 1 101 ? 27.783  -0.526  -1.437  1.00 44.89 ? 101 GLU A C   1 
ATOM   672  O  O   . GLU A 1 101 ? 28.843  0.074   -1.329  1.00 43.99 ? 101 GLU A O   1 
ATOM   673  C  CB  . GLU A 1 101 ? 27.159  -1.894  0.562   1.00 44.21 ? 101 GLU A CB  1 
ATOM   674  C  CG  . GLU A 1 101 ? 26.821  -1.728  2.022   1.00 43.82 ? 101 GLU A CG  1 
ATOM   675  C  CD  . GLU A 1 101 ? 27.336  -0.391  2.599   1.00 45.46 ? 101 GLU A CD  1 
ATOM   676  O  OE1 . GLU A 1 101 ? 28.569  -0.179  2.672   1.00 43.47 ? 101 GLU A OE1 1 
ATOM   677  O  OE2 . GLU A 1 101 ? 26.493  0.459   2.961   1.00 47.92 ? 101 GLU A OE2 1 
ATOM   678  N  N   . ARG A 1 102 ? 27.363  -1.096  -2.567  1.00 46.13 ? 102 ARG A N   1 
ATOM   679  C  CA  . ARG A 1 102 ? 28.101  -0.979  -3.836  1.00 48.49 ? 102 ARG A CA  1 
ATOM   680  C  C   . ARG A 1 102 ? 28.197  0.459   -4.358  1.00 49.32 ? 102 ARG A C   1 
ATOM   681  O  O   . ARG A 1 102 ? 29.198  0.823   -4.966  1.00 49.79 ? 102 ARG A O   1 
ATOM   682  C  CB  . ARG A 1 102 ? 27.483  -1.880  -4.912  1.00 48.14 ? 102 ARG A CB  1 
ATOM   683  C  CG  . ARG A 1 102 ? 28.233  -3.174  -5.164  1.00 49.16 ? 102 ARG A CG  1 
ATOM   684  C  CD  . ARG A 1 102 ? 27.457  -4.127  -6.114  1.00 51.45 ? 102 ARG A CD  1 
ATOM   685  N  NE  . ARG A 1 102 ? 26.856  -5.238  -5.375  1.00 56.56 ? 102 ARG A NE  1 
ATOM   686  C  CZ  . ARG A 1 102 ? 25.558  -5.539  -5.321  1.00 59.64 ? 102 ARG A CZ  1 
ATOM   687  N  NH1 . ARG A 1 102 ? 24.644  -4.836  -5.992  1.00 60.20 ? 102 ARG A NH1 1 
ATOM   688  N  NH2 . ARG A 1 102 ? 25.170  -6.582  -4.594  1.00 60.72 ? 102 ARG A NH2 1 
ATOM   689  N  N   . LEU A 1 103 ? 27.160  1.262   -4.122  1.00 50.52 ? 103 LEU A N   1 
ATOM   690  C  CA  . LEU A 1 103 ? 27.115  2.674   -4.528  1.00 52.26 ? 103 LEU A CA  1 
ATOM   691  C  C   . LEU A 1 103 ? 27.862  3.586   -3.556  1.00 53.51 ? 103 LEU A C   1 
ATOM   692  O  O   . LEU A 1 103 ? 28.570  4.515   -3.979  1.00 53.07 ? 103 LEU A O   1 
ATOM   693  C  CB  . LEU A 1 103 ? 25.664  3.150   -4.618  1.00 52.14 ? 103 LEU A CB  1 
ATOM   694  C  CG  . LEU A 1 103 ? 24.814  2.590   -5.752  1.00 53.19 ? 103 LEU A CG  1 
ATOM   695  C  CD1 . LEU A 1 103 ? 23.340  3.028   -5.563  1.00 54.14 ? 103 LEU A CD1 1 
ATOM   696  C  CD2 . LEU A 1 103 ? 25.365  3.043   -7.102  1.00 53.00 ? 103 LEU A CD2 1 
ATOM   697  N  N   . ASN A 1 104 ? 27.668  3.343   -2.258  1.00 55.03 ? 104 ASN A N   1 
ATOM   698  C  CA  . ASN A 1 104 ? 28.487  3.952   -1.213  1.00 57.58 ? 104 ASN A CA  1 
ATOM   699  C  C   . ASN A 1 104 ? 29.050  5.318   -1.657  1.00 59.11 ? 104 ASN A C   1 
ATOM   700  O  O   . ASN A 1 104 ? 30.171  5.360   -2.175  1.00 60.11 ? 104 ASN A O   1 
ATOM   701  C  CB  . ASN A 1 104 ? 29.647  2.994   -0.957  1.00 56.92 ? 104 ASN A CB  1 
ATOM   702  C  CG  . ASN A 1 104 ? 30.489  3.387   0.217   1.00 56.72 ? 104 ASN A CG  1 
ATOM   703  O  OD1 . ASN A 1 104 ? 29.979  3.636   1.312   1.00 59.97 ? 104 ASN A OD1 1 
ATOM   704  N  ND2 . ASN A 1 104 ? 31.791  3.419   0.008   1.00 54.93 ? 104 ASN A ND2 1 
ATOM   705  N  N   . ILE A 1 105 ? 28.345  6.439   -1.477  1.00 60.84 ? 105 ILE A N   1 
ATOM   706  C  CA  . ILE A 1 105 ? 27.249  6.655   -0.540  1.00 61.71 ? 105 ILE A CA  1 
ATOM   707  C  C   . ILE A 1 105 ? 26.055  7.345   -1.229  1.00 62.40 ? 105 ILE A C   1 
ATOM   708  O  O   . ILE A 1 105 ? 25.600  6.930   -2.315  1.00 63.00 ? 105 ILE A O   1 
ATOM   709  C  CB  . ILE A 1 105 ? 27.752  7.546   0.650   1.00 61.76 ? 105 ILE A CB  1 
ATOM   710  C  CG1 . ILE A 1 105 ? 28.437  8.830   0.116   1.00 62.19 ? 105 ILE A CG1 1 
ATOM   711  C  CG2 . ILE A 1 105 ? 28.662  6.732   1.591   1.00 62.02 ? 105 ILE A CG2 1 
ATOM   712  C  CD1 . ILE A 1 105 ? 29.570  9.449   1.005   1.00 61.96 ? 105 ILE A CD1 1 
ATOM   713  N  N   . GLU B 2 2   ? 2.873   25.834  6.373   1.00 48.29 ? 111 GLU B N   1 
ATOM   714  C  CA  . GLU B 2 2   ? 1.647   25.525  7.185   1.00 47.80 ? 111 GLU B CA  1 
ATOM   715  C  C   . GLU B 2 2   ? 1.616   24.044  7.586   1.00 46.96 ? 111 GLU B C   1 
ATOM   716  O  O   . GLU B 2 2   ? 1.796   23.169  6.716   1.00 47.77 ? 111 GLU B O   1 
ATOM   717  C  CB  . GLU B 2 2   ? 0.369   25.910  6.419   1.00 47.92 ? 111 GLU B CB  1 
ATOM   718  N  N   . PRO B 2 3   ? 1.394   23.755  8.898   1.00 45.15 ? 112 PRO B N   1 
ATOM   719  C  CA  . PRO B 2 3   ? 1.278   22.355  9.321   1.00 42.89 ? 112 PRO B CA  1 
ATOM   720  C  C   . PRO B 2 3   ? 0.098   21.723  8.625   1.00 40.44 ? 112 PRO B C   1 
ATOM   721  O  O   . PRO B 2 3   ? -0.916  22.387  8.367   1.00 38.97 ? 112 PRO B O   1 
ATOM   722  C  CB  . PRO B 2 3   ? 0.970   22.454  10.822  1.00 42.74 ? 112 PRO B CB  1 
ATOM   723  C  CG  . PRO B 2 3   ? 0.442   23.826  11.018  1.00 44.79 ? 112 PRO B CG  1 
ATOM   724  C  CD  . PRO B 2 3   ? 1.233   24.673  10.046  1.00 45.14 ? 112 PRO B CD  1 
ATOM   725  N  N   . VAL B 2 4   ? 0.223   20.434  8.348   1.00 38.13 ? 113 VAL B N   1 
ATOM   726  C  CA  . VAL B 2 4   ? -0.811  19.701  7.624   1.00 35.14 ? 113 VAL B CA  1 
ATOM   727  C  C   . VAL B 2 4   ? -2.070  19.703  8.450   1.00 34.74 ? 113 VAL B C   1 
ATOM   728  O  O   . VAL B 2 4   ? -3.164  19.669  7.902   1.00 33.28 ? 113 VAL B O   1 
ATOM   729  C  CB  . VAL B 2 4   ? -0.342  18.257  7.315   1.00 35.23 ? 113 VAL B CB  1 
ATOM   730  C  CG1 . VAL B 2 4   ? -1.476  17.406  6.694   1.00 33.52 ? 113 VAL B CG1 1 
ATOM   731  C  CG2 . VAL B 2 4   ? 0.877   18.320  6.437   1.00 32.86 ? 113 VAL B CG2 1 
ATOM   732  N  N   . SER B 2 5   ? -1.932  19.770  9.775   1.00 34.22 ? 114 SER B N   1 
ATOM   733  C  CA  . SER B 2 5   ? -3.124  19.698  10.640  1.00 35.11 ? 114 SER B CA  1 
ATOM   734  C  C   . SER B 2 5   ? -4.001  20.927  10.430  1.00 35.34 ? 114 SER B C   1 
ATOM   735  O  O   . SER B 2 5   ? -5.208  20.905  10.736  1.00 35.47 ? 114 SER B O   1 
ATOM   736  C  CB  . SER B 2 5   ? -2.762  19.478  12.130  1.00 35.78 ? 114 SER B CB  1 
ATOM   737  O  OG  . SER B 2 5   ? -1.648  20.310  12.479  1.00 37.05 ? 114 SER B OG  1 
ATOM   738  N  N   . LYS B 2 6   ? -3.404  21.961  9.825   1.00 35.28 ? 115 LYS B N   1 
ATOM   739  C  CA  . LYS B 2 6   ? -4.121  23.190  9.483   1.00 35.23 ? 115 LYS B CA  1 
ATOM   740  C  C   . LYS B 2 6   ? -4.764  23.193  8.096   1.00 35.15 ? 115 LYS B C   1 
ATOM   741  O  O   . LYS B 2 6   ? -5.636  24.028  7.839   1.00 35.94 ? 115 LYS B O   1 
ATOM   742  C  CB  . LYS B 2 6   ? -3.191  24.425  9.647   1.00 36.42 ? 115 LYS B CB  1 
ATOM   743  N  N   . TRP B 2 7   ? -4.392  22.252  7.214   1.00 33.13 ? 116 TRP B N   1 
ATOM   744  C  CA  . TRP B 2 7   ? -4.847  22.309  5.823   1.00 31.37 ? 116 TRP B CA  1 
ATOM   745  C  C   . TRP B 2 7   ? -6.345  22.264  5.730   1.00 30.90 ? 116 TRP B C   1 
ATOM   746  O  O   . TRP B 2 7   ? -6.993  21.528  6.452   1.00 30.75 ? 116 TRP B O   1 
ATOM   747  C  CB  . TRP B 2 7   ? -4.324  21.130  4.998   1.00 29.62 ? 116 TRP B CB  1 
ATOM   748  C  CG  . TRP B 2 7   ? -2.916  21.164  4.638   1.00 29.63 ? 116 TRP B CG  1 
ATOM   749  C  CD1 . TRP B 2 7   ? -1.965  22.084  5.015   1.00 30.05 ? 116 TRP B CD1 1 
ATOM   750  C  CD2 . TRP B 2 7   ? -2.240  20.190  3.842   1.00 29.48 ? 116 TRP B CD2 1 
ATOM   751  N  NE1 . TRP B 2 7   ? -0.749  21.741  4.483   1.00 31.32 ? 116 TRP B NE1 1 
ATOM   752  C  CE2 . TRP B 2 7   ? -0.883  20.585  3.759   1.00 30.31 ? 116 TRP B CE2 1 
ATOM   753  C  CE3 . TRP B 2 7   ? -2.657  19.023  3.180   1.00 26.88 ? 116 TRP B CE3 1 
ATOM   754  C  CZ2 . TRP B 2 7   ? 0.063   19.865  3.031   1.00 30.66 ? 116 TRP B CZ2 1 
ATOM   755  C  CZ3 . TRP B 2 7   ? -1.708  18.292  2.476   1.00 28.77 ? 116 TRP B CZ3 1 
ATOM   756  C  CH2 . TRP B 2 7   ? -0.372  18.715  2.401   1.00 28.73 ? 116 TRP B CH2 1 
ATOM   757  N  N   . SER B 2 8   ? -6.893  22.997  4.766   1.00 31.52 ? 117 SER B N   1 
ATOM   758  C  CA  . SER B 2 8   ? -8.321  22.987  4.527   1.00 32.06 ? 117 SER B CA  1 
ATOM   759  C  C   . SER B 2 8   ? -8.586  21.786  3.632   1.00 32.19 ? 117 SER B C   1 
ATOM   760  O  O   . SER B 2 8   ? -7.645  21.239  3.056   1.00 32.38 ? 117 SER B O   1 
ATOM   761  C  CB  . SER B 2 8   ? -8.699  24.248  3.769   1.00 32.79 ? 117 SER B CB  1 
ATOM   762  O  OG  . SER B 2 8   ? -7.960  24.228  2.559   1.00 32.18 ? 117 SER B OG  1 
ATOM   763  N  N   . PRO B 2 9   ? -9.866  21.365  3.526   1.00 32.64 ? 118 PRO B N   1 
ATOM   764  C  CA  . PRO B 2 9   ? -10.215 20.376  2.508   1.00 31.90 ? 118 PRO B CA  1 
ATOM   765  C  C   . PRO B 2 9   ? -9.662  20.652  1.104   1.00 32.54 ? 118 PRO B C   1 
ATOM   766  O  O   . PRO B 2 9   ? -9.291  19.696  0.411   1.00 30.67 ? 118 PRO B O   1 
ATOM   767  C  CB  . PRO B 2 9   ? -11.752 20.354  2.511   1.00 32.14 ? 118 PRO B CB  1 
ATOM   768  C  CG  . PRO B 2 9   ? -12.144 20.809  3.946   1.00 32.70 ? 118 PRO B CG  1 
ATOM   769  C  CD  . PRO B 2 9   ? -11.013 21.720  4.410   1.00 31.83 ? 118 PRO B CD  1 
ATOM   770  N  N   . SER B 2 10  ? -9.599  21.921  0.682   1.00 32.32 ? 119 SER B N   1 
ATOM   771  C  CA  . SER B 2 10  ? -9.129  22.221  -0.662  1.00 32.63 ? 119 SER B CA  1 
ATOM   772  C  C   . SER B 2 10  ? -7.628  21.928  -0.811  1.00 31.46 ? 119 SER B C   1 
ATOM   773  O  O   . SER B 2 10  ? -7.176  21.466  -1.861  1.00 30.94 ? 119 SER B O   1 
ATOM   774  C  CB  . SER B 2 10  ? -9.467  23.676  -1.062  1.00 33.67 ? 119 SER B CB  1 
ATOM   775  O  OG  . SER B 2 10  ? -8.718  23.997  -2.254  1.00 39.47 ? 119 SER B OG  1 
ATOM   776  N  N   . GLN B 2 11  ? -6.872  22.170  0.263   1.00 30.01 ? 120 GLN B N   1 
ATOM   777  C  CA  . GLN B 2 11  ? -5.458  21.846  0.324   1.00 29.89 ? 120 GLN B CA  1 
ATOM   778  C  C   . GLN B 2 11  ? -5.158  20.325  0.308   1.00 27.49 ? 120 GLN B C   1 
ATOM   779  O  O   . GLN B 2 11  ? -4.159  19.895  -0.275  1.00 26.42 ? 120 GLN B O   1 
ATOM   780  C  CB  . GLN B 2 11  ? -4.837  22.502  1.555   1.00 30.78 ? 120 GLN B CB  1 
ATOM   781  C  CG  . GLN B 2 11  ? -4.646  24.050  1.458   1.00 32.58 ? 120 GLN B CG  1 
ATOM   782  C  CD  . GLN B 2 11  ? -4.158  24.598  2.802   1.00 33.36 ? 120 GLN B CD  1 
ATOM   783  O  OE1 . GLN B 2 11  ? -4.921  24.678  3.750   1.00 34.39 ? 120 GLN B OE1 1 
ATOM   784  N  NE2 . GLN B 2 11  ? -2.870  24.940  2.884   1.00 38.76 ? 120 GLN B NE2 1 
ATOM   785  N  N   . VAL B 2 12  ? -6.001  19.536  0.967   1.00 26.04 ? 121 VAL B N   1 
ATOM   786  C  CA  . VAL B 2 12  ? -5.919  18.062  0.907   1.00 25.02 ? 121 VAL B CA  1 
ATOM   787  C  C   . VAL B 2 12  ? -6.121  17.589  -0.530  1.00 25.25 ? 121 VAL B C   1 
ATOM   788  O  O   . VAL B 2 12  ? -5.360  16.728  -1.033  1.00 23.87 ? 121 VAL B O   1 
ATOM   789  C  CB  . VAL B 2 12  ? -6.974  17.402  1.817   1.00 25.22 ? 121 VAL B CB  1 
ATOM   790  C  CG1 . VAL B 2 12  ? -6.999  15.858  1.636   1.00 24.73 ? 121 VAL B CG1 1 
ATOM   791  C  CG2 . VAL B 2 12  ? -6.665  17.771  3.306   1.00 23.50 ? 121 VAL B CG2 1 
ATOM   792  N  N   . VAL B 2 13  ? -7.128  18.149  -1.200  1.00 24.69 ? 122 VAL B N   1 
ATOM   793  C  CA  . VAL B 2 13  ? -7.380  17.781  -2.607  1.00 26.11 ? 122 VAL B CA  1 
ATOM   794  C  C   . VAL B 2 13  ? -6.190  18.185  -3.487  1.00 25.96 ? 122 VAL B C   1 
ATOM   795  O  O   . VAL B 2 13  ? -5.735  17.392  -4.294  1.00 26.23 ? 122 VAL B O   1 
ATOM   796  C  CB  . VAL B 2 13  ? -8.736  18.362  -3.125  1.00 25.71 ? 122 VAL B CB  1 
ATOM   797  C  CG1 . VAL B 2 13  ? -8.836  18.308  -4.645  1.00 26.24 ? 122 VAL B CG1 1 
ATOM   798  C  CG2 . VAL B 2 13  ? -9.911  17.591  -2.475  1.00 28.54 ? 122 VAL B CG2 1 
ATOM   799  N  N   . ASP B 2 14  ? -5.631  19.387  -3.306  1.00 27.61 ? 123 ASP B N   1 
ATOM   800  C  CA  . ASP B 2 14  ? -4.437  19.736  -4.094  1.00 28.78 ? 123 ASP B CA  1 
ATOM   801  C  C   . ASP B 2 14  ? -3.260  18.738  -3.880  1.00 28.76 ? 123 ASP B C   1 
ATOM   802  O  O   . ASP B 2 14  ? -2.587  18.353  -4.843  1.00 29.40 ? 123 ASP B O   1 
ATOM   803  C  CB  . ASP B 2 14  ? -3.977  21.165  -3.819  1.00 29.63 ? 123 ASP B CB  1 
ATOM   804  C  CG  . ASP B 2 14  ? -4.940  22.226  -4.375  1.00 33.31 ? 123 ASP B CG  1 
ATOM   805  O  OD1 . ASP B 2 14  ? -5.715  21.931  -5.306  1.00 36.93 ? 123 ASP B OD1 1 
ATOM   806  O  OD2 . ASP B 2 14  ? -4.907  23.352  -3.841  1.00 39.21 ? 123 ASP B OD2 1 
ATOM   807  N  N   . TRP B 2 15  ? -3.003  18.344  -2.625  1.00 28.12 ? 124 TRP B N   1 
ATOM   808  C  CA  . TRP B 2 15  ? -2.033  17.258  -2.314  1.00 27.04 ? 124 TRP B CA  1 
ATOM   809  C  C   . TRP B 2 15  ? -2.348  15.945  -3.052  1.00 27.08 ? 124 TRP B C   1 
ATOM   810  O  O   . TRP B 2 15  ? -1.447  15.364  -3.700  1.00 25.87 ? 124 TRP B O   1 
ATOM   811  C  CB  . TRP B 2 15  ? -1.958  17.035  -0.777  1.00 26.76 ? 124 TRP B CB  1 
ATOM   812  C  CG  . TRP B 2 15  ? -1.216  15.803  -0.334  1.00 24.67 ? 124 TRP B CG  1 
ATOM   813  C  CD1 . TRP B 2 15  ? 0.154   15.632  -0.247  1.00 26.24 ? 124 TRP B CD1 1 
ATOM   814  C  CD2 . TRP B 2 15  ? -1.799  14.567  0.090   1.00 25.11 ? 124 TRP B CD2 1 
ATOM   815  N  NE1 . TRP B 2 15  ? 0.442   14.354  0.193   1.00 25.78 ? 124 TRP B NE1 1 
ATOM   816  C  CE2 . TRP B 2 15  ? -0.731  13.692  0.431   1.00 26.59 ? 124 TRP B CE2 1 
ATOM   817  C  CE3 . TRP B 2 15  ? -3.119  14.114  0.230   1.00 25.72 ? 124 TRP B CE3 1 
ATOM   818  C  CZ2 . TRP B 2 15  ? -0.943  12.419  0.914   1.00 24.18 ? 124 TRP B CZ2 1 
ATOM   819  C  CZ3 . TRP B 2 15  ? -3.323  12.808  0.692   1.00 27.28 ? 124 TRP B CZ3 1 
ATOM   820  C  CH2 . TRP B 2 15  ? -2.234  11.994  1.039   1.00 24.47 ? 124 TRP B CH2 1 
HETATM 821  N  N   . MSE B 2 16  ? -3.611  15.467  -2.980  1.00 27.13 ? 125 MSE B N   1 
HETATM 822  C  CA  . MSE B 2 16  ? -3.997  14.208  -3.645  1.00 31.54 ? 125 MSE B CA  1 
HETATM 823  C  C   . MSE B 2 16  ? -3.758  14.270  -5.132  1.00 29.40 ? 125 MSE B C   1 
HETATM 824  O  O   . MSE B 2 16  ? -3.399  13.260  -5.762  1.00 27.05 ? 125 MSE B O   1 
HETATM 825  C  CB  . MSE B 2 16  ? -5.479  13.885  -3.438  1.00 29.66 ? 125 MSE B CB  1 
HETATM 826  C  CG  . MSE B 2 16  ? -5.835  13.747  -1.968  1.00 33.59 ? 125 MSE B CG  1 
HETATM 827  SE SE  . MSE B 2 16  ? -7.662  13.093  -1.833  1.00 50.95 ? 125 MSE B SE  1 
HETATM 828  C  CE  . MSE B 2 16  ? -7.444  11.313  -2.665  1.00 34.86 ? 125 MSE B CE  1 
ATOM   829  N  N   . LYS B 2 17  ? -3.975  15.456  -5.707  1.00 29.49 ? 126 LYS B N   1 
ATOM   830  C  CA  . LYS B 2 17  ? -3.744  15.629  -7.150  1.00 31.15 ? 126 LYS B CA  1 
ATOM   831  C  C   . LYS B 2 17  ? -2.274  15.386  -7.554  1.00 31.43 ? 126 LYS B C   1 
ATOM   832  O  O   . LYS B 2 17  ? -1.995  15.062  -8.702  1.00 33.30 ? 126 LYS B O   1 
ATOM   833  C  CB  . LYS B 2 17  ? -4.268  16.989  -7.602  1.00 31.04 ? 126 LYS B CB  1 
ATOM   834  C  CG  . LYS B 2 17  ? -5.804  17.051  -7.676  1.00 31.58 ? 126 LYS B CG  1 
ATOM   835  C  CD  . LYS B 2 17  ? -6.305  18.288  -8.427  1.00 35.13 ? 126 LYS B CD  1 
ATOM   836  C  CE  . LYS B 2 17  ? -7.821  18.341  -8.379  1.00 40.93 ? 126 LYS B CE  1 
ATOM   837  N  NZ  . LYS B 2 17  ? -8.384  19.659  -8.824  1.00 47.54 ? 126 LYS B NZ  1 
ATOM   838  N  N   . GLY B 2 18  ? -1.335  15.502  -6.621  1.00 31.07 ? 127 GLY B N   1 
ATOM   839  C  CA  . GLY B 2 18  ? 0.056   15.129  -6.881  1.00 31.03 ? 127 GLY B CA  1 
ATOM   840  C  C   . GLY B 2 18  ? 0.414   13.664  -6.662  1.00 30.90 ? 127 GLY B C   1 
ATOM   841  O  O   . GLY B 2 18  ? 1.593   13.296  -6.763  1.00 30.96 ? 127 GLY B O   1 
ATOM   842  N  N   . LEU B 2 19  ? -0.571  12.816  -6.341  1.00 28.47 ? 128 LEU B N   1 
ATOM   843  C  CA  . LEU B 2 19  ? -0.284  11.411  -6.044  1.00 27.86 ? 128 LEU B CA  1 
ATOM   844  C  C   . LEU B 2 19  ? -0.484  10.560  -7.309  1.00 28.65 ? 128 LEU B C   1 
ATOM   845  O  O   . LEU B 2 19  ? -0.735  11.107  -8.340  1.00 28.40 ? 128 LEU B O   1 
ATOM   846  C  CB  . LEU B 2 19  ? -1.181  10.911  -4.904  1.00 27.33 ? 128 LEU B CB  1 
ATOM   847  C  CG  . LEU B 2 19  ? -1.008  11.615  -3.530  1.00 24.22 ? 128 LEU B CG  1 
ATOM   848  C  CD1 . LEU B 2 19  ? -1.779  10.869  -2.431  1.00 31.09 ? 128 LEU B CD1 1 
ATOM   849  C  CD2 . LEU B 2 19  ? 0.451   11.711  -3.152  1.00 27.29 ? 128 LEU B CD2 1 
ATOM   850  N  N   . ASP B 2 20  ? -0.381  9.238   -7.204  1.00 29.63 ? 129 ASP B N   1 
ATOM   851  C  CA  . ASP B 2 20  ? -0.548  8.316   -8.353  1.00 31.47 ? 129 ASP B CA  1 
ATOM   852  C  C   . ASP B 2 20  ? -1.847  8.527   -9.160  1.00 31.21 ? 129 ASP B C   1 
ATOM   853  O  O   . ASP B 2 20  ? -2.924  8.829   -8.595  1.00 28.55 ? 129 ASP B O   1 
ATOM   854  C  CB  . ASP B 2 20  ? -0.517  6.883   -7.836  1.00 32.66 ? 129 ASP B CB  1 
ATOM   855  C  CG  . ASP B 2 20  ? 0.677   6.637   -6.853  1.00 38.63 ? 129 ASP B CG  1 
ATOM   856  O  OD1 . ASP B 2 20  ? 1.634   5.950   -7.282  1.00 42.06 ? 129 ASP B OD1 1 
ATOM   857  O  OD2 . ASP B 2 20  ? 0.664   7.164   -5.685  1.00 44.66 ? 129 ASP B OD2 1 
ATOM   858  N  N   . ASP B 2 21  ? -1.741  8.338   -10.477 1.00 29.94 ? 130 ASP B N   1 
ATOM   859  C  CA  . ASP B 2 21  ? -2.871  8.461   -11.383 1.00 30.55 ? 130 ASP B CA  1 
ATOM   860  C  C   . ASP B 2 21  ? -4.052  7.609   -10.939 1.00 29.44 ? 130 ASP B C   1 
ATOM   861  O  O   . ASP B 2 21  ? -5.177  8.036   -11.056 1.00 28.69 ? 130 ASP B O   1 
ATOM   862  C  CB  . ASP B 2 21  ? -2.458  7.991   -12.810 1.00 31.97 ? 130 ASP B CB  1 
ATOM   863  C  CG  . ASP B 2 21  ? -1.599  9.027   -13.554 1.00 38.86 ? 130 ASP B CG  1 
ATOM   864  O  OD1 . ASP B 2 21  ? -1.516  10.199  -13.077 1.00 42.04 ? 130 ASP B OD1 1 
ATOM   865  O  OD2 . ASP B 2 21  ? -0.986  8.670   -14.614 1.00 43.06 ? 130 ASP B OD2 1 
ATOM   866  N  N   . CYS B 2 22  ? -3.793  6.403   -10.434 1.00 28.35 ? 131 CYS B N   1 
ATOM   867  C  CA  . CYS B 2 22  ? -4.871  5.494   -10.038 1.00 29.76 ? 131 CYS B CA  1 
ATOM   868  C  C   . CYS B 2 22  ? -5.692  5.941   -8.802  1.00 27.76 ? 131 CYS B C   1 
ATOM   869  O  O   . CYS B 2 22  ? -6.770  5.399   -8.540  1.00 28.64 ? 131 CYS B O   1 
ATOM   870  C  CB  . CYS B 2 22  ? -4.337  4.076   -9.845  1.00 29.81 ? 131 CYS B CB  1 
ATOM   871  S  SG  . CYS B 2 22  ? -3.248  3.962   -8.395  1.00 38.33 ? 131 CYS B SG  1 
ATOM   872  N  N   . LEU B 2 23  ? -5.202  6.951   -8.079  1.00 27.34 ? 132 LEU B N   1 
ATOM   873  C  CA  . LEU B 2 23  ? -5.904  7.458   -6.862  1.00 25.92 ? 132 LEU B CA  1 
ATOM   874  C  C   . LEU B 2 23  ? -6.771  8.657   -7.218  1.00 26.76 ? 132 LEU B C   1 
ATOM   875  O  O   . LEU B 2 23  ? -7.586  9.083   -6.402  1.00 25.45 ? 132 LEU B O   1 
ATOM   876  C  CB  . LEU B 2 23  ? -4.901  7.854   -5.777  1.00 25.70 ? 132 LEU B CB  1 
ATOM   877  C  CG  . LEU B 2 23  ? -3.952  6.752   -5.318  1.00 24.88 ? 132 LEU B CG  1 
ATOM   878  C  CD1 . LEU B 2 23  ? -2.927  7.312   -4.289  1.00 25.01 ? 132 LEU B CD1 1 
ATOM   879  C  CD2 . LEU B 2 23  ? -4.734  5.504   -4.718  1.00 25.32 ? 132 LEU B CD2 1 
ATOM   880  N  N   . GLN B 2 24  ? -6.611  9.203   -8.439  1.00 26.46 ? 133 GLN B N   1 
ATOM   881  C  CA  . GLN B 2 24  ? -7.368  10.412  -8.801  1.00 27.07 ? 133 GLN B CA  1 
ATOM   882  C  C   . GLN B 2 24  ? -8.906  10.188  -8.764  1.00 27.26 ? 133 GLN B C   1 
ATOM   883  O  O   . GLN B 2 24  ? -9.688  11.114  -8.489  1.00 26.55 ? 133 GLN B O   1 
ATOM   884  C  CB  . GLN B 2 24  ? -6.907  11.003  -10.149 1.00 27.22 ? 133 GLN B CB  1 
ATOM   885  C  CG  . GLN B 2 24  ? -5.408  11.346  -10.227 1.00 27.59 ? 133 GLN B CG  1 
ATOM   886  C  CD  . GLN B 2 24  ? -4.973  12.240  -9.073  1.00 28.19 ? 133 GLN B CD  1 
ATOM   887  O  OE1 . GLN B 2 24  ? -5.457  13.357  -8.948  1.00 29.96 ? 133 GLN B OE1 1 
ATOM   888  N  NE2 . GLN B 2 24  ? -4.088  11.730  -8.191  1.00 27.05 ? 133 GLN B NE2 1 
ATOM   889  N  N   . GLN B 2 25  ? -9.327  8.954   -9.020  1.00 26.43 ? 134 GLN B N   1 
ATOM   890  C  CA  . GLN B 2 25  ? -10.739 8.583   -8.969  1.00 27.38 ? 134 GLN B CA  1 
ATOM   891  C  C   . GLN B 2 25  ? -11.361 8.810   -7.574  1.00 27.59 ? 134 GLN B C   1 
ATOM   892  O  O   . GLN B 2 25  ? -12.580 8.890   -7.448  1.00 28.26 ? 134 GLN B O   1 
ATOM   893  C  CB  . GLN B 2 25  ? -10.922 7.120   -9.382  1.00 28.08 ? 134 GLN B CB  1 
ATOM   894  C  CG  . GLN B 2 25  ? -10.068 6.144   -8.566  1.00 26.99 ? 134 GLN B CG  1 
ATOM   895  C  CD  . GLN B 2 25  ? -10.281 4.669   -8.894  1.00 29.01 ? 134 GLN B CD  1 
ATOM   896  O  OE1 . GLN B 2 25  ? -11.390 4.186   -8.928  1.00 30.25 ? 134 GLN B OE1 1 
ATOM   897  N  NE2 . GLN B 2 25  ? -9.198  3.942   -9.043  1.00 27.88 ? 134 GLN B NE2 1 
ATOM   898  N  N   . TYR B 2 26  ? -10.533 8.896   -6.535  1.00 26.57 ? 135 TYR B N   1 
ATOM   899  C  CA  . TYR B 2 26  ? -11.072 8.990   -5.146  1.00 27.14 ? 135 TYR B CA  1 
ATOM   900  C  C   . TYR B 2 26  ? -11.274 10.425  -4.703  1.00 27.29 ? 135 TYR B C   1 
ATOM   901  O  O   . TYR B 2 26  ? -11.865 10.694  -3.667  1.00 28.55 ? 135 TYR B O   1 
ATOM   902  C  CB  . TYR B 2 26  ? -10.140 8.261   -4.164  1.00 25.56 ? 135 TYR B CB  1 
ATOM   903  C  CG  . TYR B 2 26  ? -10.004 6.795   -4.522  1.00 25.51 ? 135 TYR B CG  1 
ATOM   904  C  CD1 . TYR B 2 26  ? -11.141 5.968   -4.541  1.00 21.95 ? 135 TYR B CD1 1 
ATOM   905  C  CD2 . TYR B 2 26  ? -8.770  6.263   -4.934  1.00 23.01 ? 135 TYR B CD2 1 
ATOM   906  C  CE1 . TYR B 2 26  ? -11.036 4.607   -4.928  1.00 25.43 ? 135 TYR B CE1 1 
ATOM   907  C  CE2 . TYR B 2 26  ? -8.644  4.911   -5.290  1.00 24.19 ? 135 TYR B CE2 1 
ATOM   908  C  CZ  . TYR B 2 26  ? -9.767  4.096   -5.298  1.00 23.31 ? 135 TYR B CZ  1 
ATOM   909  O  OH  . TYR B 2 26  ? -9.633  2.780   -5.682  1.00 25.73 ? 135 TYR B OH  1 
ATOM   910  N  N   . ILE B 2 27  ? -10.715 11.344  -5.462  1.00 29.73 ? 136 ILE B N   1 
ATOM   911  C  CA  . ILE B 2 27  ? -10.772 12.748  -5.138  1.00 31.51 ? 136 ILE B CA  1 
ATOM   912  C  C   . ILE B 2 27  ? -12.225 13.240  -4.928  1.00 33.15 ? 136 ILE B C   1 
ATOM   913  O  O   . ILE B 2 27  ? -12.491 13.924  -3.938  1.00 33.74 ? 136 ILE B O   1 
ATOM   914  C  CB  . ILE B 2 27  ? -10.010 13.519  -6.195  1.00 31.88 ? 136 ILE B CB  1 
ATOM   915  C  CG1 . ILE B 2 27  ? -8.510  13.267  -5.959  1.00 32.68 ? 136 ILE B CG1 1 
ATOM   916  C  CG2 . ILE B 2 27  ? -10.338 15.020  -6.135  1.00 34.54 ? 136 ILE B CG2 1 
ATOM   917  C  CD1 . ILE B 2 27  ? -7.562  14.055  -6.869  1.00 37.62 ? 136 ILE B CD1 1 
ATOM   918  N  N   . LYS B 2 28  ? -13.158 12.858  -5.801  1.00 33.82 ? 137 LYS B N   1 
ATOM   919  C  CA  . LYS B 2 28  ? -14.561 13.321  -5.628  1.00 37.03 ? 137 LYS B CA  1 
ATOM   920  C  C   . LYS B 2 28  ? -15.108 12.991  -4.236  1.00 36.11 ? 137 LYS B C   1 
ATOM   921  O  O   . LYS B 2 28  ? -15.757 13.826  -3.607  1.00 36.42 ? 137 LYS B O   1 
ATOM   922  C  CB  . LYS B 2 28  ? -15.495 12.785  -6.722  1.00 37.57 ? 137 LYS B CB  1 
ATOM   923  C  CG  . LYS B 2 28  ? -15.342 11.285  -7.009  1.00 40.45 ? 137 LYS B CG  1 
ATOM   924  C  CD  . LYS B 2 28  ? -16.468 10.734  -7.889  1.00 41.40 ? 137 LYS B CD  1 
ATOM   925  C  CE  . LYS B 2 28  ? -16.662 9.226   -7.660  1.00 47.69 ? 137 LYS B CE  1 
ATOM   926  N  NZ  . LYS B 2 28  ? -17.428 8.938   -6.375  1.00 51.26 ? 137 LYS B NZ  1 
ATOM   927  N  N   . ASN B 2 29  ? -14.794 11.799  -3.736  1.00 35.74 ? 138 ASN B N   1 
ATOM   928  C  CA  . ASN B 2 29  ? -15.228 11.388  -2.404  1.00 35.08 ? 138 ASN B CA  1 
ATOM   929  C  C   . ASN B 2 29  ? -14.603 12.180  -1.268  1.00 34.07 ? 138 ASN B C   1 
ATOM   930  O  O   . ASN B 2 29  ? -15.306 12.602  -0.330  1.00 33.40 ? 138 ASN B O   1 
ATOM   931  C  CB  . ASN B 2 29  ? -14.984 9.900   -2.200  1.00 35.94 ? 138 ASN B CB  1 
ATOM   932  C  CG  . ASN B 2 29  ? -15.708 9.066   -3.213  1.00 39.47 ? 138 ASN B CG  1 
ATOM   933  O  OD1 . ASN B 2 29  ? -16.756 9.491   -3.732  1.00 41.29 ? 138 ASN B OD1 1 
ATOM   934  N  ND2 . ASN B 2 29  ? -15.144 7.876   -3.545  1.00 38.09 ? 138 ASN B ND2 1 
ATOM   935  N  N   . PHE B 2 30  ? -13.282 12.376  -1.332  1.00 32.21 ? 139 PHE B N   1 
ATOM   936  C  CA  . PHE B 2 30  ? -12.607 13.250  -0.373  1.00 32.37 ? 139 PHE B CA  1 
ATOM   937  C  C   . PHE B 2 30  ? -13.220 14.678  -0.363  1.00 33.75 ? 139 PHE B C   1 
ATOM   938  O  O   . PHE B 2 30  ? -13.455 15.252  0.709   1.00 32.17 ? 139 PHE B O   1 
ATOM   939  C  CB  . PHE B 2 30  ? -11.097 13.308  -0.633  1.00 31.21 ? 139 PHE B CB  1 
ATOM   940  C  CG  . PHE B 2 30  ? -10.338 12.121  -0.095  1.00 28.84 ? 139 PHE B CG  1 
ATOM   941  C  CD1 . PHE B 2 30  ? -10.510 10.849  -0.650  1.00 27.68 ? 139 PHE B CD1 1 
ATOM   942  C  CD2 . PHE B 2 30  ? -9.406  12.286  0.953   1.00 29.31 ? 139 PHE B CD2 1 
ATOM   943  C  CE1 . PHE B 2 30  ? -9.775  9.735   -0.155  1.00 29.69 ? 139 PHE B CE1 1 
ATOM   944  C  CE2 . PHE B 2 30  ? -8.690  11.178  1.476   1.00 25.88 ? 139 PHE B CE2 1 
ATOM   945  C  CZ  . PHE B 2 30  ? -8.861  9.919   0.901   1.00 28.68 ? 139 PHE B CZ  1 
ATOM   946  N  N   . GLU B 2 31  ? -13.489 15.218  -1.551  1.00 36.00 ? 140 GLU B N   1 
ATOM   947  C  CA  . GLU B 2 31  ? -14.155 16.511  -1.702  1.00 39.26 ? 140 GLU B CA  1 
ATOM   948  C  C   . GLU B 2 31  ? -15.546 16.511  -1.085  1.00 39.09 ? 140 GLU B C   1 
ATOM   949  O  O   . GLU B 2 31  ? -15.866 17.405  -0.317  1.00 40.79 ? 140 GLU B O   1 
ATOM   950  C  CB  . GLU B 2 31  ? -14.307 16.876  -3.191  1.00 40.13 ? 140 GLU B CB  1 
ATOM   951  C  CG  . GLU B 2 31  ? -13.062 17.383  -3.829  1.00 41.66 ? 140 GLU B CG  1 
ATOM   952  C  CD  . GLU B 2 31  ? -13.213 17.694  -5.312  1.00 43.36 ? 140 GLU B CD  1 
ATOM   953  O  OE1 . GLU B 2 31  ? -13.991 16.992  -6.028  1.00 50.29 ? 140 GLU B OE1 1 
ATOM   954  O  OE2 . GLU B 2 31  ? -12.528 18.630  -5.775  1.00 45.10 ? 140 GLU B OE2 1 
ATOM   955  N  N   . ARG B 2 32  ? -16.377 15.528  -1.443  1.00 39.52 ? 141 ARG B N   1 
ATOM   956  C  CA  . ARG B 2 32  ? -17.735 15.452  -0.926  1.00 39.40 ? 141 ARG B CA  1 
ATOM   957  C  C   . ARG B 2 32  ? -17.713 15.458  0.605   1.00 39.07 ? 141 ARG B C   1 
ATOM   958  O  O   . ARG B 2 32  ? -18.425 16.259  1.226   1.00 37.06 ? 141 ARG B O   1 
ATOM   959  C  CB  . ARG B 2 32  ? -18.474 14.232  -1.455  1.00 39.89 ? 141 ARG B CB  1 
ATOM   960  N  N   . GLU B 2 33  ? -16.862 14.610  1.198   1.00 37.23 ? 142 GLU B N   1 
ATOM   961  C  CA  . GLU B 2 33  ? -16.806 14.461  2.657   1.00 36.75 ? 142 GLU B CA  1 
ATOM   962  C  C   . GLU B 2 33  ? -16.041 15.555  3.373   1.00 35.69 ? 142 GLU B C   1 
ATOM   963  O  O   . GLU B 2 33  ? -15.984 15.569  4.602   1.00 36.33 ? 142 GLU B O   1 
ATOM   964  C  CB  . GLU B 2 33  ? -16.247 13.088  3.051   1.00 37.16 ? 142 GLU B CB  1 
ATOM   965  C  CG  . GLU B 2 33  ? -17.121 11.918  2.686   1.00 39.86 ? 142 GLU B CG  1 
ATOM   966  C  CD  . GLU B 2 33  ? -18.550 12.007  3.287   1.00 44.75 ? 142 GLU B CD  1 
ATOM   967  O  OE1 . GLU B 2 33  ? -18.660 12.350  4.488   1.00 47.29 ? 142 GLU B OE1 1 
ATOM   968  O  OE2 . GLU B 2 33  ? -19.548 11.717  2.553   1.00 45.52 ? 142 GLU B OE2 1 
ATOM   969  N  N   . LYS B 2 34  ? -15.460 16.471  2.606   1.00 34.34 ? 143 LYS B N   1 
ATOM   970  C  CA  . LYS B 2 34  ? -14.689 17.600  3.125   1.00 33.53 ? 143 LYS B CA  1 
ATOM   971  C  C   . LYS B 2 34  ? -13.534 17.170  4.063   1.00 32.59 ? 143 LYS B C   1 
ATOM   972  O  O   . LYS B 2 34  ? -13.341 17.735  5.133   1.00 31.54 ? 143 LYS B O   1 
ATOM   973  C  CB  . LYS B 2 34  ? -15.621 18.657  3.810   1.00 34.83 ? 143 LYS B CB  1 
ATOM   974  N  N   . ILE B 2 35  ? -12.745 16.185  3.637   1.00 30.34 ? 144 ILE B N   1 
ATOM   975  C  CA  . ILE B 2 35  ? -11.616 15.730  4.456   1.00 28.29 ? 144 ILE B CA  1 
ATOM   976  C  C   . ILE B 2 35  ? -10.605 16.861  4.670   1.00 27.69 ? 144 ILE B C   1 
ATOM   977  O  O   . ILE B 2 35  ? -10.001 17.347  3.716   1.00 27.17 ? 144 ILE B O   1 
ATOM   978  C  CB  . ILE B 2 35  ? -10.929 14.475  3.789   1.00 27.87 ? 144 ILE B CB  1 
ATOM   979  C  CG1 . ILE B 2 35  ? -11.955 13.344  3.589   1.00 27.41 ? 144 ILE B CG1 1 
ATOM   980  C  CG2 . ILE B 2 35  ? -9.670  14.006  4.591   1.00 27.37 ? 144 ILE B CG2 1 
ATOM   981  C  CD1 . ILE B 2 35  ? -12.712 12.893  4.909   1.00 30.35 ? 144 ILE B CD1 1 
ATOM   982  N  N   . SER B 2 36  ? -10.417 17.264  5.929   1.00 26.43 ? 145 SER B N   1 
ATOM   983  C  CA  . SER B 2 36  ? -9.454  18.264  6.294   1.00 26.18 ? 145 SER B CA  1 
ATOM   984  C  C   . SER B 2 36  ? -8.057  17.652  6.496   1.00 26.07 ? 145 SER B C   1 
ATOM   985  O  O   . SER B 2 36  ? -7.929  16.431  6.551   1.00 25.53 ? 145 SER B O   1 
ATOM   986  C  CB  . SER B 2 36  ? -9.899  18.907  7.592   1.00 27.56 ? 145 SER B CB  1 
ATOM   987  O  OG  . SER B 2 36  ? -9.659  18.016  8.670   1.00 28.10 ? 145 SER B OG  1 
ATOM   988  N  N   . GLY B 2 37  ? -7.031  18.500  6.613   1.00 26.57 ? 146 GLY B N   1 
ATOM   989  C  CA  . GLY B 2 37  ? -5.663  18.060  6.928   1.00 25.95 ? 146 GLY B CA  1 
ATOM   990  C  C   . GLY B 2 37  ? -5.546  17.265  8.215   1.00 26.26 ? 146 GLY B C   1 
ATOM   991  O  O   . GLY B 2 37  ? -4.764  16.307  8.322   1.00 24.06 ? 146 GLY B O   1 
ATOM   992  N  N   . ASP B 2 38  ? -6.284  17.682  9.239   1.00 28.77 ? 147 ASP B N   1 
ATOM   993  C  CA  . ASP B 2 38  ? -6.261  16.936  10.516  1.00 29.41 ? 147 ASP B CA  1 
ATOM   994  C  C   . ASP B 2 38  ? -6.853  15.532  10.371  1.00 28.12 ? 147 ASP B C   1 
ATOM   995  O  O   . ASP B 2 38  ? -6.316  14.557  10.881  1.00 28.18 ? 147 ASP B O   1 
ATOM   996  C  CB  . ASP B 2 38  ? -7.049  17.702  11.574  1.00 32.30 ? 147 ASP B CB  1 
ATOM   997  C  CG  . ASP B 2 38  ? -6.931  17.055  12.936  1.00 37.21 ? 147 ASP B CG  1 
ATOM   998  O  OD1 . ASP B 2 38  ? -5.777  16.909  13.426  1.00 41.15 ? 147 ASP B OD1 1 
ATOM   999  O  OD2 . ASP B 2 38  ? -7.987  16.674  13.475  1.00 45.19 ? 147 ASP B OD2 1 
ATOM   1000 N  N   . GLN B 2 39  ? -7.963  15.430  9.655   1.00 26.43 ? 148 GLN B N   1 
ATOM   1001 C  CA  . GLN B 2 39  ? -8.608  14.170  9.397   1.00 26.94 ? 148 GLN B CA  1 
ATOM   1002 C  C   . GLN B 2 39  ? -7.713  13.241  8.538   1.00 24.76 ? 148 GLN B C   1 
ATOM   1003 O  O   . GLN B 2 39  ? -7.685  12.021  8.743   1.00 23.39 ? 148 GLN B O   1 
ATOM   1004 C  CB  . GLN B 2 39  ? -9.937  14.403  8.672   1.00 26.06 ? 148 GLN B CB  1 
ATOM   1005 C  CG  . GLN B 2 39  ? -11.040 15.055  9.573   1.00 31.43 ? 148 GLN B CG  1 
ATOM   1006 C  CD  . GLN B 2 39  ? -12.322 15.307  8.835   1.00 31.45 ? 148 GLN B CD  1 
ATOM   1007 O  OE1 . GLN B 2 39  ? -12.321 15.846  7.748   1.00 33.23 ? 148 GLN B OE1 1 
ATOM   1008 N  NE2 . GLN B 2 39  ? -13.447 14.946  9.454   1.00 40.25 ? 148 GLN B NE2 1 
ATOM   1009 N  N   . LEU B 2 40  ? -6.995  13.835  7.584   1.00 23.27 ? 149 LEU B N   1 
ATOM   1010 C  CA  . LEU B 2 40  ? -6.106  13.066  6.698   1.00 21.98 ? 149 LEU B CA  1 
ATOM   1011 C  C   . LEU B 2 40  ? -4.952  12.476  7.525   1.00 22.16 ? 149 LEU B C   1 
ATOM   1012 O  O   . LEU B 2 40  ? -4.643  11.291  7.392   1.00 20.99 ? 149 LEU B O   1 
ATOM   1013 C  CB  . LEU B 2 40  ? -5.541  13.996  5.619   1.00 22.46 ? 149 LEU B CB  1 
ATOM   1014 C  CG  . LEU B 2 40  ? -4.500  13.379  4.680   1.00 21.64 ? 149 LEU B CG  1 
ATOM   1015 C  CD1 . LEU B 2 40  ? -5.151  12.385  3.755   1.00 19.16 ? 149 LEU B CD1 1 
ATOM   1016 C  CD2 . LEU B 2 40  ? -3.756  14.479  3.823   1.00 21.60 ? 149 LEU B CD2 1 
ATOM   1017 N  N   . LEU B 2 41  ? -4.294  13.280  8.367   1.00 19.96 ? 150 LEU B N   1 
ATOM   1018 C  CA  . LEU B 2 41  ? -3.232  12.732  9.228   1.00 22.95 ? 150 LEU B CA  1 
ATOM   1019 C  C   . LEU B 2 41  ? -3.723  11.587  10.131  1.00 22.83 ? 150 LEU B C   1 
ATOM   1020 O  O   . LEU B 2 41  ? -2.964  10.710  10.488  1.00 23.68 ? 150 LEU B O   1 
ATOM   1021 C  CB  . LEU B 2 41  ? -2.614  13.828  10.125  1.00 21.96 ? 150 LEU B CB  1 
ATOM   1022 C  CG  . LEU B 2 41  ? -1.779  14.944  9.460   1.00 24.24 ? 150 LEU B CG  1 
ATOM   1023 C  CD1 . LEU B 2 41  ? -1.510  16.019  10.517  1.00 25.98 ? 150 LEU B CD1 1 
ATOM   1024 C  CD2 . LEU B 2 41  ? -0.431  14.404  8.863   1.00 27.37 ? 150 LEU B CD2 1 
ATOM   1025 N  N   . ARG B 2 42  ? -5.009  11.600  10.446  1.00 23.43 ? 151 ARG B N   1 
ATOM   1026 C  CA  . ARG B 2 42  ? -5.622  10.614  11.337  1.00 25.04 ? 151 ARG B CA  1 
ATOM   1027 C  C   . ARG B 2 42  ? -6.305  9.478   10.548  1.00 24.91 ? 151 ARG B C   1 
ATOM   1028 O  O   . ARG B 2 42  ? -6.889  8.597   11.134  1.00 24.26 ? 151 ARG B O   1 
ATOM   1029 C  CB  . ARG B 2 42  ? -6.657  11.316  12.191  1.00 25.12 ? 151 ARG B CB  1 
ATOM   1030 C  CG  . ARG B 2 42  ? -6.015  12.224  13.274  1.00 26.62 ? 151 ARG B CG  1 
ATOM   1031 C  CD  . ARG B 2 42  ? -7.082  13.100  13.898  1.00 32.58 ? 151 ARG B CD  1 
ATOM   1032 N  NE  . ARG B 2 42  ? -6.474  14.041  14.849  1.00 34.74 ? 151 ARG B NE  1 
ATOM   1033 C  CZ  . ARG B 2 42  ? -6.217  13.764  16.115  1.00 37.07 ? 151 ARG B CZ  1 
ATOM   1034 N  NH1 . ARG B 2 42  ? -6.522  12.561  16.614  1.00 34.59 ? 151 ARG B NH1 1 
ATOM   1035 N  NH2 . ARG B 2 42  ? -5.648  14.697  16.875  1.00 37.60 ? 151 ARG B NH2 1 
ATOM   1036 N  N   . ILE B 2 43  ? -6.170  9.483   9.215   1.00 24.87 ? 152 ILE B N   1 
ATOM   1037 C  CA  . ILE B 2 43  ? -6.935  8.573   8.389   1.00 24.95 ? 152 ILE B CA  1 
ATOM   1038 C  C   . ILE B 2 43  ? -6.597  7.085   8.633   1.00 25.09 ? 152 ILE B C   1 
ATOM   1039 O  O   . ILE B 2 43  ? -5.427  6.718   8.831   1.00 26.27 ? 152 ILE B O   1 
ATOM   1040 C  CB  . ILE B 2 43  ? -6.882  8.974   6.857   1.00 25.82 ? 152 ILE B CB  1 
ATOM   1041 C  CG1 . ILE B 2 43  ? -8.132  8.502   6.147   1.00 26.49 ? 152 ILE B CG1 1 
ATOM   1042 C  CG2 . ILE B 2 43  ? -5.640  8.478   6.203   1.00 24.51 ? 152 ILE B CG2 1 
ATOM   1043 C  CD1 . ILE B 2 43  ? -8.834  9.621   5.380   1.00 33.73 ? 152 ILE B CD1 1 
ATOM   1044 N  N   . THR B 2 44  ? -7.631  6.255   8.609   1.00 26.00 ? 153 THR B N   1 
ATOM   1045 C  CA  . THR B 2 44  ? -7.495  4.796   8.814   1.00 27.17 ? 153 THR B CA  1 
ATOM   1046 C  C   . THR B 2 44  ? -7.976  3.989   7.583   1.00 26.82 ? 153 THR B C   1 
ATOM   1047 O  O   . THR B 2 44  ? -8.653  4.545   6.713   1.00 25.21 ? 153 THR B O   1 
ATOM   1048 C  CB  . THR B 2 44  ? -8.322  4.323   10.022  1.00 27.33 ? 153 THR B CB  1 
ATOM   1049 O  OG1 . THR B 2 44  ? -9.699  4.496   9.722   1.00 26.44 ? 153 THR B OG1 1 
ATOM   1050 C  CG2 . THR B 2 44  ? -7.982  5.146   11.301  1.00 30.57 ? 153 THR B CG2 1 
ATOM   1051 N  N   . HIS B 2 45  ? -7.663  2.677   7.567   1.00 26.99 ? 154 HIS B N   1 
ATOM   1052 C  CA  . HIS B 2 45  ? -8.139  1.770   6.517   1.00 27.39 ? 154 HIS B CA  1 
ATOM   1053 C  C   . HIS B 2 45  ? -9.667  1.808   6.464   1.00 28.39 ? 154 HIS B C   1 
ATOM   1054 O  O   . HIS B 2 45  ? -10.273 1.850   5.377   1.00 26.81 ? 154 HIS B O   1 
ATOM   1055 C  CB  . HIS B 2 45  ? -7.690  0.310   6.777   1.00 27.70 ? 154 HIS B CB  1 
ATOM   1056 C  CG  . HIS B 2 45  ? -6.228  0.041   6.544   1.00 29.45 ? 154 HIS B CG  1 
ATOM   1057 N  ND1 . HIS B 2 45  ? -5.266  0.188   7.531   1.00 31.83 ? 154 HIS B ND1 1 
ATOM   1058 C  CD2 . HIS B 2 45  ? -5.583  -0.474  5.472   1.00 31.41 ? 154 HIS B CD2 1 
ATOM   1059 C  CE1 . HIS B 2 45  ? -4.091  -0.182  7.062   1.00 31.24 ? 154 HIS B CE1 1 
ATOM   1060 N  NE2 . HIS B 2 45  ? -4.256  -0.604  5.820   1.00 34.60 ? 154 HIS B NE2 1 
ATOM   1061 N  N   . GLN B 2 46  ? -10.309 1.809   7.629   1.00 28.52 ? 155 GLN B N   1 
ATOM   1062 C  CA  . GLN B 2 46  ? -11.767 1.830   7.633   1.00 30.26 ? 155 GLN B CA  1 
ATOM   1063 C  C   . GLN B 2 46  ? -12.362 3.123   7.070   1.00 28.72 ? 155 GLN B C   1 
ATOM   1064 O  O   . GLN B 2 46  ? -13.355 3.084   6.377   1.00 29.53 ? 155 GLN B O   1 
ATOM   1065 C  CB  . GLN B 2 46  ? -12.364 1.500   9.020   1.00 31.79 ? 155 GLN B CB  1 
ATOM   1066 C  CG  . GLN B 2 46  ? -13.928 1.428   8.977   1.00 38.04 ? 155 GLN B CG  1 
ATOM   1067 C  CD  . GLN B 2 46  ? -14.502 0.397   7.964   1.00 43.24 ? 155 GLN B CD  1 
ATOM   1068 O  OE1 . GLN B 2 46  ? -14.209 -0.789  8.048   1.00 47.68 ? 155 GLN B OE1 1 
ATOM   1069 N  NE2 . GLN B 2 46  ? -15.343 0.862   7.031   1.00 45.69 ? 155 GLN B NE2 1 
ATOM   1070 N  N   . GLU B 2 47  ? -11.778 4.266   7.390   1.00 27.76 ? 156 GLU B N   1 
ATOM   1071 C  CA  . GLU B 2 47  ? -12.198 5.542   6.805   1.00 28.80 ? 156 GLU B CA  1 
ATOM   1072 C  C   . GLU B 2 47  ? -12.026 5.594   5.268   1.00 26.49 ? 156 GLU B C   1 
ATOM   1073 O  O   . GLU B 2 47  ? -12.886 6.127   4.553   1.00 24.95 ? 156 GLU B O   1 
ATOM   1074 C  CB  . GLU B 2 47  ? -11.446 6.681   7.501   1.00 28.14 ? 156 GLU B CB  1 
ATOM   1075 C  CG  . GLU B 2 47  ? -11.813 6.670   9.016   1.00 33.55 ? 156 GLU B CG  1 
ATOM   1076 C  CD  . GLU B 2 47  ? -11.048 7.669   9.873   1.00 35.04 ? 156 GLU B CD  1 
ATOM   1077 O  OE1 . GLU B 2 47  ? -10.064 8.269   9.375   1.00 38.75 ? 156 GLU B OE1 1 
ATOM   1078 O  OE2 . GLU B 2 47  ? -11.427 7.836   11.068  1.00 44.41 ? 156 GLU B OE2 1 
ATOM   1079 N  N   . LEU B 2 48  ? -10.919 5.027   4.775   1.00 25.39 ? 157 LEU B N   1 
ATOM   1080 C  CA  . LEU B 2 48  ? -10.689 4.900   3.325   1.00 25.99 ? 157 LEU B CA  1 
ATOM   1081 C  C   . LEU B 2 48  ? -11.751 4.017   2.636   1.00 26.34 ? 157 LEU B C   1 
ATOM   1082 O  O   . LEU B 2 48  ? -12.329 4.408   1.616   1.00 24.56 ? 157 LEU B O   1 
ATOM   1083 C  CB  . LEU B 2 48  ? -9.277  4.342   3.070   1.00 24.02 ? 157 LEU B CB  1 
ATOM   1084 C  CG  . LEU B 2 48  ? -8.149  5.274   3.488   1.00 25.20 ? 157 LEU B CG  1 
ATOM   1085 C  CD1 . LEU B 2 48  ? -6.803  4.561   3.251   1.00 23.75 ? 157 LEU B CD1 1 
ATOM   1086 C  CD2 . LEU B 2 48  ? -8.228  6.578   2.678   1.00 23.48 ? 157 LEU B CD2 1 
ATOM   1087 N  N   . GLU B 2 49  ? -12.015 2.844   3.216   1.00 28.98 ? 158 GLU B N   1 
ATOM   1088 C  CA  . GLU B 2 49  ? -13.124 1.976   2.773   1.00 32.35 ? 158 GLU B CA  1 
ATOM   1089 C  C   . GLU B 2 49  ? -14.423 2.774   2.702   1.00 32.18 ? 158 GLU B C   1 
ATOM   1090 O  O   . GLU B 2 49  ? -15.090 2.738   1.675   1.00 32.33 ? 158 GLU B O   1 
ATOM   1091 C  CB  . GLU B 2 49  ? -13.262 0.694   3.634   1.00 31.96 ? 158 GLU B CB  1 
ATOM   1092 C  CG  . GLU B 2 49  ? -11.959 -0.115  3.718   1.00 37.67 ? 158 GLU B CG  1 
ATOM   1093 C  CD  . GLU B 2 49  ? -12.106 -1.562  4.208   1.00 39.60 ? 158 GLU B CD  1 
ATOM   1094 O  OE1 . GLU B 2 49  ? -12.766 -1.760  5.260   1.00 48.04 ? 158 GLU B OE1 1 
ATOM   1095 O  OE2 . GLU B 2 49  ? -11.517 -2.493  3.551   1.00 48.42 ? 158 GLU B OE2 1 
ATOM   1096 N  N   . ASP B 2 50  ? -14.757 3.541   3.748   1.00 33.33 ? 159 ASP B N   1 
ATOM   1097 C  CA  . ASP B 2 50  ? -15.965 4.405   3.733   1.00 35.11 ? 159 ASP B CA  1 
ATOM   1098 C  C   . ASP B 2 50  ? -15.939 5.516   2.684   1.00 34.94 ? 159 ASP B C   1 
ATOM   1099 O  O   . ASP B 2 50  ? -16.983 5.976   2.203   1.00 34.99 ? 159 ASP B O   1 
ATOM   1100 C  CB  . ASP B 2 50  ? -16.178 5.075   5.101   1.00 36.70 ? 159 ASP B CB  1 
ATOM   1101 C  CG  . ASP B 2 50  ? -16.533 4.080   6.216   1.00 40.70 ? 159 ASP B CG  1 
ATOM   1102 O  OD1 . ASP B 2 50  ? -16.955 2.931   5.934   1.00 43.64 ? 159 ASP B OD1 1 
ATOM   1103 O  OD2 . ASP B 2 50  ? -16.379 4.462   7.402   1.00 46.32 ? 159 ASP B OD2 1 
ATOM   1104 N  N   . LEU B 2 51  ? -14.735 5.940   2.304   1.00 33.18 ? 160 LEU B N   1 
ATOM   1105 C  CA  . LEU B 2 51  ? -14.574 6.951   1.269   1.00 31.74 ? 160 LEU B CA  1 
ATOM   1106 C  C   . LEU B 2 51  ? -14.548 6.313   -0.104  1.00 31.35 ? 160 LEU B C   1 
ATOM   1107 O  O   . LEU B 2 51  ? -14.157 6.963   -1.072  1.00 32.88 ? 160 LEU B O   1 
ATOM   1108 C  CB  . LEU B 2 51  ? -13.277 7.765   1.480   1.00 29.66 ? 160 LEU B CB  1 
ATOM   1109 C  CG  . LEU B 2 51  ? -13.329 8.870   2.577   1.00 31.43 ? 160 LEU B CG  1 
ATOM   1110 C  CD1 . LEU B 2 51  ? -11.946 9.262   3.117   1.00 30.45 ? 160 LEU B CD1 1 
ATOM   1111 C  CD2 . LEU B 2 51  ? -14.087 10.119  2.091   1.00 32.01 ? 160 LEU B CD2 1 
ATOM   1112 N  N   . GLY B 2 52  ? -14.857 5.027   -0.183  1.00 31.11 ? 161 GLY B N   1 
ATOM   1113 C  CA  . GLY B 2 52  ? -14.928 4.377   -1.484  1.00 29.01 ? 161 GLY B CA  1 
ATOM   1114 C  C   . GLY B 2 52  ? -13.678 3.672   -1.958  1.00 27.53 ? 161 GLY B C   1 
ATOM   1115 O  O   . GLY B 2 52  ? -13.655 3.175   -3.086  1.00 28.19 ? 161 GLY B O   1 
ATOM   1116 N  N   . VAL B 2 53  ? -12.644 3.603   -1.128  1.00 25.99 ? 162 VAL B N   1 
ATOM   1117 C  CA  . VAL B 2 53  ? -11.384 2.929   -1.517  1.00 24.63 ? 162 VAL B CA  1 
ATOM   1118 C  C   . VAL B 2 53  ? -11.461 1.454   -1.085  1.00 25.26 ? 162 VAL B C   1 
ATOM   1119 O  O   . VAL B 2 53  ? -11.015 1.081   -0.004  1.00 25.32 ? 162 VAL B O   1 
ATOM   1120 C  CB  . VAL B 2 53  ? -10.113 3.600   -0.889  1.00 25.18 ? 162 VAL B CB  1 
ATOM   1121 C  CG1 . VAL B 2 53  ? -8.858  3.096   -1.592  1.00 22.46 ? 162 VAL B CG1 1 
ATOM   1122 C  CG2 . VAL B 2 53  ? -10.165 5.112   -1.004  1.00 24.42 ? 162 VAL B CG2 1 
ATOM   1123 N  N   . SER B 2 54  ? -12.028 0.600   -1.931  1.00 25.69 ? 163 SER B N   1 
ATOM   1124 C  CA  . SER B 2 54  ? -12.267 -0.804  -1.543  1.00 26.74 ? 163 SER B CA  1 
ATOM   1125 C  C   . SER B 2 54  ? -11.061 -1.698  -1.944  1.00 26.67 ? 163 SER B C   1 
ATOM   1126 O  O   . SER B 2 54  ? -10.838 -2.737  -1.335  1.00 27.72 ? 163 SER B O   1 
ATOM   1127 C  CB  . SER B 2 54  ? -13.521 -1.325  -2.247  1.00 27.00 ? 163 SER B CB  1 
ATOM   1128 O  OG  . SER B 2 54  ? -13.287 -1.211  -3.644  1.00 28.46 ? 163 SER B OG  1 
ATOM   1129 N  N   . ARG B 2 55  ? -10.281 -1.282  -2.946  1.00 25.86 ? 164 ARG B N   1 
ATOM   1130 C  CA  . ARG B 2 55  ? -9.075  -2.035  -3.317  1.00 25.77 ? 164 ARG B CA  1 
ATOM   1131 C  C   . ARG B 2 55  ? -7.970  -1.792  -2.289  1.00 25.03 ? 164 ARG B C   1 
ATOM   1132 O  O   . ARG B 2 55  ? -7.492  -0.678  -2.147  1.00 23.09 ? 164 ARG B O   1 
ATOM   1133 C  CB  . ARG B 2 55  ? -8.590  -1.675  -4.715  1.00 26.51 ? 164 ARG B CB  1 
ATOM   1134 C  CG  . ARG B 2 55  ? -9.712  -1.859  -5.749  1.00 31.65 ? 164 ARG B CG  1 
ATOM   1135 C  CD  . ARG B 2 55  ? -9.178  -2.536  -6.929  1.00 40.46 ? 164 ARG B CD  1 
ATOM   1136 N  NE  . ARG B 2 55  ? -9.088  -1.693  -8.104  1.00 46.45 ? 164 ARG B NE  1 
ATOM   1137 C  CZ  . ARG B 2 55  ? -8.540  -2.092  -9.260  1.00 49.95 ? 164 ARG B CZ  1 
ATOM   1138 N  NH1 . ARG B 2 55  ? -8.024  -3.324  -9.392  1.00 50.85 ? 164 ARG B NH1 1 
ATOM   1139 N  NH2 . ARG B 2 55  ? -8.481  -1.252  -10.286 1.00 48.88 ? 164 ARG B NH2 1 
ATOM   1140 N  N   . ILE B 2 56  ? -7.545  -2.852  -1.621  1.00 23.31 ? 165 ILE B N   1 
ATOM   1141 C  CA  . ILE B 2 56  ? -6.524  -2.738  -0.572  1.00 23.43 ? 165 ILE B CA  1 
ATOM   1142 C  C   . ILE B 2 56  ? -5.169  -2.205  -1.070  1.00 22.75 ? 165 ILE B C   1 
ATOM   1143 O  O   . ILE B 2 56  ? -4.484  -1.473  -0.342  1.00 21.79 ? 165 ILE B O   1 
ATOM   1144 C  CB  . ILE B 2 56  ? -6.425  -4.069  0.264   1.00 25.39 ? 165 ILE B CB  1 
ATOM   1145 C  CG1 . ILE B 2 56  ? -7.669  -4.136  1.187   1.00 27.66 ? 165 ILE B CG1 1 
ATOM   1146 C  CG2 . ILE B 2 56  ? -5.116  -4.110  1.090   1.00 25.19 ? 165 ILE B CG2 1 
ATOM   1147 C  CD1 . ILE B 2 56  ? -8.022  -5.455  1.764   1.00 30.75 ? 165 ILE B CD1 1 
ATOM   1148 N  N   . GLY B 2 57  ? -4.815  -2.496  -2.323  1.00 21.12 ? 166 GLY B N   1 
ATOM   1149 C  CA  . GLY B 2 57  ? -3.616  -1.905  -2.972  1.00 22.01 ? 166 GLY B CA  1 
ATOM   1150 C  C   . GLY B 2 57  ? -3.670  -0.396  -3.007  1.00 22.86 ? 166 GLY B C   1 
ATOM   1151 O  O   . GLY B 2 57  ? -2.651  0.307   -2.765  1.00 23.63 ? 166 GLY B O   1 
ATOM   1152 N  N   . HIS B 2 58  ? -4.877  0.117   -3.268  1.00 20.95 ? 167 HIS B N   1 
ATOM   1153 C  CA  . HIS B 2 58  ? -5.080  1.543   -3.315  1.00 20.79 ? 167 HIS B CA  1 
ATOM   1154 C  C   . HIS B 2 58  ? -5.072  2.188   -1.932  1.00 19.85 ? 167 HIS B C   1 
ATOM   1155 O  O   . HIS B 2 58  ? -4.555  3.294   -1.754  1.00 19.42 ? 167 HIS B O   1 
ATOM   1156 C  CB  . HIS B 2 58  ? -6.393  1.860   -4.046  1.00 21.25 ? 167 HIS B CB  1 
ATOM   1157 C  CG  . HIS B 2 58  ? -6.335  1.576   -5.528  1.00 23.62 ? 167 HIS B CG  1 
ATOM   1158 N  ND1 . HIS B 2 58  ? -7.365  1.881   -6.382  1.00 27.01 ? 167 HIS B ND1 1 
ATOM   1159 C  CD2 . HIS B 2 58  ? -5.359  1.015   -6.296  1.00 28.16 ? 167 HIS B CD2 1 
ATOM   1160 C  CE1 . HIS B 2 58  ? -7.043  1.504   -7.615  1.00 30.55 ? 167 HIS B CE1 1 
ATOM   1161 N  NE2 . HIS B 2 58  ? -5.832  0.964   -7.589  1.00 28.61 ? 167 HIS B NE2 1 
ATOM   1162 N  N   . GLN B 2 59  ? -5.669  1.523   -0.978  1.00 20.40 ? 168 GLN B N   1 
ATOM   1163 C  CA  . GLN B 2 59  ? -5.630  1.976   0.399   1.00 20.67 ? 168 GLN B CA  1 
ATOM   1164 C  C   . GLN B 2 59  ? -4.168  2.123   0.806   1.00 22.05 ? 168 GLN B C   1 
ATOM   1165 O  O   . GLN B 2 59  ? -3.802  3.116   1.407   1.00 21.38 ? 168 GLN B O   1 
ATOM   1166 C  CB  . GLN B 2 59  ? -6.282  0.968   1.294   1.00 20.31 ? 168 GLN B CB  1 
ATOM   1167 C  CG  . GLN B 2 59  ? -7.845  0.972   1.269   1.00 20.95 ? 168 GLN B CG  1 
ATOM   1168 C  CD  . GLN B 2 59  ? -8.432  -0.220  2.053   1.00 23.97 ? 168 GLN B CD  1 
ATOM   1169 O  OE1 . GLN B 2 59  ? -7.746  -0.810  2.876   1.00 27.21 ? 168 GLN B OE1 1 
ATOM   1170 N  NE2 . GLN B 2 59  ? -9.697  -0.600  1.754   1.00 26.53 ? 168 GLN B NE2 1 
ATOM   1171 N  N   . GLU B 2 60  ? -3.347  1.121   0.493   1.00 22.40 ? 169 GLU B N   1 
ATOM   1172 C  CA  . GLU B 2 60  ? -1.947  1.140   0.922   1.00 23.55 ? 169 GLU B CA  1 
ATOM   1173 C  C   . GLU B 2 60  ? -1.121  2.257   0.285   1.00 22.85 ? 169 GLU B C   1 
ATOM   1174 O  O   . GLU B 2 60  ? -0.246  2.805   0.928   1.00 24.44 ? 169 GLU B O   1 
ATOM   1175 C  CB  . GLU B 2 60  ? -1.285  -0.209  0.662   1.00 22.58 ? 169 GLU B CB  1 
ATOM   1176 C  CG  . GLU B 2 60  ? -1.698  -1.358  1.576   1.00 26.16 ? 169 GLU B CG  1 
ATOM   1177 C  CD  . GLU B 2 60  ? -1.713  -1.000  3.083   1.00 33.58 ? 169 GLU B CD  1 
ATOM   1178 O  OE1 . GLU B 2 60  ? -0.963  -0.082  3.513   1.00 31.69 ? 169 GLU B OE1 1 
ATOM   1179 O  OE2 . GLU B 2 60  ? -2.519  -1.625  3.818   1.00 34.88 ? 169 GLU B OE2 1 
ATOM   1180 N  N   . LEU B 2 61  ? -1.385  2.586   -0.973  1.00 22.59 ? 170 LEU B N   1 
ATOM   1181 C  CA  . LEU B 2 61  ? -0.754  3.758   -1.629  1.00 23.63 ? 170 LEU B CA  1 
ATOM   1182 C  C   . LEU B 2 61  ? -1.119  5.077   -0.962  1.00 22.54 ? 170 LEU B C   1 
ATOM   1183 O  O   . LEU B 2 61  ? -0.287  5.920   -0.791  1.00 20.81 ? 170 LEU B O   1 
ATOM   1184 C  CB  . LEU B 2 61  ? -1.203  3.890   -3.103  1.00 24.54 ? 170 LEU B CB  1 
ATOM   1185 C  CG  . LEU B 2 61  ? -0.704  2.874   -4.101  1.00 29.69 ? 170 LEU B CG  1 
ATOM   1186 C  CD1 . LEU B 2 61  ? -1.269  3.232   -5.483  1.00 30.31 ? 170 LEU B CD1 1 
ATOM   1187 C  CD2 . LEU B 2 61  ? 0.877   2.831   -4.116  1.00 35.96 ? 170 LEU B CD2 1 
ATOM   1188 N  N   . ILE B 2 62  ? -2.387  5.246   -0.602  1.00 21.17 ? 171 ILE B N   1 
ATOM   1189 C  CA  . ILE B 2 62  ? -2.802  6.448   0.116   1.00 20.73 ? 171 ILE B CA  1 
ATOM   1190 C  C   . ILE B 2 62  ? -2.140  6.467   1.497   1.00 20.47 ? 171 ILE B C   1 
ATOM   1191 O  O   . ILE B 2 62  ? -1.600  7.484   1.895   1.00 20.48 ? 171 ILE B O   1 
ATOM   1192 C  CB  . ILE B 2 62  ? -4.348  6.525   0.235   1.00 20.74 ? 171 ILE B CB  1 
ATOM   1193 C  CG1 . ILE B 2 62  ? -4.971  6.719   -1.159  1.00 19.66 ? 171 ILE B CG1 1 
ATOM   1194 C  CG2 . ILE B 2 62  ? -4.775  7.690   1.235   1.00 22.40 ? 171 ILE B CG2 1 
ATOM   1195 C  CD1 . ILE B 2 62  ? -6.479  6.332   -1.247  1.00 21.97 ? 171 ILE B CD1 1 
ATOM   1196 N  N   . LEU B 2 63  ? -2.197  5.347   2.226   1.00 20.59 ? 172 LEU B N   1 
ATOM   1197 C  CA  . LEU B 2 63  ? -1.561  5.298   3.546   1.00 20.92 ? 172 LEU B CA  1 
ATOM   1198 C  C   . LEU B 2 63  ? -0.046  5.516   3.513   1.00 22.67 ? 172 LEU B C   1 
ATOM   1199 O  O   . LEU B 2 63  ? 0.483   6.216   4.399   1.00 22.00 ? 172 LEU B O   1 
ATOM   1200 C  CB  . LEU B 2 63  ? -1.886  4.002   4.293   1.00 20.62 ? 172 LEU B CB  1 
ATOM   1201 C  CG  . LEU B 2 63  ? -3.383  3.841   4.575   1.00 22.01 ? 172 LEU B CG  1 
ATOM   1202 C  CD1 . LEU B 2 63  ? -3.680  2.450   4.959   1.00 26.12 ? 172 LEU B CD1 1 
ATOM   1203 C  CD2 . LEU B 2 63  ? -3.794  4.821   5.741   1.00 24.85 ? 172 LEU B CD2 1 
ATOM   1204 N  N   . GLU B 2 64  ? 0.624   4.948   2.506   1.00 23.12 ? 173 GLU B N   1 
ATOM   1205 C  CA  . GLU B 2 64  ? 2.059   5.243   2.260   1.00 25.57 ? 173 GLU B CA  1 
ATOM   1206 C  C   . GLU B 2 64  ? 2.276   6.750   2.124   1.00 23.75 ? 173 GLU B C   1 
ATOM   1207 O  O   . GLU B 2 64  ? 3.154   7.299   2.771   1.00 24.31 ? 173 GLU B O   1 
ATOM   1208 C  CB  . GLU B 2 64  ? 2.629   4.496   1.044   1.00 25.58 ? 173 GLU B CB  1 
ATOM   1209 C  CG  . GLU B 2 64  ? 4.093   4.880   0.716   1.00 28.39 ? 173 GLU B CG  1 
ATOM   1210 C  CD  . GLU B 2 64  ? 4.669   4.213   -0.558  1.00 34.13 ? 173 GLU B CD  1 
ATOM   1211 O  OE1 . GLU B 2 64  ? 3.911   3.615   -1.358  1.00 40.28 ? 173 GLU B OE1 1 
ATOM   1212 O  OE2 . GLU B 2 64  ? 5.919   4.310   -0.752  1.00 44.52 ? 173 GLU B OE2 1 
ATOM   1213 N  N   . ALA B 2 65  ? 1.464   7.427   1.301   1.00 23.64 ? 174 ALA B N   1 
ATOM   1214 C  CA  . ALA B 2 65  ? 1.615   8.865   1.065   1.00 21.52 ? 174 ALA B CA  1 
ATOM   1215 C  C   . ALA B 2 65  ? 1.325   9.698   2.339   1.00 21.35 ? 174 ALA B C   1 
ATOM   1216 O  O   . ALA B 2 65  ? 2.018   10.667  2.596   1.00 21.93 ? 174 ALA B O   1 
ATOM   1217 C  CB  . ALA B 2 65  ? 0.718   9.335   -0.102  1.00 21.67 ? 174 ALA B CB  1 
ATOM   1218 N  N   . VAL B 2 66  ? 0.308   9.323   3.097   1.00 21.72 ? 175 VAL B N   1 
ATOM   1219 C  CA  . VAL B 2 66  ? -0.006  9.997   4.389   1.00 22.41 ? 175 VAL B CA  1 
ATOM   1220 C  C   . VAL B 2 66  ? 1.156   9.824   5.356   1.00 23.76 ? 175 VAL B C   1 
ATOM   1221 O  O   . VAL B 2 66  ? 1.510   10.767  6.062   1.00 24.63 ? 175 VAL B O   1 
ATOM   1222 C  CB  . VAL B 2 66  ? -1.344  9.499   5.058   1.00 21.65 ? 175 VAL B CB  1 
ATOM   1223 C  CG1 . VAL B 2 66  ? -1.562  10.160  6.486   1.00 18.98 ? 175 VAL B CG1 1 
ATOM   1224 C  CG2 . VAL B 2 66  ? -2.554  9.826   4.169   1.00 21.74 ? 175 VAL B CG2 1 
ATOM   1225 N  N   . ASP B 2 67  ? 1.748   8.625   5.400   1.00 24.95 ? 176 ASP B N   1 
ATOM   1226 C  CA  . ASP B 2 67  ? 2.844   8.350   6.321   1.00 26.08 ? 176 ASP B CA  1 
ATOM   1227 C  C   . ASP B 2 67  ? 4.012   9.272   5.970   1.00 26.87 ? 176 ASP B C   1 
ATOM   1228 O  O   . ASP B 2 67  ? 4.629   9.855   6.863   1.00 25.75 ? 176 ASP B O   1 
ATOM   1229 C  CB  . ASP B 2 67  ? 3.285   6.873   6.240   1.00 26.52 ? 176 ASP B CB  1 
ATOM   1230 C  CG  . ASP B 2 67  ? 2.429   5.945   7.127   1.00 27.07 ? 176 ASP B CG  1 
ATOM   1231 O  OD1 . ASP B 2 67  ? 1.578   6.418   7.886   1.00 30.42 ? 176 ASP B OD1 1 
ATOM   1232 O  OD2 . ASP B 2 67  ? 2.602   4.721   7.074   1.00 31.42 ? 176 ASP B OD2 1 
ATOM   1233 N  N   . LEU B 2 68  ? 4.313   9.401   4.666   1.00 26.16 ? 177 LEU B N   1 
ATOM   1234 C  CA  . LEU B 2 68  ? 5.351   10.329  4.210   1.00 26.53 ? 177 LEU B CA  1 
ATOM   1235 C  C   . LEU B 2 68  ? 5.047   11.796  4.550   1.00 26.74 ? 177 LEU B C   1 
ATOM   1236 O  O   . LEU B 2 68  ? 5.935   12.554  4.963   1.00 27.24 ? 177 LEU B O   1 
ATOM   1237 C  CB  . LEU B 2 68  ? 5.610   10.178  2.697   1.00 26.83 ? 177 LEU B CB  1 
ATOM   1238 C  CG  . LEU B 2 68  ? 6.258   8.878   2.223   1.00 30.28 ? 177 LEU B CG  1 
ATOM   1239 C  CD1 . LEU B 2 68  ? 6.226   8.852   0.712   1.00 34.82 ? 177 LEU B CD1 1 
ATOM   1240 C  CD2 . LEU B 2 68  ? 7.701   8.707   2.707   1.00 36.51 ? 177 LEU B CD2 1 
ATOM   1241 N  N   . LEU B 2 69  ? 3.798   12.212  4.363   1.00 25.24 ? 178 LEU B N   1 
ATOM   1242 C  CA  . LEU B 2 69  ? 3.374   13.564  4.691   1.00 26.48 ? 178 LEU B CA  1 
ATOM   1243 C  C   . LEU B 2 69  ? 3.500   13.809  6.204   1.00 27.67 ? 178 LEU B C   1 
ATOM   1244 O  O   . LEU B 2 69  ? 3.887   14.872  6.639   1.00 27.70 ? 178 LEU B O   1 
ATOM   1245 C  CB  . LEU B 2 69  ? 1.917   13.750  4.251   1.00 26.23 ? 178 LEU B CB  1 
ATOM   1246 C  CG  . LEU B 2 69  ? 1.263   15.133  4.372   1.00 27.70 ? 178 LEU B CG  1 
ATOM   1247 C  CD1 . LEU B 2 69  ? 1.975   16.167  3.564   1.00 33.27 ? 178 LEU B CD1 1 
ATOM   1248 C  CD2 . LEU B 2 69  ? -0.199  15.068  3.998   1.00 25.24 ? 178 LEU B CD2 1 
ATOM   1249 N  N   . CYS B 2 70  ? 3.154   12.810  7.004   1.00 29.77 ? 179 CYS B N   1 
ATOM   1250 C  CA  . CYS B 2 70  ? 3.205   12.927  8.453   1.00 30.59 ? 179 CYS B CA  1 
ATOM   1251 C  C   . CYS B 2 70  ? 4.669   13.130  8.958   1.00 31.44 ? 179 CYS B C   1 
ATOM   1252 O  O   . CYS B 2 70  ? 4.948   13.989  9.824   1.00 31.23 ? 179 CYS B O   1 
ATOM   1253 C  CB  . CYS B 2 70  ? 2.576   11.685  9.063   1.00 30.61 ? 179 CYS B CB  1 
ATOM   1254 S  SG  . CYS B 2 70  ? 2.460   11.756  10.851  1.00 35.14 ? 179 CYS B SG  1 
ATOM   1255 N  N   . ALA B 2 71  ? 5.577   12.319  8.435   1.00 31.65 ? 180 ALA B N   1 
ATOM   1256 C  CA  . ALA B 2 71  ? 7.005   12.447  8.698   1.00 33.37 ? 180 ALA B CA  1 
ATOM   1257 C  C   . ALA B 2 71  ? 7.540   13.853  8.359   1.00 35.15 ? 180 ALA B C   1 
ATOM   1258 O  O   . ALA B 2 71  ? 8.290   14.455  9.150   1.00 36.13 ? 180 ALA B O   1 
ATOM   1259 C  CB  . ALA B 2 71  ? 7.742   11.395  7.912   1.00 32.83 ? 180 ALA B CB  1 
ATOM   1260 N  N   . LEU B 2 72  ? 7.158   14.377  7.193   1.00 35.83 ? 181 LEU B N   1 
ATOM   1261 C  CA  . LEU B 2 72  ? 7.487   15.753  6.788   1.00 36.89 ? 181 LEU B CA  1 
ATOM   1262 C  C   . LEU B 2 72  ? 6.874   16.807  7.705   1.00 37.07 ? 181 LEU B C   1 
ATOM   1263 O  O   . LEU B 2 72  ? 7.547   17.747  8.134   1.00 37.52 ? 181 LEU B O   1 
ATOM   1264 C  CB  . LEU B 2 72  ? 7.000   16.006  5.372   1.00 37.32 ? 181 LEU B CB  1 
ATOM   1265 C  CG  . LEU B 2 72  ? 7.973   15.927  4.202   1.00 41.44 ? 181 LEU B CG  1 
ATOM   1266 C  CD1 . LEU B 2 72  ? 9.326   15.216  4.541   1.00 43.99 ? 181 LEU B CD1 1 
ATOM   1267 C  CD2 . LEU B 2 72  ? 7.262   15.342  2.936   1.00 42.58 ? 181 LEU B CD2 1 
ATOM   1268 N  N   . ASN B 2 73  ? 5.585   16.666  7.980   1.00 36.40 ? 182 ASN B N   1 
ATOM   1269 C  CA  . ASN B 2 73  ? 4.902   17.544  8.886   1.00 36.45 ? 182 ASN B CA  1 
ATOM   1270 C  C   . ASN B 2 73  ? 5.691   17.738  10.183  1.00 36.68 ? 182 ASN B C   1 
ATOM   1271 O  O   . ASN B 2 73  ? 5.856   18.854  10.639  1.00 36.00 ? 182 ASN B O   1 
ATOM   1272 C  CB  . ASN B 2 73  ? 3.519   16.993  9.204   1.00 35.32 ? 182 ASN B CB  1 
ATOM   1273 C  CG  . ASN B 2 73  ? 2.672   17.970  9.967   1.00 36.95 ? 182 ASN B CG  1 
ATOM   1274 O  OD1 . ASN B 2 73  ? 2.141   17.651  11.033  1.00 39.21 ? 182 ASN B OD1 1 
ATOM   1275 N  ND2 . ASN B 2 73  ? 2.510   19.162  9.416   1.00 33.76 ? 182 ASN B ND2 1 
ATOM   1276 N  N   . TYR B 2 74  ? 6.158   16.651  10.777  1.00 37.17 ? 183 TYR B N   1 
ATOM   1277 C  CA  . TYR B 2 74  ? 6.784   16.709  12.098  1.00 38.88 ? 183 TYR B CA  1 
ATOM   1278 C  C   . TYR B 2 74  ? 8.293   16.743  11.999  1.00 40.70 ? 183 TYR B C   1 
ATOM   1279 O  O   . TYR B 2 74  ? 8.976   16.609  13.009  1.00 40.87 ? 183 TYR B O   1 
ATOM   1280 C  CB  . TYR B 2 74  ? 6.346   15.531  12.983  1.00 37.60 ? 183 TYR B CB  1 
ATOM   1281 C  CG  . TYR B 2 74  ? 4.870   15.552  13.318  1.00 36.26 ? 183 TYR B CG  1 
ATOM   1282 C  CD1 . TYR B 2 74  ? 4.308   16.626  14.011  1.00 34.75 ? 183 TYR B CD1 1 
ATOM   1283 C  CD2 . TYR B 2 74  ? 4.031   14.510  12.919  1.00 35.68 ? 183 TYR B CD2 1 
ATOM   1284 C  CE1 . TYR B 2 74  ? 2.945   16.654  14.309  1.00 35.40 ? 183 TYR B CE1 1 
ATOM   1285 C  CE2 . TYR B 2 74  ? 2.664   14.523  13.205  1.00 34.66 ? 183 TYR B CE2 1 
ATOM   1286 C  CZ  . TYR B 2 74  ? 2.127   15.594  13.901  1.00 35.45 ? 183 TYR B CZ  1 
ATOM   1287 O  OH  . TYR B 2 74  ? 0.770   15.616  14.169  1.00 35.56 ? 183 TYR B OH  1 
ATOM   1288 N  N   . GLY B 2 75  ? 8.789   16.891  10.770  1.00 42.08 ? 184 GLY B N   1 
ATOM   1289 C  CA  . GLY B 2 75  ? 10.222  16.878  10.463  1.00 43.92 ? 184 GLY B CA  1 
ATOM   1290 C  C   . GLY B 2 75  ? 11.001  15.727  11.063  1.00 44.84 ? 184 GLY B C   1 
ATOM   1291 O  O   . GLY B 2 75  ? 12.018  15.945  11.740  1.00 44.96 ? 184 GLY B O   1 
ATOM   1292 N  N   . LEU B 2 76  ? 10.548  14.500  10.810  1.00 45.24 ? 185 LEU B N   1 
ATOM   1293 C  CA  . LEU B 2 76  ? 11.156  13.333  11.462  1.00 45.81 ? 185 LEU B CA  1 
ATOM   1294 C  C   . LEU B 2 76  ? 12.531  12.963  10.893  1.00 46.99 ? 185 LEU B C   1 
ATOM   1295 O  O   . LEU B 2 76  ? 12.740  12.993  9.670   1.00 48.34 ? 185 LEU B O   1 
ATOM   1296 C  CB  . LEU B 2 76  ? 10.207  12.128  11.460  1.00 45.52 ? 185 LEU B CB  1 
ATOM   1297 C  CG  . LEU B 2 76  ? 8.944   12.207  12.336  1.00 45.25 ? 185 LEU B CG  1 
ATOM   1298 C  CD1 . LEU B 2 76  ? 8.190   10.860  12.343  1.00 44.74 ? 185 LEU B CD1 1 
ATOM   1299 C  CD2 . LEU B 2 76  ? 9.260   12.675  13.775  1.00 46.08 ? 185 LEU B CD2 1 
HETATM 1300 O  O   . HOH C 3 .   ? 14.249  -14.253 2.934   1.00 27.41 ? 107 HOH A O   1 
HETATM 1301 O  O   . HOH C 3 .   ? 8.625   -15.496 -0.882  1.00 28.07 ? 108 HOH A O   1 
HETATM 1302 O  O   . HOH C 3 .   ? 3.255   -22.695 -2.590  1.00 32.72 ? 109 HOH A O   1 
HETATM 1303 O  O   . HOH C 3 .   ? 11.990  -2.844  -2.813  1.00 34.91 ? 110 HOH A O   1 
HETATM 1304 O  O   . HOH C 3 .   ? 13.382  -10.675 -5.570  1.00 35.80 ? 111 HOH A O   1 
HETATM 1305 O  O   . HOH C 3 .   ? 0.732   -2.523  -11.634 1.00 34.49 ? 112 HOH A O   1 
HETATM 1306 O  O   . HOH C 3 .   ? 5.256   -1.104  -6.838  1.00 32.27 ? 113 HOH A O   1 
HETATM 1307 O  O   . HOH C 3 .   ? 0.674   -9.146  10.066  1.00 36.09 ? 114 HOH A O   1 
HETATM 1308 O  O   . HOH C 3 .   ? 8.786   -16.401 6.586   1.00 29.83 ? 115 HOH A O   1 
HETATM 1309 O  O   . HOH C 3 .   ? -9.662  -19.074 2.308   1.00 43.88 ? 116 HOH A O   1 
HETATM 1310 O  O   . HOH C 3 .   ? 13.488  -6.235  -3.737  1.00 41.86 ? 117 HOH A O   1 
HETATM 1311 O  O   . HOH C 3 .   ? 3.273   -5.551  7.295   1.00 38.09 ? 118 HOH A O   1 
HETATM 1312 O  O   . HOH C 3 .   ? 4.802   -20.497 3.044   1.00 38.70 ? 119 HOH A O   1 
HETATM 1313 O  O   . HOH C 3 .   ? 9.856   -8.921  7.029   1.00 35.65 ? 120 HOH A O   1 
HETATM 1314 O  O   . HOH C 3 .   ? -2.030  -0.297  -6.271  1.00 37.12 ? 121 HOH A O   1 
HETATM 1315 O  O   . HOH C 3 .   ? 7.420   -7.984  7.531   1.00 36.96 ? 122 HOH A O   1 
HETATM 1316 O  O   . HOH C 3 .   ? 15.496  -2.334  -9.146  1.00 45.86 ? 123 HOH A O   1 
HETATM 1317 O  O   . HOH C 3 .   ? 8.615   -10.921 -9.896  1.00 54.85 ? 124 HOH A O   1 
HETATM 1318 O  O   . HOH C 3 .   ? 11.169  -14.702 -1.386  1.00 34.68 ? 125 HOH A O   1 
HETATM 1319 O  O   . HOH C 3 .   ? 7.415   -21.505 -1.636  1.00 54.97 ? 126 HOH A O   1 
HETATM 1320 O  O   . HOH C 3 .   ? 10.445  -10.124 9.572   1.00 39.30 ? 127 HOH A O   1 
HETATM 1321 O  O   . HOH C 3 .   ? 3.768   0.500   -8.717  1.00 40.21 ? 128 HOH A O   1 
HETATM 1322 O  O   . HOH C 3 .   ? 24.673  -9.275  -4.071  1.00 43.48 ? 129 HOH A O   1 
HETATM 1323 O  O   . HOH C 3 .   ? -1.548  0.789   -9.077  1.00 51.50 ? 130 HOH A O   1 
HETATM 1324 O  O   . HOH C 3 .   ? 11.430  -15.529 6.707   1.00 41.74 ? 131 HOH A O   1 
HETATM 1325 O  O   . HOH C 3 .   ? 20.743  2.826   -2.289  1.00 50.49 ? 132 HOH A O   1 
HETATM 1326 O  O   . HOH C 3 .   ? 5.601   0.503   -0.021  1.00 38.56 ? 133 HOH A O   1 
HETATM 1327 O  O   . HOH C 3 .   ? -2.374  -24.321 4.299   1.00 44.47 ? 134 HOH A O   1 
HETATM 1328 O  O   . HOH C 3 .   ? 11.383  -6.805  6.628   1.00 48.35 ? 135 HOH A O   1 
HETATM 1329 O  O   . HOH C 3 .   ? 13.586  -15.849 5.232   1.00 34.69 ? 136 HOH A O   1 
HETATM 1330 O  O   . HOH C 3 .   ? 13.834  -8.150  -5.433  1.00 45.29 ? 137 HOH A O   1 
HETATM 1331 O  O   . HOH C 3 .   ? -4.766  -24.354 -1.415  1.00 51.14 ? 138 HOH A O   1 
HETATM 1332 O  O   . HOH C 3 .   ? -0.392  -12.785 -14.651 1.00 55.82 ? 139 HOH A O   1 
HETATM 1333 O  O   . HOH C 3 .   ? 0.177   -22.766 7.468   1.00 37.49 ? 140 HOH A O   1 
HETATM 1334 O  O   . HOH C 3 .   ? -6.986  -17.164 -8.263  1.00 38.28 ? 141 HOH A O   1 
HETATM 1335 O  O   . HOH C 3 .   ? 2.025   -26.224 -6.007  1.00 33.91 ? 142 HOH A O   1 
HETATM 1336 O  O   . HOH C 3 .   ? 0.842   -5.325  -14.491 1.00 43.21 ? 143 HOH A O   1 
HETATM 1337 O  O   . HOH C 3 .   ? -2.209  -8.333  10.900  1.00 45.03 ? 144 HOH A O   1 
HETATM 1338 O  O   . HOH C 3 .   ? -6.340  -17.157 -10.907 1.00 54.03 ? 145 HOH A O   1 
HETATM 1339 O  O   . HOH C 3 .   ? 17.374  -2.426  3.112   1.00 45.17 ? 146 HOH A O   1 
HETATM 1340 O  O   . HOH C 3 .   ? 15.766  -13.580 -6.946  1.00 54.06 ? 147 HOH A O   1 
HETATM 1341 O  O   . HOH C 3 .   ? 22.281  -6.544  -4.260  1.00 52.87 ? 148 HOH A O   1 
HETATM 1342 O  O   . HOH C 3 .   ? 8.440   -1.346  -13.312 1.00 71.34 ? 149 HOH A O   1 
HETATM 1343 O  O   . HOH D 3 .   ? -0.097  4.379   8.710   1.00 29.29 ? 190 HOH B O   1 
HETATM 1344 O  O   . HOH D 3 .   ? 1.091   15.598  -3.528  1.00 31.91 ? 191 HOH B O   1 
HETATM 1345 O  O   . HOH D 3 .   ? -2.625  7.114   -15.907 1.00 34.60 ? 192 HOH B O   1 
HETATM 1346 O  O   . HOH D 3 .   ? 0.553   19.423  12.776  1.00 34.69 ? 193 HOH B O   1 
HETATM 1347 O  O   . HOH D 3 .   ? 2.843   12.410  0.648   1.00 25.19 ? 194 HOH B O   1 
HETATM 1348 O  O   . HOH D 3 .   ? -0.249  17.996  15.148  1.00 29.47 ? 195 HOH B O   1 
HETATM 1349 O  O   . HOH D 3 .   ? -7.759  7.344   -10.974 1.00 35.07 ? 196 HOH B O   1 
HETATM 1350 O  O   . HOH D 3 .   ? -11.698 24.056  1.379   1.00 38.12 ? 197 HOH B O   1 
HETATM 1351 O  O   . HOH D 3 .   ? -8.979  0.877   10.295  1.00 36.25 ? 198 HOH B O   1 
HETATM 1352 O  O   . HOH D 3 .   ? -9.591  10.842  9.916   1.00 30.79 ? 199 HOH B O   1 
HETATM 1353 O  O   . HOH D 3 .   ? -11.139 0.894   -4.810  1.00 26.03 ? 200 HOH B O   1 
HETATM 1354 O  O   . HOH D 3 .   ? -10.630 17.157  1.016   1.00 31.73 ? 201 HOH B O   1 
HETATM 1355 O  O   . HOH D 3 .   ? -8.488  8.191   13.239  1.00 37.17 ? 202 HOH B O   1 
HETATM 1356 O  O   . HOH D 3 .   ? -7.198  20.617  9.314   1.00 33.53 ? 203 HOH B O   1 
HETATM 1357 O  O   . HOH D 3 .   ? -8.815  22.021  -4.563  1.00 47.00 ? 204 HOH B O   1 
HETATM 1358 O  O   . HOH D 3 .   ? -1.778  21.254  -0.491  1.00 36.83 ? 205 HOH B O   1 
HETATM 1359 O  O   . HOH D 3 .   ? -12.320 12.136  -8.452  1.00 32.26 ? 206 HOH B O   1 
HETATM 1360 O  O   . HOH D 3 .   ? -15.028 0.656   0.040   1.00 37.39 ? 207 HOH B O   1 
HETATM 1361 O  O   . HOH D 3 .   ? 1.004   7.745   -11.539 1.00 40.80 ? 208 HOH B O   1 
HETATM 1362 O  O   . HOH D 3 .   ? -8.799  10.465  15.387  1.00 50.46 ? 209 HOH B O   1 
HETATM 1363 O  O   . HOH D 3 .   ? 3.693   11.053  -1.568  1.00 35.34 ? 210 HOH B O   1 
HETATM 1364 O  O   . HOH D 3 .   ? -2.724  18.434  15.169  1.00 38.37 ? 211 HOH B O   1 
HETATM 1365 O  O   . HOH D 3 .   ? -10.231 11.956  12.347  1.00 37.61 ? 212 HOH B O   1 
HETATM 1366 O  O   . HOH D 3 .   ? -8.366  6.078   14.860  1.00 39.99 ? 213 HOH B O   1 
HETATM 1367 O  O   . HOH D 3 .   ? -9.421  1.209   -10.127 1.00 43.11 ? 214 HOH B O   1 
HETATM 1368 O  O   . HOH D 3 .   ? 3.626   8.445   -1.936  1.00 41.49 ? 215 HOH B O   1 
HETATM 1369 O  O   . HOH D 3 .   ? -5.043  22.103  -8.055  1.00 40.19 ? 216 HOH B O   1 
HETATM 1370 O  O   . HOH D 3 .   ? -5.230  17.341  15.830  1.00 35.99 ? 217 HOH B O   1 
HETATM 1371 O  O   . HOH D 3 .   ? -7.012  14.750  -10.537 1.00 46.68 ? 218 HOH B O   1 
HETATM 1372 O  O   . HOH D 3 .   ? -13.984 19.510  7.238   1.00 45.50 ? 219 HOH B O   1 
HETATM 1373 O  O   . HOH D 3 .   ? 1.695   6.692   -2.508  1.00 36.88 ? 220 HOH B O   1 
HETATM 1374 O  O   . HOH D 3 .   ? -5.374  26.665  5.491   1.00 56.14 ? 221 HOH B O   1 
HETATM 1375 O  O   . HOH D 3 .   ? -14.863 15.536  7.074   1.00 41.61 ? 222 HOH B O   1 
HETATM 1376 O  O   . HOH D 3 .   ? -6.216  24.799  -1.959  1.00 51.39 ? 223 HOH B O   1 
HETATM 1377 O  O   . HOH D 3 .   ? -11.965 -4.783  -4.427  1.00 45.82 ? 224 HOH B O   1 
HETATM 1378 O  O   . HOH D 3 .   ? 4.620   14.000  1.584   1.00 45.92 ? 225 HOH B O   1 
HETATM 1379 O  O   . HOH D 3 .   ? 3.151   14.483  -2.896  1.00 48.44 ? 226 HOH B O   1 
HETATM 1380 O  O   . HOH D 3 .   ? -0.854  -0.200  6.225   1.00 45.02 ? 227 HOH B O   1 
HETATM 1381 O  O   . HOH D 3 .   ? 0.472   0.406   -2.809  1.00 47.95 ? 228 HOH B O   1 
# 
